data_3HKW
#
_entry.id   3HKW
#
_cell.length_a   53.525
_cell.length_b   271.306
_cell.length_c   61.007
_cell.angle_alpha   90.00
_cell.angle_beta   98.82
_cell.angle_gamma   90.00
#
_symmetry.space_group_name_H-M   'P 1 21 1'
#
loop_
_entity.id
_entity.type
_entity.pdbx_description
1 polymer 'NS5B RNA-dependent RNA polymerase'
2 non-polymer '(11S)-10-[(2,5-dimethyl-1,3-oxazol-4-yl)carbonyl]-11-{2-fluoro-4-[(2-methylprop-2-en-1-yl)oxy]phenyl}-3,3-dimethyl-2,3,4,5,10,11-hexahydrothiopyrano[3,2-b][1,5]benzodiazepin-6-ol 1,1-dioxide'
3 non-polymer 'SULFATE ION'
4 non-polymer GLYCEROL
5 water water
#
_entity_poly.entity_id   1
_entity_poly.type   'polypeptide(L)'
_entity_poly.pdbx_seq_one_letter_code
;MASSMSYSWTGALVTPCAAEEQKLPINALSNSLLRHHNMVYSTTSRSACQRQKKVTFDRLQVLDSHYQDVLKEVKAAASK
VKANLLSVEEACSLTPPHSARSKFGYGAKDVRCHARKAVTHINSVWKDLLEDSVTPIDTTIMAKNEVFCVQPEKGGRKPA
RLIVFPDLGVRVCEKMALYDVVSKLPQAVMGSSYGFQYSPGQRVEFLVQAWKSKKSPMGFSYDTRCFDSTVTESDIRTEE
AIYQCCDLDPQARVAIKSLTERLYVGGPLTNSKGENCGYRRCRASGVLTTSCGNTLTCYIKARAACRAAGLQDCTMLVCG
DDLVVICESAGVQEDAASLRAFTEAMTRYSAPPGDPPQPEYDLELITSCSSNVSVAHDGAGKRVYYLTRDPTTPLARAAW
ETARHTPVNSWLGNIIMFAPTLWARMILMTHFFSVLIARDQLEQALDCEIYGACYSIEPLDLPPIIQRLHGLSAFSLHSY
SPGEINRVAACLRKLGVPPLRAWRHRARSVRAKLLSRGGRAAICGKYLFNWAVRTKLKLTPIAAAGQLDLSGWFTAGYSG
GDIYHSVSRARPRLEHHHHHH
;
_entity_poly.pdbx_strand_id   A,B,C
#
loop_
_chem_comp.id
_chem_comp.type
_chem_comp.name
_chem_comp.formula
GOL non-polymer GLYCEROL 'C3 H8 O3'
IX6 non-polymer '(11S)-10-[(2,5-dimethyl-1,3-oxazol-4-yl)carbonyl]-11-{2-fluoro-4-[(2-methylprop-2-en-1-yl)oxy]phenyl}-3,3-dimethyl-2,3,4,5,10,11-hexahydrothiopyrano[3,2-b][1,5]benzodiazepin-6-ol 1,1-dioxide' 'C30 H32 F N3 O6 S'
SO4 non-polymer 'SULFATE ION' 'O4 S -2'
#
# COMPACT_ATOMS: atom_id res chain seq x y z
N SER A 4 -14.25 -0.32 -31.57
CA SER A 4 -13.25 0.78 -31.55
C SER A 4 -11.93 0.31 -32.15
N MET A 5 -11.35 1.13 -33.02
CA MET A 5 -10.02 0.83 -33.55
C MET A 5 -8.94 1.11 -32.51
N SER A 6 -7.95 0.23 -32.43
CA SER A 6 -6.85 0.48 -31.51
C SER A 6 -6.13 1.83 -31.76
N TYR A 7 -5.98 2.17 -33.04
CA TYR A 7 -5.35 3.40 -33.48
C TYR A 7 -6.06 3.94 -34.71
N SER A 8 -5.99 5.26 -34.87
CA SER A 8 -6.28 5.89 -36.16
C SER A 8 -5.07 6.72 -36.52
N TRP A 9 -4.80 6.86 -37.81
CA TRP A 9 -3.57 7.48 -38.29
C TRP A 9 -3.86 8.60 -39.26
N THR A 10 -2.97 9.58 -39.28
CA THR A 10 -3.10 10.73 -40.17
C THR A 10 -2.34 10.57 -41.46
N GLY A 11 -1.35 9.67 -41.48
CA GLY A 11 -0.43 9.56 -42.62
C GLY A 11 0.96 10.11 -42.35
N ALA A 12 1.11 10.93 -41.31
CA ALA A 12 2.42 11.40 -40.88
C ALA A 12 3.27 10.20 -40.45
N LEU A 13 4.57 10.31 -40.68
CA LEU A 13 5.48 9.23 -40.39
C LEU A 13 5.90 9.25 -38.95
N VAL A 14 6.27 8.07 -38.47
CA VAL A 14 7.00 7.98 -37.22
C VAL A 14 8.45 8.32 -37.58
N THR A 15 8.97 9.37 -36.94
CA THR A 15 10.24 9.97 -37.32
C THR A 15 11.31 9.73 -36.27
N PRO A 16 12.57 9.63 -36.70
CA PRO A 16 13.68 9.53 -35.77
C PRO A 16 14.07 10.87 -35.16
N CYS A 17 14.78 10.82 -34.03
CA CYS A 17 15.31 12.03 -33.40
C CYS A 17 16.85 12.06 -33.47
N ALA A 18 17.43 11.13 -34.22
CA ALA A 18 18.86 11.08 -34.48
C ALA A 18 19.10 10.05 -35.57
N ALA A 19 20.35 9.97 -36.05
CA ALA A 19 20.70 8.92 -36.99
C ALA A 19 20.52 7.57 -36.32
N GLU A 20 20.11 6.59 -37.11
CA GLU A 20 19.88 5.23 -36.62
C GLU A 20 20.75 4.28 -37.41
N GLU A 21 21.76 3.73 -36.77
CA GLU A 21 22.66 2.75 -37.35
C GLU A 21 21.90 1.43 -37.56
N GLN A 22 22.00 0.86 -38.77
CA GLN A 22 21.15 -0.24 -39.21
C GLN A 22 21.79 -1.62 -39.07
N LYS A 23 23.09 -1.66 -39.36
CA LYS A 23 23.84 -2.90 -39.46
C LYS A 23 24.88 -2.95 -38.34
N LEU A 24 25.13 -4.14 -37.80
CA LEU A 24 26.18 -4.28 -36.78
C LEU A 24 27.50 -3.77 -37.35
N PRO A 25 28.13 -2.80 -36.67
CA PRO A 25 29.45 -2.32 -37.13
C PRO A 25 30.56 -3.37 -36.99
N ILE A 26 31.62 -3.23 -37.78
CA ILE A 26 32.82 -4.04 -37.62
C ILE A 26 33.72 -3.41 -36.56
N ASN A 27 34.03 -4.18 -35.52
CA ASN A 27 34.90 -3.78 -34.44
C ASN A 27 35.62 -5.05 -34.02
N ALA A 28 36.92 -4.98 -33.77
CA ALA A 28 37.67 -6.20 -33.44
C ALA A 28 37.10 -6.97 -32.25
N LEU A 29 36.74 -6.26 -31.19
CA LEU A 29 36.24 -6.89 -29.99
C LEU A 29 34.85 -7.49 -30.21
N SER A 30 33.95 -6.79 -30.91
CA SER A 30 32.65 -7.37 -31.20
C SER A 30 32.76 -8.55 -32.15
N ASN A 31 33.63 -8.43 -33.15
CA ASN A 31 33.86 -9.51 -34.11
C ASN A 31 34.46 -10.76 -33.44
N SER A 32 35.17 -10.58 -32.33
CA SER A 32 35.73 -11.72 -31.62
C SER A 32 34.62 -12.57 -30.97
N LEU A 33 33.47 -11.95 -30.67
CA LEU A 33 32.28 -12.67 -30.24
C LEU A 33 31.48 -13.28 -31.40
N LEU A 34 31.25 -12.49 -32.44
CA LEU A 34 30.33 -12.82 -33.50
C LEU A 34 30.85 -12.26 -34.84
N ARG A 35 31.11 -13.13 -35.82
CA ARG A 35 31.69 -12.68 -37.07
C ARG A 35 30.71 -12.39 -38.19
N HIS A 36 29.53 -12.99 -38.14
CA HIS A 36 28.59 -12.81 -39.25
C HIS A 36 27.79 -11.53 -39.02
N HIS A 37 28.48 -10.41 -39.05
CA HIS A 37 27.89 -9.11 -38.73
C HIS A 37 26.77 -8.69 -39.69
N ASN A 38 26.79 -9.19 -40.93
CA ASN A 38 25.71 -8.92 -41.88
C ASN A 38 24.34 -9.51 -41.49
N MET A 39 24.33 -10.47 -40.56
N MET A 39 24.36 -10.49 -40.57
CA MET A 39 23.09 -11.08 -40.10
CA MET A 39 23.15 -11.13 -40.04
C MET A 39 22.49 -10.35 -38.89
C MET A 39 22.45 -10.29 -38.97
N VAL A 40 23.17 -9.33 -38.39
CA VAL A 40 22.74 -8.63 -37.20
C VAL A 40 22.34 -7.21 -37.57
N TYR A 41 21.12 -6.85 -37.20
CA TYR A 41 20.57 -5.55 -37.56
C TYR A 41 19.87 -4.92 -36.39
N SER A 42 19.69 -3.60 -36.46
CA SER A 42 18.84 -2.86 -35.55
C SER A 42 17.59 -2.43 -36.28
N THR A 43 16.44 -2.56 -35.63
CA THR A 43 15.21 -1.97 -36.17
C THR A 43 15.34 -0.47 -36.17
N THR A 44 14.69 0.19 -37.11
CA THR A 44 14.72 1.65 -37.18
C THR A 44 13.36 2.16 -37.60
N SER A 45 13.21 3.48 -37.56
CA SER A 45 11.97 4.15 -37.99
C SER A 45 11.56 3.82 -39.42
N ARG A 46 12.52 3.39 -40.24
CA ARG A 46 12.23 3.03 -41.65
C ARG A 46 11.12 1.96 -41.79
N SER A 47 10.95 1.11 -40.77
CA SER A 47 9.95 0.04 -40.79
C SER A 47 8.72 0.33 -39.93
N ALA A 48 8.58 1.56 -39.45
CA ALA A 48 7.48 1.91 -38.55
C ALA A 48 6.10 1.67 -39.19
N CYS A 49 5.99 1.97 -40.49
CA CYS A 49 4.72 1.78 -41.20
C CYS A 49 4.23 0.34 -41.12
N GLN A 50 5.15 -0.60 -41.27
CA GLN A 50 4.79 -2.02 -41.18
C GLN A 50 4.21 -2.36 -39.82
N ARG A 51 4.80 -1.79 -38.77
N ARG A 51 4.80 -1.80 -38.76
CA ARG A 51 4.34 -2.05 -37.41
CA ARG A 51 4.31 -2.08 -37.42
C ARG A 51 2.98 -1.40 -37.19
C ARG A 51 2.97 -1.40 -37.19
N GLN A 52 2.83 -0.17 -37.68
CA GLN A 52 1.58 0.57 -37.54
C GLN A 52 0.44 -0.27 -38.11
N LYS A 53 0.66 -0.83 -39.30
CA LYS A 53 -0.33 -1.67 -39.92
C LYS A 53 -0.72 -2.85 -39.02
N LYS A 54 0.28 -3.52 -38.44
CA LYS A 54 -0.01 -4.72 -37.67
C LYS A 54 -0.81 -4.41 -36.41
N VAL A 55 -0.49 -3.28 -35.77
CA VAL A 55 -1.06 -2.98 -34.45
C VAL A 55 -2.42 -2.31 -34.51
N THR A 56 -2.92 -2.12 -35.73
CA THR A 56 -4.16 -1.38 -35.95
C THR A 56 -5.27 -2.32 -36.35
N PHE A 57 -6.24 -2.49 -35.47
CA PHE A 57 -7.39 -3.34 -35.74
C PHE A 57 -8.55 -3.00 -34.83
N ASP A 58 -9.71 -3.51 -35.19
CA ASP A 58 -10.92 -3.25 -34.44
C ASP A 58 -10.99 -4.25 -33.29
N ARG A 59 -11.43 -3.79 -32.13
CA ARG A 59 -11.63 -4.65 -30.98
C ARG A 59 -13.12 -4.83 -30.74
N LEU A 60 -13.54 -6.09 -30.71
CA LEU A 60 -14.87 -6.46 -30.31
C LEU A 60 -14.68 -7.12 -28.95
N GLN A 61 -15.37 -6.61 -27.94
CA GLN A 61 -15.24 -7.18 -26.61
C GLN A 61 -16.61 -7.49 -26.05
N VAL A 62 -16.77 -8.73 -25.60
CA VAL A 62 -17.98 -9.20 -24.97
C VAL A 62 -17.58 -9.89 -23.69
N LEU A 63 -18.02 -9.36 -22.56
CA LEU A 63 -17.69 -9.88 -21.25
C LEU A 63 -18.85 -10.69 -20.73
N ASP A 64 -18.54 -11.64 -19.86
CA ASP A 64 -19.56 -12.56 -19.35
C ASP A 64 -19.39 -12.75 -17.85
N SER A 65 -20.17 -13.66 -17.27
CA SER A 65 -20.20 -13.84 -15.82
C SER A 65 -18.88 -14.35 -15.22
N HIS A 66 -18.13 -15.19 -15.94
CA HIS A 66 -16.83 -15.63 -15.42
C HIS A 66 -15.89 -14.43 -15.28
N TYR A 67 -15.90 -13.57 -16.30
CA TYR A 67 -15.09 -12.36 -16.31
C TYR A 67 -15.48 -11.49 -15.12
N GLN A 68 -16.77 -11.24 -14.95
CA GLN A 68 -17.21 -10.39 -13.83
C GLN A 68 -16.90 -11.02 -12.46
N ASP A 69 -17.01 -12.34 -12.35
CA ASP A 69 -16.68 -13.05 -11.11
C ASP A 69 -15.23 -12.85 -10.73
N VAL A 70 -14.34 -12.97 -11.71
CA VAL A 70 -12.91 -12.82 -11.44
C VAL A 70 -12.58 -11.36 -11.07
N LEU A 71 -13.20 -10.42 -11.77
CA LEU A 71 -13.02 -9.01 -11.51
C LEU A 71 -13.41 -8.67 -10.07
N LYS A 72 -14.52 -9.24 -9.59
CA LYS A 72 -14.94 -9.05 -8.20
C LYS A 72 -13.91 -9.58 -7.21
N GLU A 73 -13.34 -10.75 -7.51
CA GLU A 73 -12.26 -11.30 -6.68
C GLU A 73 -11.09 -10.32 -6.58
N VAL A 74 -10.71 -9.80 -7.72
CA VAL A 74 -9.58 -8.88 -7.80
C VAL A 74 -9.86 -7.59 -7.03
N LYS A 75 -11.04 -7.03 -7.22
CA LYS A 75 -11.41 -5.81 -6.48
C LYS A 75 -11.44 -6.05 -4.96
N ALA A 76 -11.93 -7.22 -4.56
CA ALA A 76 -11.93 -7.56 -3.14
C ALA A 76 -10.51 -7.63 -2.59
N ALA A 77 -9.59 -8.24 -3.34
CA ALA A 77 -8.22 -8.31 -2.86
C ALA A 77 -7.59 -6.91 -2.83
N ALA A 78 -7.93 -6.10 -3.82
CA ALA A 78 -7.37 -4.75 -3.91
C ALA A 78 -7.75 -3.88 -2.70
N SER A 79 -8.95 -4.14 -2.19
CA SER A 79 -9.52 -3.33 -1.11
C SER A 79 -8.71 -3.49 0.18
N LYS A 80 -7.81 -4.47 0.21
CA LYS A 80 -6.94 -4.69 1.37
C LYS A 80 -5.61 -3.93 1.28
N VAL A 81 -5.36 -3.33 0.11
CA VAL A 81 -4.10 -2.65 -0.15
C VAL A 81 -4.17 -1.19 0.29
N LYS A 82 -3.11 -0.72 0.92
CA LYS A 82 -2.91 0.71 1.19
C LYS A 82 -1.69 1.16 0.40
N ALA A 83 -1.85 2.27 -0.33
CA ALA A 83 -0.74 2.82 -1.11
C ALA A 83 -0.59 4.30 -0.83
N ASN A 84 0.64 4.77 -0.91
CA ASN A 84 0.98 6.15 -0.59
C ASN A 84 1.43 6.94 -1.80
N LEU A 85 1.31 8.26 -1.70
CA LEU A 85 1.91 9.18 -2.64
C LEU A 85 3.42 9.17 -2.46
N LEU A 86 4.15 9.37 -3.55
CA LEU A 86 5.55 9.66 -3.49
C LEU A 86 5.71 11.17 -3.57
N SER A 87 6.70 11.70 -2.85
CA SER A 87 7.08 13.08 -2.97
C SER A 87 7.72 13.32 -4.33
N VAL A 88 7.75 14.58 -4.76
CA VAL A 88 8.49 14.96 -5.96
C VAL A 88 9.93 14.44 -5.87
N GLU A 89 10.58 14.62 -4.73
CA GLU A 89 11.97 14.17 -4.57
C GLU A 89 12.08 12.65 -4.81
N GLU A 90 11.16 11.91 -4.20
CA GLU A 90 11.18 10.44 -4.34
C GLU A 90 11.00 10.04 -5.80
N ALA A 91 10.04 10.67 -6.48
CA ALA A 91 9.76 10.38 -7.90
C ALA A 91 10.94 10.75 -8.81
N CYS A 92 11.56 11.88 -8.53
CA CYS A 92 12.77 12.30 -9.24
C CYS A 92 13.87 11.23 -9.15
N SER A 93 14.06 10.67 -7.96
CA SER A 93 15.13 9.69 -7.73
C SER A 93 14.91 8.35 -8.44
N LEU A 94 13.67 8.09 -8.88
CA LEU A 94 13.31 6.89 -9.64
C LEU A 94 13.46 7.06 -11.15
N THR A 95 13.86 8.25 -11.59
CA THR A 95 13.98 8.54 -13.03
C THR A 95 15.33 8.05 -13.52
N PRO A 96 15.36 7.21 -14.58
CA PRO A 96 16.64 6.76 -15.17
C PRO A 96 17.50 7.90 -15.71
N PRO A 97 18.82 7.74 -15.64
CA PRO A 97 19.72 8.80 -16.11
C PRO A 97 19.58 9.15 -17.60
N HIS A 98 19.13 8.21 -18.43
CA HIS A 98 18.97 8.50 -19.87
C HIS A 98 17.50 8.51 -20.31
N SER A 99 16.63 8.78 -19.34
CA SER A 99 15.22 8.97 -19.60
C SER A 99 15.06 10.09 -20.62
N ALA A 100 14.09 9.96 -21.51
CA ALA A 100 13.90 10.95 -22.59
C ALA A 100 13.68 12.35 -22.03
N ARG A 101 14.37 13.33 -22.63
CA ARG A 101 14.31 14.72 -22.21
C ARG A 101 12.88 15.25 -22.32
N SER A 102 12.55 16.21 -21.47
CA SER A 102 11.30 16.94 -21.59
C SER A 102 11.34 17.89 -22.79
N LYS A 103 10.16 18.12 -23.37
CA LYS A 103 9.98 19.14 -24.39
C LYS A 103 10.00 20.54 -23.79
N PHE A 104 10.03 20.63 -22.45
CA PHE A 104 9.94 21.91 -21.76
C PHE A 104 11.25 22.36 -21.15
N GLY A 105 12.36 21.94 -21.76
CA GLY A 105 13.68 22.55 -21.49
C GLY A 105 14.49 22.01 -20.33
N TYR A 106 14.30 20.73 -20.04
CA TYR A 106 15.09 20.05 -19.02
C TYR A 106 15.13 18.58 -19.36
N GLY A 107 16.13 17.87 -18.83
CA GLY A 107 16.28 16.45 -19.08
C GLY A 107 16.32 15.63 -17.80
N ALA A 108 16.66 14.35 -17.97
CA ALA A 108 16.73 13.39 -16.86
C ALA A 108 17.72 13.79 -15.77
N LYS A 109 18.89 14.29 -16.18
CA LYS A 109 19.90 14.72 -15.20
C LYS A 109 19.35 15.83 -14.31
N ASP A 110 18.65 16.78 -14.92
CA ASP A 110 18.00 17.87 -14.18
C ASP A 110 16.97 17.32 -13.18
N VAL A 111 16.16 16.36 -13.61
CA VAL A 111 15.23 15.69 -12.71
C VAL A 111 15.95 15.00 -11.56
N ARG A 112 16.96 14.20 -11.87
CA ARG A 112 17.67 13.45 -10.84
C ARG A 112 18.38 14.34 -9.81
N CYS A 113 18.88 15.50 -10.24
N CYS A 113 18.85 15.51 -10.23
CA CYS A 113 19.51 16.44 -9.29
CA CYS A 113 19.49 16.48 -9.34
C CYS A 113 18.53 17.51 -8.80
C CYS A 113 18.51 17.44 -8.68
N HIS A 114 17.23 17.25 -8.96
CA HIS A 114 16.18 18.15 -8.45
C HIS A 114 16.37 19.62 -8.87
N ALA A 115 16.78 19.83 -10.12
CA ALA A 115 16.95 21.17 -10.68
C ALA A 115 15.64 21.95 -10.65
N ARG A 116 15.75 23.25 -10.40
CA ARG A 116 14.55 24.05 -10.18
C ARG A 116 13.65 24.15 -11.39
N LYS A 117 14.22 24.22 -12.59
CA LYS A 117 13.42 24.30 -13.82
C LYS A 117 12.57 23.04 -14.02
N ALA A 118 13.18 21.89 -13.73
CA ALA A 118 12.49 20.60 -13.80
C ALA A 118 11.37 20.52 -12.76
N VAL A 119 11.71 20.84 -11.52
CA VAL A 119 10.78 20.75 -10.40
C VAL A 119 9.61 21.73 -10.53
N THR A 120 9.91 22.94 -11.02
CA THR A 120 8.82 23.88 -11.28
C THR A 120 7.85 23.32 -12.31
N HIS A 121 8.37 22.70 -13.32
CA HIS A 121 7.50 22.15 -14.36
C HIS A 121 6.71 20.96 -13.86
N ILE A 122 7.37 20.07 -13.15
CA ILE A 122 6.71 18.91 -12.54
C ILE A 122 5.56 19.37 -11.66
N ASN A 123 5.81 20.37 -10.83
CA ASN A 123 4.77 20.87 -9.93
C ASN A 123 3.59 21.45 -10.71
N SER A 124 3.85 22.12 -11.83
CA SER A 124 2.77 22.65 -12.66
C SER A 124 1.96 21.52 -13.32
N VAL A 125 2.66 20.46 -13.74
CA VAL A 125 1.96 19.30 -14.30
C VAL A 125 1.06 18.65 -13.25
N TRP A 126 1.57 18.50 -12.03
CA TRP A 126 0.78 17.91 -10.95
C TRP A 126 -0.46 18.73 -10.70
N LYS A 127 -0.30 20.04 -10.62
CA LYS A 127 -1.43 20.93 -10.35
C LYS A 127 -2.46 20.80 -11.44
N ASP A 128 -1.99 20.72 -12.68
CA ASP A 128 -2.89 20.58 -13.83
C ASP A 128 -3.65 19.23 -13.82
N LEU A 129 -2.99 18.17 -13.34
CA LEU A 129 -3.69 16.89 -13.13
C LEU A 129 -4.80 16.98 -12.08
N LEU A 130 -4.58 17.76 -11.04
CA LEU A 130 -5.60 17.94 -10.02
C LEU A 130 -6.75 18.82 -10.52
N GLU A 131 -6.45 19.74 -11.43
CA GLU A 131 -7.42 20.76 -11.86
C GLU A 131 -8.17 20.44 -13.17
N ASP A 132 -7.60 19.54 -13.98
CA ASP A 132 -8.18 19.14 -15.26
C ASP A 132 -8.25 17.63 -15.30
N SER A 133 -9.44 17.08 -15.43
CA SER A 133 -9.62 15.64 -15.44
C SER A 133 -9.99 15.07 -16.79
N VAL A 134 -9.95 15.89 -17.85
N VAL A 134 -9.92 15.90 -17.84
CA VAL A 134 -10.53 15.48 -19.15
CA VAL A 134 -10.56 15.58 -19.13
C VAL A 134 -9.66 15.71 -20.40
C VAL A 134 -9.65 15.70 -20.36
N THR A 135 -8.85 16.75 -20.45
CA THR A 135 -8.10 17.05 -21.69
C THR A 135 -7.01 16.01 -21.98
N PRO A 136 -7.11 15.29 -23.12
CA PRO A 136 -6.04 14.33 -23.38
C PRO A 136 -4.64 14.92 -23.33
N ILE A 137 -3.72 14.16 -22.75
CA ILE A 137 -2.32 14.53 -22.62
C ILE A 137 -1.58 14.05 -23.86
N ASP A 138 -0.70 14.90 -24.37
CA ASP A 138 0.09 14.52 -25.55
C ASP A 138 1.03 13.36 -25.24
N THR A 139 1.30 12.54 -26.26
CA THR A 139 2.33 11.53 -26.18
C THR A 139 3.17 11.58 -27.41
N THR A 140 4.42 11.13 -27.28
CA THR A 140 5.31 10.94 -28.42
C THR A 140 5.25 9.47 -28.89
N ILE A 141 5.27 9.26 -30.20
CA ILE A 141 5.41 7.92 -30.75
C ILE A 141 6.78 7.84 -31.37
N MET A 142 7.53 6.79 -31.01
CA MET A 142 8.89 6.57 -31.56
C MET A 142 9.04 5.11 -31.98
N ALA A 143 9.90 4.88 -32.96
CA ALA A 143 10.28 3.49 -33.32
C ALA A 143 11.44 3.10 -32.45
N LYS A 144 11.31 1.97 -31.77
CA LYS A 144 12.40 1.42 -30.98
C LYS A 144 13.52 0.90 -31.88
N ASN A 145 14.75 1.07 -31.40
CA ASN A 145 15.93 0.52 -32.08
C ASN A 145 16.39 -0.67 -31.27
N GLU A 146 16.01 -1.85 -31.72
CA GLU A 146 16.33 -3.09 -31.05
C GLU A 146 17.06 -3.99 -32.02
N VAL A 147 17.99 -4.78 -31.49
CA VAL A 147 18.87 -5.58 -32.30
C VAL A 147 18.42 -7.03 -32.36
N PHE A 148 18.51 -7.61 -33.56
CA PHE A 148 18.11 -8.98 -33.79
C PHE A 148 19.04 -9.59 -34.83
N CYS A 149 18.91 -10.90 -35.00
CA CYS A 149 19.52 -11.65 -36.10
C CYS A 149 18.46 -11.91 -37.14
N VAL A 150 18.83 -11.83 -38.40
CA VAL A 150 17.90 -12.12 -39.49
C VAL A 150 17.38 -13.55 -39.43
N GLN A 151 16.15 -13.74 -39.89
CA GLN A 151 15.52 -15.05 -39.99
C GLN A 151 14.75 -15.15 -41.32
N PRO A 152 15.47 -15.35 -42.44
CA PRO A 152 14.83 -15.40 -43.76
C PRO A 152 14.05 -16.68 -44.04
N GLY A 155 10.72 -13.98 -42.95
CA GLY A 155 10.59 -12.78 -43.78
C GLY A 155 11.70 -11.75 -43.63
N GLY A 156 12.90 -12.22 -43.28
CA GLY A 156 14.04 -11.34 -43.06
C GLY A 156 13.90 -10.56 -41.75
N ARG A 157 13.67 -9.24 -41.86
CA ARG A 157 13.78 -8.32 -40.73
C ARG A 157 12.45 -7.96 -40.06
N LYS A 158 12.46 -7.94 -38.73
CA LYS A 158 11.29 -7.55 -37.96
C LYS A 158 11.11 -6.04 -38.08
N PRO A 159 9.86 -5.56 -38.23
CA PRO A 159 9.69 -4.12 -38.16
C PRO A 159 9.88 -3.62 -36.73
N ALA A 160 10.21 -2.34 -36.60
CA ALA A 160 10.43 -1.76 -35.29
C ALA A 160 9.16 -1.85 -34.45
N ARG A 161 9.30 -2.14 -33.16
CA ARG A 161 8.22 -1.91 -32.23
C ARG A 161 8.08 -0.41 -32.02
N LEU A 162 6.90 -0.01 -31.56
CA LEU A 162 6.61 1.39 -31.36
C LEU A 162 6.46 1.62 -29.87
N ILE A 163 7.01 2.74 -29.39
CA ILE A 163 6.87 3.15 -28.01
C ILE A 163 6.10 4.46 -27.97
N VAL A 164 5.16 4.53 -27.04
CA VAL A 164 4.29 5.70 -26.89
C VAL A 164 4.40 6.15 -25.47
N PHE A 165 4.85 7.39 -25.24
CA PHE A 165 5.13 7.87 -23.91
C PHE A 165 4.83 9.35 -23.76
N PRO A 166 4.38 9.75 -22.56
CA PRO A 166 4.13 11.16 -22.29
C PRO A 166 5.41 11.86 -21.91
N ASP A 167 5.33 13.17 -21.73
CA ASP A 167 6.51 13.96 -21.40
C ASP A 167 7.09 13.60 -20.03
N LEU A 168 8.38 13.85 -19.90
CA LEU A 168 9.11 13.58 -18.68
C LEU A 168 8.39 14.14 -17.45
N GLY A 169 7.85 15.36 -17.54
CA GLY A 169 7.16 15.95 -16.39
C GLY A 169 5.97 15.12 -15.96
N VAL A 170 5.23 14.60 -16.94
CA VAL A 170 4.11 13.72 -16.66
C VAL A 170 4.60 12.40 -16.06
N ARG A 171 5.70 11.86 -16.56
CA ARG A 171 6.22 10.59 -16.05
C ARG A 171 6.56 10.68 -14.56
N VAL A 172 7.13 11.81 -14.15
CA VAL A 172 7.44 12.00 -12.74
C VAL A 172 6.12 12.02 -11.95
N CYS A 173 5.10 12.70 -12.50
CA CYS A 173 3.81 12.72 -11.79
C CYS A 173 3.15 11.36 -11.71
N GLU A 174 3.36 10.53 -12.74
CA GLU A 174 2.84 9.17 -12.67
C GLU A 174 3.44 8.44 -11.48
N LYS A 175 4.75 8.58 -11.28
CA LYS A 175 5.42 7.97 -10.14
C LYS A 175 4.83 8.46 -8.81
N MET A 176 4.63 9.75 -8.69
CA MET A 176 4.06 10.28 -7.47
C MET A 176 2.69 9.65 -7.16
N ALA A 177 1.83 9.56 -8.18
CA ALA A 177 0.47 9.08 -8.02
C ALA A 177 0.39 7.56 -7.85
N LEU A 178 1.25 6.84 -8.58
CA LEU A 178 1.04 5.43 -8.82
C LEU A 178 2.20 4.48 -8.58
N TYR A 179 3.42 4.97 -8.29
CA TYR A 179 4.52 4.04 -8.12
C TYR A 179 4.24 3.02 -6.99
N ASP A 180 3.71 3.51 -5.87
CA ASP A 180 3.44 2.62 -4.75
C ASP A 180 2.32 1.65 -5.11
N VAL A 181 1.34 2.10 -5.89
CA VAL A 181 0.25 1.23 -6.32
C VAL A 181 0.74 0.11 -7.21
N VAL A 182 1.49 0.45 -8.25
CA VAL A 182 1.94 -0.58 -9.20
C VAL A 182 3.02 -1.50 -8.63
N SER A 183 3.63 -1.10 -7.52
CA SER A 183 4.60 -1.93 -6.81
C SER A 183 3.96 -2.91 -5.82
N LYS A 184 2.77 -2.58 -5.29
CA LYS A 184 2.12 -3.40 -4.26
C LYS A 184 0.92 -4.20 -4.75
N LEU A 185 0.17 -3.61 -5.67
CA LEU A 185 -1.14 -4.15 -5.98
C LEU A 185 -1.10 -5.47 -6.73
N PRO A 186 -0.24 -5.58 -7.77
CA PRO A 186 -0.28 -6.81 -8.56
C PRO A 186 -0.09 -8.09 -7.75
N GLN A 187 0.93 -8.14 -6.92
CA GLN A 187 1.17 -9.30 -6.03
C GLN A 187 -0.05 -9.55 -5.12
N ALA A 188 -0.61 -8.46 -4.60
CA ALA A 188 -1.70 -8.57 -3.66
C ALA A 188 -2.97 -9.20 -4.26
N VAL A 189 -3.24 -8.93 -5.54
CA VAL A 189 -4.50 -9.38 -6.14
C VAL A 189 -4.37 -10.65 -6.96
N MET A 190 -3.15 -11.01 -7.35
N MET A 190 -3.14 -10.99 -7.36
N MET A 190 -3.16 -11.03 -7.33
CA MET A 190 -2.90 -12.22 -8.13
CA MET A 190 -2.85 -12.14 -8.21
CA MET A 190 -2.94 -12.24 -8.13
C MET A 190 -2.27 -13.33 -7.31
C MET A 190 -2.05 -13.23 -7.47
C MET A 190 -2.17 -13.31 -7.37
N GLY A 191 -1.59 -12.93 -6.24
CA GLY A 191 -0.93 -13.90 -5.36
C GLY A 191 0.19 -14.57 -6.10
N SER A 192 0.23 -15.89 -5.98
CA SER A 192 1.31 -16.70 -6.47
C SER A 192 1.41 -16.66 -7.98
N SER A 193 0.35 -16.25 -8.67
CA SER A 193 0.38 -16.20 -10.13
C SER A 193 1.15 -15.00 -10.67
N TYR A 194 1.45 -14.01 -9.83
CA TYR A 194 2.13 -12.82 -10.31
C TYR A 194 3.62 -13.12 -10.49
N GLY A 195 4.07 -13.10 -11.73
CA GLY A 195 5.39 -13.64 -12.05
C GLY A 195 6.55 -12.81 -11.57
N PHE A 196 6.35 -11.50 -11.45
CA PHE A 196 7.48 -10.61 -11.17
C PHE A 196 7.95 -10.63 -9.71
N GLN A 197 7.26 -11.38 -8.85
CA GLN A 197 7.68 -11.54 -7.45
C GLN A 197 8.79 -12.56 -7.27
N TYR A 198 9.17 -13.25 -8.35
CA TYR A 198 10.09 -14.38 -8.28
C TYR A 198 11.43 -14.06 -8.89
N SER A 199 12.49 -14.44 -8.19
CA SER A 199 13.81 -14.47 -8.79
C SER A 199 13.80 -15.57 -9.85
N PRO A 200 14.85 -15.66 -10.67
CA PRO A 200 14.88 -16.72 -11.66
C PRO A 200 14.82 -18.08 -11.00
N GLY A 201 15.58 -18.25 -9.92
CA GLY A 201 15.54 -19.53 -9.17
C GLY A 201 14.15 -19.85 -8.63
N GLN A 202 13.46 -18.83 -8.16
CA GLN A 202 12.11 -19.02 -7.65
C GLN A 202 11.10 -19.31 -8.75
N ARG A 203 11.32 -18.73 -9.93
CA ARG A 203 10.45 -18.94 -11.07
C ARG A 203 10.53 -20.38 -11.55
N VAL A 204 11.75 -20.90 -11.66
CA VAL A 204 11.90 -22.27 -12.07
C VAL A 204 11.33 -23.22 -10.99
N GLU A 205 11.49 -22.88 -9.71
CA GLU A 205 10.89 -23.69 -8.65
C GLU A 205 9.35 -23.71 -8.76
N PHE A 206 8.77 -22.55 -9.04
CA PHE A 206 7.31 -22.43 -9.22
C PHE A 206 6.82 -23.32 -10.36
N LEU A 207 7.49 -23.25 -11.50
CA LEU A 207 7.05 -23.99 -12.68
C LEU A 207 7.19 -25.49 -12.48
N VAL A 208 8.32 -25.88 -11.91
CA VAL A 208 8.60 -27.30 -11.67
C VAL A 208 7.63 -27.88 -10.65
N GLN A 209 7.38 -27.16 -9.56
CA GLN A 209 6.44 -27.65 -8.55
C GLN A 209 5.02 -27.72 -9.11
N ALA A 210 4.61 -26.71 -9.86
CA ALA A 210 3.29 -26.72 -10.50
C ALA A 210 3.14 -27.95 -11.40
N TRP A 211 4.17 -28.23 -12.18
CA TRP A 211 4.17 -29.38 -13.09
C TRP A 211 4.10 -30.70 -12.32
N LYS A 212 4.96 -30.82 -11.31
CA LYS A 212 5.04 -32.05 -10.50
C LYS A 212 3.78 -32.35 -9.72
N SER A 213 3.05 -31.31 -9.35
CA SER A 213 1.89 -31.50 -8.48
C SER A 213 0.72 -32.16 -9.21
N LYS A 214 0.72 -32.10 -10.53
CA LYS A 214 -0.35 -32.65 -11.33
C LYS A 214 -0.23 -34.18 -11.52
N LYS A 215 -1.37 -34.86 -11.42
N LYS A 215 -1.36 -34.85 -11.43
CA LYS A 215 -1.44 -36.29 -11.71
CA LYS A 215 -1.46 -36.28 -11.67
C LYS A 215 -0.96 -36.57 -13.11
C LYS A 215 -1.05 -36.62 -13.10
N SER A 216 -1.52 -35.83 -14.06
CA SER A 216 -1.14 -35.93 -15.46
C SER A 216 -1.08 -34.50 -16.03
N PRO A 217 0.11 -33.89 -16.00
CA PRO A 217 0.20 -32.49 -16.34
C PRO A 217 0.03 -32.20 -17.82
N MET A 218 -0.62 -31.07 -18.08
CA MET A 218 -0.65 -30.48 -19.39
C MET A 218 -0.43 -29.00 -19.19
N GLY A 219 0.28 -28.38 -20.10
CA GLY A 219 0.46 -26.94 -20.02
C GLY A 219 0.59 -26.27 -21.36
N PHE A 220 0.41 -24.96 -21.34
CA PHE A 220 0.56 -24.18 -22.56
C PHE A 220 0.89 -22.74 -22.23
N SER A 221 1.44 -22.05 -23.23
CA SER A 221 1.59 -20.61 -23.23
C SER A 221 0.55 -20.03 -24.17
N TYR A 222 0.00 -18.87 -23.84
CA TYR A 222 -0.96 -18.23 -24.72
C TYR A 222 -0.37 -16.92 -25.22
N ASP A 223 -0.25 -16.81 -26.54
CA ASP A 223 0.39 -15.70 -27.21
C ASP A 223 -0.71 -14.83 -27.78
N THR A 224 -1.00 -13.73 -27.10
CA THR A 224 -1.95 -12.77 -27.61
C THR A 224 -1.27 -11.99 -28.72
N ARG A 225 -1.96 -11.82 -29.83
CA ARG A 225 -1.47 -11.02 -30.94
C ARG A 225 -1.55 -9.54 -30.54
N CYS A 226 -0.42 -8.86 -30.51
N CYS A 226 -0.40 -8.89 -30.52
CA CYS A 226 -0.39 -7.41 -30.25
CA CYS A 226 -0.29 -7.46 -30.19
C CYS A 226 -1.19 -7.04 -28.99
C CYS A 226 -1.16 -7.07 -29.00
N PHE A 227 -0.77 -7.59 -27.84
CA PHE A 227 -1.55 -7.41 -26.62
C PHE A 227 -1.93 -5.97 -26.31
N ASP A 228 -0.96 -5.06 -26.39
CA ASP A 228 -1.24 -3.65 -26.10
C ASP A 228 -2.42 -3.11 -26.92
N SER A 229 -2.52 -3.51 -28.18
CA SER A 229 -3.61 -3.07 -29.05
C SER A 229 -4.92 -3.72 -28.71
N THR A 230 -4.89 -4.87 -28.02
CA THR A 230 -6.13 -5.55 -27.62
C THR A 230 -6.79 -4.95 -26.38
N VAL A 231 -6.03 -4.14 -25.65
CA VAL A 231 -6.51 -3.57 -24.41
C VAL A 231 -7.47 -2.45 -24.78
N THR A 232 -8.70 -2.58 -24.30
CA THR A 232 -9.74 -1.63 -24.63
C THR A 232 -9.84 -0.47 -23.62
N GLU A 233 -10.59 0.55 -24.01
CA GLU A 233 -10.81 1.67 -23.10
C GLU A 233 -11.48 1.20 -21.83
N SER A 234 -12.42 0.26 -21.94
CA SER A 234 -13.09 -0.28 -20.74
C SER A 234 -12.13 -1.09 -19.88
N ASP A 235 -11.21 -1.82 -20.53
CA ASP A 235 -10.16 -2.51 -19.79
C ASP A 235 -9.38 -1.53 -18.90
N ILE A 236 -9.05 -0.38 -19.48
CA ILE A 236 -8.22 0.62 -18.83
C ILE A 236 -8.99 1.35 -17.73
N ARG A 237 -10.27 1.62 -17.95
CA ARG A 237 -11.13 2.17 -16.90
C ARG A 237 -11.39 1.15 -15.78
N THR A 238 -11.45 -0.14 -16.12
CA THR A 238 -11.52 -1.17 -15.10
C THR A 238 -10.27 -1.19 -14.21
N GLU A 239 -9.10 -1.05 -14.82
N GLU A 239 -9.10 -1.03 -14.83
CA GLU A 239 -7.88 -0.95 -14.05
CA GLU A 239 -7.83 -0.94 -14.09
C GLU A 239 -7.95 0.22 -13.06
C GLU A 239 -7.90 0.22 -13.09
N GLU A 240 -8.43 1.35 -13.53
CA GLU A 240 -8.62 2.51 -12.66
C GLU A 240 -9.53 2.21 -11.48
N ALA A 241 -10.62 1.48 -11.75
CA ALA A 241 -11.55 1.10 -10.69
C ALA A 241 -10.86 0.17 -9.66
N ILE A 242 -10.01 -0.72 -10.13
CA ILE A 242 -9.22 -1.56 -9.24
C ILE A 242 -8.25 -0.73 -8.41
N TYR A 243 -7.56 0.23 -9.01
CA TYR A 243 -6.64 1.08 -8.26
C TYR A 243 -7.39 1.79 -7.14
N GLN A 244 -8.62 2.22 -7.44
CA GLN A 244 -9.38 3.01 -6.47
C GLN A 244 -9.94 2.17 -5.32
N CYS A 245 -9.86 0.86 -5.43
CA CYS A 245 -10.24 -0.01 -4.31
C CYS A 245 -9.25 0.07 -3.14
N CYS A 246 -8.02 0.48 -3.42
CA CYS A 246 -7.00 0.61 -2.39
C CYS A 246 -7.36 1.77 -1.47
N ASP A 247 -6.81 1.75 -0.28
CA ASP A 247 -6.80 2.94 0.59
C ASP A 247 -5.72 3.87 0.07
N LEU A 248 -6.14 5.00 -0.49
CA LEU A 248 -5.28 5.99 -1.14
C LEU A 248 -5.44 7.38 -0.54
N ASP A 249 -4.44 8.23 -0.76
CA ASP A 249 -4.52 9.65 -0.35
C ASP A 249 -5.54 10.37 -1.23
N PRO A 250 -6.30 11.32 -0.68
CA PRO A 250 -7.23 12.08 -1.52
C PRO A 250 -6.62 12.67 -2.82
N GLN A 251 -5.43 13.27 -2.77
CA GLN A 251 -4.81 13.83 -3.98
C GLN A 251 -4.45 12.72 -4.98
N ALA A 252 -4.03 11.57 -4.48
CA ALA A 252 -3.74 10.41 -5.36
C ALA A 252 -4.99 9.99 -6.14
N ARG A 253 -6.15 9.98 -5.48
CA ARG A 253 -7.37 9.52 -6.13
C ARG A 253 -7.70 10.42 -7.31
N VAL A 254 -7.51 11.72 -7.11
CA VAL A 254 -7.78 12.70 -8.15
C VAL A 254 -6.78 12.51 -9.30
N ALA A 255 -5.48 12.48 -8.97
CA ALA A 255 -4.45 12.32 -9.99
C ALA A 255 -4.60 11.02 -10.80
N ILE A 256 -4.95 9.94 -10.10
CA ILE A 256 -5.10 8.65 -10.76
C ILE A 256 -6.25 8.65 -11.76
N LYS A 257 -7.35 9.29 -11.38
CA LYS A 257 -8.48 9.41 -12.29
C LYS A 257 -8.11 10.29 -13.48
N SER A 258 -7.43 11.39 -13.24
CA SER A 258 -7.01 12.28 -14.33
C SER A 258 -6.05 11.57 -15.28
N LEU A 259 -5.06 10.88 -14.73
CA LEU A 259 -4.14 10.13 -15.57
C LEU A 259 -4.87 9.08 -16.39
N THR A 260 -5.86 8.43 -15.80
CA THR A 260 -6.59 7.43 -16.57
C THR A 260 -7.32 8.07 -17.74
N GLU A 261 -8.08 9.11 -17.43
CA GLU A 261 -8.95 9.70 -18.45
C GLU A 261 -8.20 10.48 -19.52
N ARG A 262 -7.08 11.06 -19.13
CA ARG A 262 -6.28 11.95 -20.00
C ARG A 262 -5.12 11.27 -20.69
N LEU A 263 -4.66 10.15 -20.13
CA LEU A 263 -3.46 9.50 -20.65
C LEU A 263 -3.68 8.01 -20.89
N TYR A 264 -4.07 7.26 -19.87
CA TYR A 264 -4.03 5.82 -20.03
C TYR A 264 -5.06 5.28 -21.03
N VAL A 265 -6.27 5.85 -21.05
CA VAL A 265 -7.34 5.35 -21.95
C VAL A 265 -7.11 5.68 -23.40
N GLY A 266 -6.23 6.63 -23.67
CA GLY A 266 -5.94 7.03 -25.05
C GLY A 266 -5.50 8.46 -25.14
N GLY A 267 -5.22 8.89 -26.37
CA GLY A 267 -4.78 10.25 -26.63
C GLY A 267 -4.01 10.39 -27.92
N PRO A 268 -3.66 11.64 -28.25
CA PRO A 268 -3.00 11.93 -29.52
C PRO A 268 -1.56 11.44 -29.54
N LEU A 269 -1.10 11.10 -30.75
CA LEU A 269 0.26 10.61 -31.00
C LEU A 269 0.99 11.65 -31.82
N THR A 270 2.10 12.13 -31.30
CA THR A 270 2.88 13.17 -31.95
C THR A 270 4.27 12.63 -32.28
N ASN A 271 4.75 12.88 -33.51
CA ASN A 271 6.09 12.42 -33.84
C ASN A 271 7.17 13.36 -33.33
N SER A 272 8.42 12.97 -33.50
CA SER A 272 9.52 13.77 -33.02
C SER A 272 9.61 15.15 -33.69
N LYS A 273 8.98 15.31 -34.84
CA LYS A 273 8.93 16.61 -35.52
C LYS A 273 7.76 17.49 -35.07
N GLY A 274 6.98 17.01 -34.11
CA GLY A 274 5.81 17.73 -33.63
C GLY A 274 4.55 17.57 -34.45
N GLU A 275 4.57 16.68 -35.44
CA GLU A 275 3.41 16.46 -36.32
C GLU A 275 2.44 15.48 -35.65
N ASN A 276 1.16 15.64 -35.94
CA ASN A 276 0.11 14.72 -35.47
C ASN A 276 0.09 13.45 -36.31
N CYS A 277 0.42 12.33 -35.69
CA CYS A 277 0.46 11.01 -36.34
C CYS A 277 -0.87 10.27 -36.25
N GLY A 278 -1.67 10.59 -35.26
CA GLY A 278 -2.93 9.91 -35.07
C GLY A 278 -3.35 9.88 -33.62
N TYR A 279 -4.14 8.86 -33.27
CA TYR A 279 -4.81 8.80 -31.99
C TYR A 279 -4.87 7.35 -31.51
N ARG A 280 -4.61 7.17 -30.22
CA ARG A 280 -4.53 5.88 -29.58
C ARG A 280 -5.76 5.64 -28.72
N ARG A 281 -6.34 4.44 -28.80
CA ARG A 281 -7.44 4.06 -27.91
C ARG A 281 -7.15 2.69 -27.30
N CYS A 282 -5.87 2.43 -27.03
CA CYS A 282 -5.45 1.18 -26.44
C CYS A 282 -4.34 1.48 -25.46
N ARG A 283 -3.67 0.44 -24.97
CA ARG A 283 -2.58 0.61 -24.02
C ARG A 283 -1.41 1.41 -24.59
N ALA A 284 -0.94 2.39 -23.82
CA ALA A 284 0.32 3.07 -24.13
C ALA A 284 1.45 2.18 -23.66
N SER A 285 2.42 1.95 -24.53
CA SER A 285 3.51 1.02 -24.22
C SER A 285 4.54 1.61 -23.26
N GLY A 286 4.54 2.93 -23.13
CA GLY A 286 5.56 3.64 -22.36
C GLY A 286 5.00 4.48 -21.23
N VAL A 287 4.18 3.87 -20.39
CA VAL A 287 3.70 4.53 -19.19
C VAL A 287 3.96 3.67 -17.96
N LEU A 288 3.86 4.29 -16.79
CA LEU A 288 4.19 3.62 -15.56
C LEU A 288 3.33 2.36 -15.34
N THR A 289 2.08 2.43 -15.76
CA THR A 289 1.10 1.38 -15.53
C THR A 289 1.07 0.28 -16.59
N THR A 290 1.96 0.34 -17.59
CA THR A 290 1.90 -0.64 -18.68
C THR A 290 2.06 -2.06 -18.13
N SER A 291 3.04 -2.29 -17.27
CA SER A 291 3.26 -3.65 -16.80
C SER A 291 2.12 -4.10 -15.89
N CYS A 292 1.80 -3.28 -14.90
CA CYS A 292 0.73 -3.60 -13.95
C CYS A 292 -0.59 -3.82 -14.67
N GLY A 293 -0.95 -2.86 -15.52
CA GLY A 293 -2.19 -2.92 -16.26
C GLY A 293 -2.25 -4.16 -17.14
N ASN A 294 -1.17 -4.42 -17.88
CA ASN A 294 -1.16 -5.59 -18.74
C ASN A 294 -1.27 -6.87 -17.94
N THR A 295 -0.57 -6.94 -16.82
CA THR A 295 -0.57 -8.14 -16.03
C THR A 295 -1.96 -8.38 -15.45
N LEU A 296 -2.59 -7.33 -14.91
CA LEU A 296 -3.92 -7.45 -14.33
C LEU A 296 -4.94 -7.87 -15.38
N THR A 297 -4.86 -7.23 -16.54
CA THR A 297 -5.83 -7.49 -17.60
C THR A 297 -5.66 -8.90 -18.17
N CYS A 298 -4.42 -9.29 -18.38
CA CYS A 298 -4.12 -10.64 -18.83
C CYS A 298 -4.62 -11.69 -17.82
N TYR A 299 -4.35 -11.43 -16.53
CA TYR A 299 -4.78 -12.33 -15.47
C TYR A 299 -6.29 -12.49 -15.39
N ILE A 300 -6.99 -11.37 -15.44
CA ILE A 300 -8.42 -11.41 -15.31
C ILE A 300 -9.03 -12.17 -16.48
N LYS A 301 -8.60 -11.84 -17.69
CA LYS A 301 -9.12 -12.51 -18.88
C LYS A 301 -8.78 -13.97 -18.87
N ALA A 302 -7.53 -14.30 -18.53
CA ALA A 302 -7.06 -15.66 -18.53
C ALA A 302 -7.73 -16.55 -17.47
N ARG A 303 -7.87 -16.01 -16.26
CA ARG A 303 -8.50 -16.77 -15.19
C ARG A 303 -9.96 -17.08 -15.54
N ALA A 304 -10.65 -16.09 -16.10
CA ALA A 304 -12.02 -16.29 -16.57
C ALA A 304 -12.04 -17.30 -17.70
N ALA A 305 -11.10 -17.17 -18.63
CA ALA A 305 -11.06 -18.06 -19.80
C ALA A 305 -10.77 -19.51 -19.41
N CYS A 306 -9.99 -19.72 -18.35
CA CYS A 306 -9.73 -21.07 -17.86
C CYS A 306 -11.02 -21.70 -17.40
N ARG A 307 -11.89 -20.91 -16.75
CA ARG A 307 -13.20 -21.41 -16.32
C ARG A 307 -14.09 -21.74 -17.51
N ALA A 308 -14.13 -20.84 -18.48
CA ALA A 308 -14.88 -21.06 -19.72
C ALA A 308 -14.40 -22.33 -20.44
N ALA A 309 -13.11 -22.58 -20.35
CA ALA A 309 -12.48 -23.66 -21.08
C ALA A 309 -12.67 -24.99 -20.40
N GLY A 310 -13.13 -24.96 -19.16
CA GLY A 310 -13.31 -26.20 -18.38
C GLY A 310 -11.99 -26.85 -18.01
N LEU A 311 -10.94 -26.04 -17.88
CA LEU A 311 -9.63 -26.55 -17.49
C LEU A 311 -9.65 -26.91 -16.02
N GLN A 312 -9.03 -28.03 -15.69
CA GLN A 312 -9.13 -28.58 -14.34
C GLN A 312 -7.85 -28.30 -13.56
N ASP A 313 -8.02 -27.76 -12.35
N ASP A 313 -7.99 -27.75 -12.35
CA ASP A 313 -6.90 -27.49 -11.45
CA ASP A 313 -6.87 -27.55 -11.43
C ASP A 313 -5.77 -26.74 -12.15
C ASP A 313 -5.73 -26.70 -12.05
N CYS A 314 -6.09 -25.53 -12.58
CA CYS A 314 -5.13 -24.66 -13.23
C CYS A 314 -4.18 -24.00 -12.24
N THR A 315 -2.94 -23.89 -12.66
CA THR A 315 -1.95 -23.03 -12.03
C THR A 315 -1.50 -22.07 -13.12
N MET A 316 -1.58 -20.77 -12.87
CA MET A 316 -1.21 -19.75 -13.86
C MET A 316 0.00 -18.97 -13.38
N LEU A 317 0.81 -18.53 -14.34
CA LEU A 317 1.91 -17.60 -14.09
C LEU A 317 1.82 -16.50 -15.13
N VAL A 318 1.66 -15.26 -14.66
CA VAL A 318 1.40 -14.12 -15.54
C VAL A 318 2.46 -13.02 -15.34
N CYS A 319 3.07 -12.60 -16.44
CA CYS A 319 4.04 -11.50 -16.49
C CYS A 319 3.67 -10.60 -17.67
N GLY A 320 3.00 -9.48 -17.40
CA GLY A 320 2.51 -8.67 -18.49
C GLY A 320 1.60 -9.49 -19.39
N ASP A 321 1.88 -9.47 -20.68
CA ASP A 321 1.11 -10.20 -21.66
C ASP A 321 1.51 -11.68 -21.76
N ASP A 322 2.49 -12.10 -20.95
CA ASP A 322 2.96 -13.48 -20.98
C ASP A 322 2.15 -14.32 -20.01
N LEU A 323 1.61 -15.42 -20.51
CA LEU A 323 0.72 -16.28 -19.76
C LEU A 323 1.10 -17.75 -19.97
N VAL A 324 1.36 -18.44 -18.85
CA VAL A 324 1.54 -19.88 -18.78
C VAL A 324 0.46 -20.47 -17.88
N VAL A 325 -0.12 -21.57 -18.36
CA VAL A 325 -1.10 -22.32 -17.61
C VAL A 325 -0.64 -23.77 -17.56
N ILE A 326 -0.66 -24.34 -16.36
CA ILE A 326 -0.39 -25.74 -16.18
C ILE A 326 -1.58 -26.31 -15.42
N CYS A 327 -2.11 -27.43 -15.91
CA CYS A 327 -3.36 -27.96 -15.42
C CYS A 327 -3.36 -29.48 -15.48
N GLU A 328 -4.46 -30.06 -15.03
CA GLU A 328 -4.66 -31.51 -15.09
C GLU A 328 -5.23 -31.93 -16.43
N SER A 329 -4.53 -32.84 -17.11
CA SER A 329 -4.99 -33.32 -18.39
C SER A 329 -6.30 -34.08 -18.23
N ALA A 330 -7.19 -33.84 -19.20
CA ALA A 330 -8.46 -34.56 -19.30
C ALA A 330 -8.43 -35.59 -20.42
N GLY A 331 -7.25 -35.81 -21.00
CA GLY A 331 -7.09 -36.63 -22.19
C GLY A 331 -6.69 -35.76 -23.36
N VAL A 332 -6.13 -36.38 -24.39
CA VAL A 332 -5.58 -35.63 -25.51
C VAL A 332 -6.64 -34.84 -26.29
N GLN A 333 -7.73 -35.51 -26.67
CA GLN A 333 -8.75 -34.81 -27.45
C GLN A 333 -9.51 -33.79 -26.59
N GLU A 334 -9.75 -34.14 -25.34
CA GLU A 334 -10.42 -33.25 -24.42
C GLU A 334 -9.58 -32.00 -24.20
N ASP A 335 -8.28 -32.19 -24.00
CA ASP A 335 -7.37 -31.07 -23.78
C ASP A 335 -7.33 -30.16 -25.00
N ALA A 336 -7.29 -30.76 -26.19
CA ALA A 336 -7.21 -29.96 -27.40
C ALA A 336 -8.47 -29.12 -27.54
N ALA A 337 -9.63 -29.71 -27.26
CA ALA A 337 -10.90 -29.01 -27.31
C ALA A 337 -10.96 -27.92 -26.24
N SER A 338 -10.42 -28.19 -25.05
CA SER A 338 -10.41 -27.18 -23.98
C SER A 338 -9.55 -25.96 -24.36
N LEU A 339 -8.45 -26.19 -25.06
N LEU A 339 -8.44 -26.18 -25.04
CA LEU A 339 -7.61 -25.07 -25.50
CA LEU A 339 -7.63 -25.03 -25.53
C LEU A 339 -8.27 -24.23 -26.62
C LEU A 339 -8.38 -24.20 -26.56
N ARG A 340 -9.05 -24.87 -27.49
CA ARG A 340 -9.87 -24.14 -28.45
C ARG A 340 -10.89 -23.25 -27.73
N ALA A 341 -11.52 -23.78 -26.70
CA ALA A 341 -12.49 -23.02 -25.91
C ALA A 341 -11.83 -21.87 -25.14
N PHE A 342 -10.63 -22.13 -24.62
CA PHE A 342 -9.85 -21.09 -23.98
C PHE A 342 -9.61 -19.94 -24.94
N THR A 343 -9.16 -20.28 -26.14
CA THR A 343 -8.87 -19.30 -27.16
C THR A 343 -10.13 -18.51 -27.54
N GLU A 344 -11.25 -19.19 -27.68
N GLU A 344 -11.24 -19.21 -27.68
CA GLU A 344 -12.50 -18.50 -28.00
CA GLU A 344 -12.52 -18.55 -28.00
C GLU A 344 -12.88 -17.52 -26.89
C GLU A 344 -12.93 -17.57 -26.90
N ALA A 345 -12.68 -17.92 -25.64
CA ALA A 345 -12.97 -17.03 -24.49
C ALA A 345 -12.07 -15.79 -24.49
N MET A 346 -10.77 -16.02 -24.64
CA MET A 346 -9.83 -14.91 -24.72
C MET A 346 -10.18 -13.98 -25.87
N THR A 347 -10.56 -14.57 -26.99
CA THR A 347 -10.95 -13.80 -28.16
C THR A 347 -12.17 -12.94 -27.86
N ARG A 348 -13.21 -13.52 -27.24
CA ARG A 348 -14.38 -12.74 -26.83
C ARG A 348 -14.01 -11.57 -25.93
N TYR A 349 -13.02 -11.80 -25.07
CA TYR A 349 -12.51 -10.79 -24.16
C TYR A 349 -11.58 -9.75 -24.79
N SER A 350 -11.32 -9.91 -26.09
N SER A 350 -11.44 -9.82 -26.12
CA SER A 350 -10.59 -8.96 -26.97
CA SER A 350 -10.54 -8.98 -26.90
C SER A 350 -9.18 -9.41 -27.33
C SER A 350 -9.10 -9.32 -26.55
N ALA A 351 -8.75 -10.58 -26.84
CA ALA A 351 -7.36 -11.00 -26.85
C ALA A 351 -7.15 -12.28 -27.68
N PRO A 352 -7.39 -12.21 -29.01
CA PRO A 352 -7.17 -13.40 -29.78
C PRO A 352 -5.69 -13.67 -29.97
N PRO A 353 -5.35 -14.90 -30.40
CA PRO A 353 -4.00 -15.36 -30.40
C PRO A 353 -3.26 -14.99 -31.66
N GLY A 354 -1.94 -14.93 -31.56
CA GLY A 354 -1.10 -14.92 -32.73
C GLY A 354 -1.07 -16.36 -33.18
N ASP A 355 -0.15 -17.12 -32.60
CA ASP A 355 -0.09 -18.55 -32.87
C ASP A 355 -1.10 -19.23 -31.94
N PRO A 356 -1.93 -20.15 -32.48
CA PRO A 356 -2.83 -20.88 -31.60
C PRO A 356 -2.08 -21.64 -30.51
N PRO A 357 -2.62 -21.64 -29.28
CA PRO A 357 -1.95 -22.37 -28.22
C PRO A 357 -1.96 -23.87 -28.49
N GLN A 358 -0.88 -24.54 -28.08
CA GLN A 358 -0.76 -25.97 -28.26
C GLN A 358 -0.58 -26.62 -26.88
N PRO A 359 -1.32 -27.70 -26.62
CA PRO A 359 -1.12 -28.42 -25.36
C PRO A 359 0.24 -29.11 -25.36
N GLU A 360 0.96 -29.00 -24.25
CA GLU A 360 2.26 -29.64 -24.07
C GLU A 360 2.20 -30.61 -22.91
N TYR A 361 2.85 -31.76 -23.09
CA TYR A 361 2.88 -32.79 -22.07
C TYR A 361 4.28 -32.99 -21.51
N ASP A 362 5.17 -32.07 -21.83
CA ASP A 362 6.49 -32.05 -21.24
C ASP A 362 6.83 -30.59 -20.91
N LEU A 363 7.27 -30.37 -19.68
CA LEU A 363 7.50 -29.01 -19.19
C LEU A 363 8.48 -28.21 -20.04
N GLU A 364 9.53 -28.86 -20.51
CA GLU A 364 10.57 -28.20 -21.30
C GLU A 364 10.04 -27.58 -22.61
N LEU A 365 8.88 -28.04 -23.09
CA LEU A 365 8.32 -27.59 -24.37
C LEU A 365 7.51 -26.31 -24.26
N ILE A 366 7.35 -25.80 -23.04
CA ILE A 366 6.59 -24.57 -22.82
C ILE A 366 7.56 -23.40 -22.81
N THR A 367 7.29 -22.39 -23.62
CA THR A 367 8.13 -21.20 -23.68
C THR A 367 7.36 -20.05 -23.06
N SER A 368 7.97 -19.38 -22.09
CA SER A 368 7.34 -18.30 -21.36
C SER A 368 8.39 -17.24 -21.07
N CYS A 369 8.09 -15.98 -21.37
CA CYS A 369 9.08 -14.92 -21.27
C CYS A 369 10.37 -15.33 -21.97
N SER A 370 10.20 -15.86 -23.18
CA SER A 370 11.29 -16.32 -24.05
C SER A 370 12.01 -17.57 -23.60
N SER A 371 11.61 -18.11 -22.44
CA SER A 371 12.43 -19.07 -21.73
C SER A 371 11.74 -20.42 -21.53
N ASN A 372 12.54 -21.47 -21.43
CA ASN A 372 12.07 -22.79 -21.10
C ASN A 372 12.87 -23.41 -19.97
N VAL A 373 12.23 -24.32 -19.27
CA VAL A 373 12.90 -25.06 -18.22
C VAL A 373 13.80 -26.10 -18.91
N SER A 374 15.01 -26.24 -18.40
CA SER A 374 15.89 -27.34 -18.79
C SER A 374 16.56 -27.89 -17.54
N VAL A 375 17.31 -28.97 -17.70
CA VAL A 375 17.96 -29.64 -16.59
C VAL A 375 19.44 -29.84 -16.86
N ALA A 376 20.24 -29.65 -15.82
CA ALA A 376 21.65 -30.02 -15.83
C ALA A 376 21.90 -30.77 -14.54
N HIS A 377 23.16 -30.97 -14.21
CA HIS A 377 23.54 -31.74 -13.04
C HIS A 377 24.57 -31.01 -12.23
N ASP A 378 24.48 -31.13 -10.92
CA ASP A 378 25.55 -30.62 -10.06
C ASP A 378 26.71 -31.63 -10.03
N GLY A 379 27.70 -31.38 -9.17
CA GLY A 379 28.89 -32.24 -9.11
C GLY A 379 28.65 -33.65 -8.58
N ALA A 380 27.49 -33.87 -7.97
CA ALA A 380 27.14 -35.16 -7.41
C ALA A 380 26.14 -35.95 -8.26
N GLY A 381 25.83 -35.45 -9.44
CA GLY A 381 24.89 -36.12 -10.35
C GLY A 381 23.42 -35.83 -10.05
N LYS A 382 23.17 -34.82 -9.21
CA LYS A 382 21.82 -34.44 -8.85
C LYS A 382 21.28 -33.52 -9.94
N ARG A 383 20.06 -33.77 -10.38
CA ARG A 383 19.40 -32.94 -11.37
C ARG A 383 19.11 -31.56 -10.80
N VAL A 384 19.44 -30.54 -11.57
CA VAL A 384 19.17 -29.16 -11.22
C VAL A 384 18.41 -28.52 -12.36
N TYR A 385 17.26 -27.94 -12.05
CA TYR A 385 16.47 -27.26 -13.06
C TYR A 385 16.88 -25.80 -13.15
N TYR A 386 16.81 -25.26 -14.36
CA TYR A 386 17.15 -23.85 -14.60
C TYR A 386 16.40 -23.37 -15.85
N LEU A 387 16.28 -22.06 -15.98
CA LEU A 387 15.63 -21.45 -17.14
C LEU A 387 16.69 -21.03 -18.16
N THR A 388 16.40 -21.33 -19.41
CA THR A 388 17.26 -20.96 -20.51
C THR A 388 16.43 -20.41 -21.67
N ARG A 389 17.09 -20.00 -22.73
CA ARG A 389 16.41 -19.50 -23.91
C ARG A 389 17.35 -19.66 -25.09
N ASP A 390 16.81 -19.53 -26.30
CA ASP A 390 17.65 -19.49 -27.46
C ASP A 390 18.58 -18.29 -27.35
N PRO A 391 19.90 -18.49 -27.52
CA PRO A 391 20.87 -17.41 -27.26
C PRO A 391 21.09 -16.42 -28.40
N THR A 392 20.39 -16.59 -29.51
CA THR A 392 20.62 -15.79 -30.70
C THR A 392 20.49 -14.31 -30.42
N THR A 393 19.33 -13.89 -29.91
CA THR A 393 19.13 -12.48 -29.67
C THR A 393 20.09 -11.94 -28.61
N PRO A 394 20.23 -12.63 -27.47
CA PRO A 394 21.27 -12.22 -26.52
C PRO A 394 22.66 -12.01 -27.11
N LEU A 395 23.11 -12.95 -27.93
CA LEU A 395 24.43 -12.84 -28.53
C LEU A 395 24.50 -11.69 -29.52
N ALA A 396 23.47 -11.52 -30.34
CA ALA A 396 23.45 -10.43 -31.32
C ALA A 396 23.54 -9.08 -30.62
N ARG A 397 22.76 -8.93 -29.54
CA ARG A 397 22.76 -7.70 -28.76
C ARG A 397 24.08 -7.47 -28.02
N ALA A 398 24.65 -8.55 -27.50
CA ALA A 398 25.95 -8.49 -26.84
C ALA A 398 27.03 -7.98 -27.82
N ALA A 399 26.99 -8.43 -29.07
CA ALA A 399 27.99 -8.01 -30.05
C ALA A 399 27.81 -6.50 -30.32
N TRP A 400 26.55 -6.07 -30.50
CA TRP A 400 26.29 -4.66 -30.71
C TRP A 400 26.80 -3.81 -29.54
N GLU A 401 26.51 -4.27 -28.33
CA GLU A 401 26.87 -3.56 -27.11
C GLU A 401 28.36 -3.54 -26.84
N THR A 402 29.11 -4.44 -27.47
CA THR A 402 30.56 -4.40 -27.50
C THR A 402 31.10 -3.36 -28.50
N ALA A 403 30.47 -3.25 -29.66
CA ALA A 403 30.89 -2.31 -30.70
C ALA A 403 30.52 -0.88 -30.39
N ARG A 404 29.45 -0.69 -29.64
CA ARG A 404 28.88 0.64 -29.42
C ARG A 404 28.43 0.79 -27.98
N HIS A 405 28.64 1.98 -27.43
CA HIS A 405 28.18 2.29 -26.09
C HIS A 405 26.68 2.50 -26.13
N THR A 406 25.95 1.71 -25.36
CA THR A 406 24.51 1.78 -25.31
C THR A 406 24.10 2.12 -23.87
N PRO A 407 22.99 2.85 -23.70
CA PRO A 407 22.61 3.34 -22.36
C PRO A 407 22.36 2.23 -21.36
N VAL A 408 21.77 1.15 -21.84
CA VAL A 408 21.45 -0.01 -21.04
C VAL A 408 22.01 -1.24 -21.74
N ASN A 409 22.63 -2.10 -20.97
CA ASN A 409 23.34 -3.25 -21.48
C ASN A 409 22.57 -4.53 -21.25
N SER A 410 21.97 -5.07 -22.31
CA SER A 410 21.24 -6.33 -22.18
C SER A 410 22.15 -7.48 -21.78
N TRP A 411 23.43 -7.41 -22.18
CA TRP A 411 24.33 -8.51 -21.87
C TRP A 411 24.44 -8.76 -20.37
N LEU A 412 24.47 -7.67 -19.60
CA LEU A 412 24.61 -7.80 -18.15
C LEU A 412 23.33 -8.35 -17.53
N GLY A 413 22.17 -7.88 -17.99
CA GLY A 413 20.89 -8.44 -17.58
C GLY A 413 20.78 -9.92 -17.94
N ASN A 414 21.29 -10.30 -19.11
CA ASN A 414 21.23 -11.69 -19.54
C ASN A 414 22.13 -12.58 -18.70
N ILE A 415 23.33 -12.11 -18.34
CA ILE A 415 24.18 -12.87 -17.45
C ILE A 415 23.51 -13.07 -16.11
N ILE A 416 22.88 -12.01 -15.62
CA ILE A 416 22.22 -12.09 -14.32
C ILE A 416 21.05 -13.07 -14.34
N MET A 417 20.19 -12.95 -15.36
CA MET A 417 18.96 -13.75 -15.42
C MET A 417 19.17 -15.18 -15.92
N PHE A 418 20.23 -15.38 -16.72
CA PHE A 418 20.53 -16.68 -17.36
C PHE A 418 21.90 -17.24 -16.94
N ALA A 419 22.37 -16.81 -15.78
CA ALA A 419 23.67 -17.24 -15.25
C ALA A 419 23.95 -18.76 -15.25
N PRO A 420 22.94 -19.61 -14.95
CA PRO A 420 23.21 -21.05 -14.96
C PRO A 420 23.38 -21.68 -16.33
N THR A 421 23.04 -20.94 -17.38
CA THR A 421 23.07 -21.49 -18.73
C THR A 421 24.47 -21.68 -19.27
N LEU A 422 24.58 -22.68 -20.15
N LEU A 422 24.64 -22.65 -20.15
CA LEU A 422 25.81 -23.01 -20.86
CA LEU A 422 25.96 -22.95 -20.71
C LEU A 422 26.40 -21.78 -21.52
C LEU A 422 26.45 -21.79 -21.59
N TRP A 423 25.54 -21.09 -22.24
CA TRP A 423 25.91 -19.99 -23.13
C TRP A 423 26.25 -18.70 -22.36
N ALA A 424 25.52 -18.42 -21.28
CA ALA A 424 25.87 -17.27 -20.46
C ALA A 424 27.22 -17.46 -19.80
N ARG A 425 27.48 -18.68 -19.32
CA ARG A 425 28.71 -19.00 -18.61
C ARG A 425 29.91 -19.04 -19.53
N MET A 426 29.81 -19.81 -20.58
CA MET A 426 30.96 -20.02 -21.46
C MET A 426 31.25 -18.87 -22.40
N ILE A 427 30.21 -18.22 -22.89
CA ILE A 427 30.38 -17.17 -23.89
C ILE A 427 30.26 -15.78 -23.27
N LEU A 428 29.11 -15.43 -22.69
CA LEU A 428 28.91 -14.05 -22.19
C LEU A 428 29.90 -13.68 -21.09
N MET A 429 30.05 -14.54 -20.09
CA MET A 429 30.99 -14.22 -19.00
C MET A 429 32.40 -14.08 -19.53
N THR A 430 32.82 -15.02 -20.37
CA THR A 430 34.17 -15.03 -20.88
C THR A 430 34.42 -13.76 -21.68
N HIS A 431 33.51 -13.49 -22.62
CA HIS A 431 33.68 -12.35 -23.51
C HIS A 431 33.71 -11.05 -22.73
N PHE A 432 32.74 -10.84 -21.85
CA PHE A 432 32.66 -9.55 -21.22
C PHE A 432 33.71 -9.28 -20.16
N PHE A 433 34.09 -10.29 -19.37
CA PHE A 433 35.24 -10.08 -18.48
C PHE A 433 36.53 -9.76 -19.29
N SER A 434 36.68 -10.39 -20.44
N SER A 434 36.71 -10.42 -20.42
CA SER A 434 37.82 -10.12 -21.30
CA SER A 434 37.82 -10.10 -21.32
C SER A 434 37.79 -8.69 -21.88
C SER A 434 37.76 -8.64 -21.73
N VAL A 435 36.60 -8.22 -22.25
CA VAL A 435 36.43 -6.87 -22.79
C VAL A 435 36.66 -5.83 -21.70
N LEU A 436 36.09 -6.09 -20.53
CA LEU A 436 36.24 -5.18 -19.38
C LEU A 436 37.69 -5.05 -18.92
N ILE A 437 38.41 -6.16 -18.92
CA ILE A 437 39.85 -6.13 -18.64
C ILE A 437 40.58 -5.31 -19.71
N ALA A 438 40.28 -5.57 -20.99
CA ALA A 438 40.96 -4.90 -22.12
C ALA A 438 40.77 -3.38 -22.08
N ARG A 439 39.57 -2.96 -21.71
CA ARG A 439 39.20 -1.55 -21.71
C ARG A 439 39.39 -0.88 -20.35
N ASP A 440 39.96 -1.61 -19.40
CA ASP A 440 40.19 -1.12 -18.03
C ASP A 440 38.89 -0.63 -17.40
N GLN A 441 37.84 -1.44 -17.51
CA GLN A 441 36.51 -1.06 -17.05
C GLN A 441 35.92 -1.99 -16.00
N LEU A 442 36.76 -2.88 -15.46
CA LEU A 442 36.29 -3.90 -14.52
C LEU A 442 35.56 -3.32 -13.31
N GLU A 443 35.99 -2.15 -12.86
CA GLU A 443 35.45 -1.52 -11.64
C GLU A 443 34.23 -0.62 -11.87
N GLN A 444 33.84 -0.43 -13.12
CA GLN A 444 32.82 0.55 -13.49
C GLN A 444 31.42 -0.08 -13.45
N ALA A 445 30.51 0.53 -12.70
CA ALA A 445 29.12 0.09 -12.72
C ALA A 445 28.51 0.35 -14.09
N LEU A 446 27.60 -0.53 -14.49
CA LEU A 446 26.90 -0.43 -15.77
C LEU A 446 25.41 -0.55 -15.59
N ASP A 447 24.64 0.09 -16.46
CA ASP A 447 23.19 0.03 -16.36
C ASP A 447 22.67 -1.18 -17.12
N CYS A 448 21.71 -1.85 -16.50
CA CYS A 448 21.02 -2.99 -17.10
C CYS A 448 19.61 -3.00 -16.57
N GLU A 449 18.80 -3.93 -17.05
CA GLU A 449 17.41 -4.04 -16.63
C GLU A 449 17.12 -5.39 -16.03
N ILE A 450 16.33 -5.38 -14.97
N ILE A 450 16.30 -5.38 -14.99
CA ILE A 450 15.79 -6.58 -14.34
CA ILE A 450 15.81 -6.59 -14.34
C ILE A 450 14.30 -6.33 -14.24
C ILE A 450 14.31 -6.39 -14.17
N TYR A 451 13.53 -7.23 -14.85
CA TYR A 451 12.09 -7.05 -15.00
C TYR A 451 11.71 -5.63 -15.39
N GLY A 452 12.48 -5.05 -16.34
CA GLY A 452 12.14 -3.77 -16.93
C GLY A 452 12.58 -2.53 -16.18
N ALA A 453 12.99 -2.69 -14.92
CA ALA A 453 13.54 -1.58 -14.16
C ALA A 453 15.04 -1.49 -14.40
N CYS A 454 15.57 -0.28 -14.40
CA CYS A 454 17.00 -0.04 -14.67
C CYS A 454 17.79 -0.07 -13.37
N TYR A 455 18.89 -0.82 -13.38
CA TYR A 455 19.80 -0.91 -12.24
C TYR A 455 21.21 -0.57 -12.66
N SER A 456 21.95 0.04 -11.75
CA SER A 456 23.38 0.25 -11.95
C SER A 456 24.06 -0.87 -11.18
N ILE A 457 24.75 -1.76 -11.91
CA ILE A 457 25.34 -2.94 -11.32
C ILE A 457 26.82 -2.99 -11.61
N GLU A 458 27.59 -3.36 -10.59
CA GLU A 458 29.03 -3.60 -10.74
C GLU A 458 29.28 -5.04 -11.20
N PRO A 459 29.94 -5.22 -12.36
CA PRO A 459 30.23 -6.59 -12.78
C PRO A 459 31.02 -7.43 -11.77
N LEU A 460 31.86 -6.79 -10.96
CA LEU A 460 32.56 -7.50 -9.89
C LEU A 460 31.64 -8.06 -8.81
N ASP A 461 30.39 -7.61 -8.77
CA ASP A 461 29.40 -8.16 -7.84
C ASP A 461 28.63 -9.36 -8.40
N LEU A 462 28.95 -9.81 -9.61
CA LEU A 462 28.15 -10.87 -10.22
C LEU A 462 28.10 -12.17 -9.40
N PRO A 463 29.24 -12.63 -8.85
CA PRO A 463 29.15 -13.89 -8.12
C PRO A 463 28.13 -13.93 -6.96
N PRO A 464 28.17 -13.00 -6.00
CA PRO A 464 27.10 -13.06 -4.99
C PRO A 464 25.68 -12.80 -5.52
N ILE A 465 25.54 -11.96 -6.55
CA ILE A 465 24.24 -11.78 -7.19
C ILE A 465 23.75 -13.12 -7.68
N ILE A 466 24.60 -13.80 -8.45
CA ILE A 466 24.22 -15.08 -9.05
C ILE A 466 23.86 -16.10 -7.95
N GLN A 467 24.62 -16.14 -6.87
CA GLN A 467 24.32 -17.08 -5.79
C GLN A 467 22.91 -16.82 -5.22
N ARG A 468 22.60 -15.54 -5.02
CA ARG A 468 21.29 -15.18 -4.49
C ARG A 468 20.14 -15.53 -5.41
N LEU A 469 20.35 -15.33 -6.71
CA LEU A 469 19.29 -15.49 -7.71
C LEU A 469 19.09 -16.92 -8.14
N HIS A 470 20.17 -17.71 -8.13
CA HIS A 470 20.16 -19.05 -8.71
C HIS A 470 20.65 -20.17 -7.81
N GLY A 471 21.34 -19.82 -6.72
CA GLY A 471 21.93 -20.83 -5.87
C GLY A 471 23.38 -21.07 -6.22
N LEU A 472 24.13 -21.55 -5.25
CA LEU A 472 25.53 -21.89 -5.42
C LEU A 472 25.78 -22.90 -6.54
N SER A 473 24.79 -23.75 -6.82
CA SER A 473 24.92 -24.74 -7.90
C SER A 473 25.15 -24.12 -9.30
N ALA A 474 24.79 -22.86 -9.48
CA ALA A 474 24.97 -22.13 -10.75
C ALA A 474 26.42 -22.14 -11.24
N PHE A 475 27.36 -22.29 -10.30
CA PHE A 475 28.79 -22.29 -10.62
C PHE A 475 29.36 -23.68 -10.84
N SER A 476 28.51 -24.71 -10.72
CA SER A 476 28.94 -26.10 -10.81
C SER A 476 28.15 -26.98 -11.76
N LEU A 477 27.24 -26.39 -12.52
CA LEU A 477 26.40 -27.21 -13.38
C LEU A 477 27.23 -27.80 -14.52
N HIS A 478 26.91 -29.04 -14.87
CA HIS A 478 27.52 -29.69 -16.01
C HIS A 478 26.51 -30.70 -16.53
N SER A 479 26.89 -31.46 -17.54
N SER A 479 26.89 -31.46 -17.54
CA SER A 479 26.01 -32.48 -18.11
CA SER A 479 26.04 -32.47 -18.12
C SER A 479 24.67 -31.85 -18.45
C SER A 479 24.67 -31.85 -18.46
N TYR A 480 24.74 -30.84 -19.31
CA TYR A 480 23.55 -30.19 -19.85
C TYR A 480 22.83 -31.14 -20.81
N SER A 481 21.59 -30.80 -21.15
CA SER A 481 20.77 -31.66 -22.00
C SER A 481 21.25 -31.63 -23.45
N PRO A 482 21.18 -32.78 -24.14
CA PRO A 482 21.59 -32.81 -25.53
C PRO A 482 20.90 -31.75 -26.40
N GLY A 483 19.61 -31.55 -26.18
CA GLY A 483 18.82 -30.57 -26.93
C GLY A 483 19.29 -29.15 -26.68
N GLU A 484 19.67 -28.85 -25.43
CA GLU A 484 20.17 -27.53 -25.10
C GLU A 484 21.52 -27.32 -25.79
N ILE A 485 22.39 -28.33 -25.69
CA ILE A 485 23.72 -28.24 -26.30
C ILE A 485 23.59 -28.04 -27.80
N ASN A 486 22.71 -28.81 -28.44
CA ASN A 486 22.48 -28.68 -29.87
C ASN A 486 21.97 -27.30 -30.25
N ARG A 487 21.10 -26.73 -29.41
CA ARG A 487 20.52 -25.44 -29.73
C ARG A 487 21.61 -24.37 -29.68
N VAL A 488 22.42 -24.39 -28.64
CA VAL A 488 23.52 -23.44 -28.52
C VAL A 488 24.50 -23.62 -29.70
N ALA A 489 24.92 -24.86 -29.95
CA ALA A 489 25.88 -25.13 -31.03
C ALA A 489 25.40 -24.61 -32.37
N ALA A 490 24.14 -24.85 -32.71
CA ALA A 490 23.59 -24.40 -34.00
C ALA A 490 23.55 -22.87 -34.05
N CYS A 491 23.26 -22.25 -32.92
CA CYS A 491 23.27 -20.78 -32.87
C CYS A 491 24.67 -20.25 -33.19
N LEU A 492 25.70 -20.87 -32.59
CA LEU A 492 27.07 -20.40 -32.80
C LEU A 492 27.49 -20.52 -34.28
N ARG A 493 27.13 -21.63 -34.91
CA ARG A 493 27.45 -21.82 -36.33
C ARG A 493 26.73 -20.77 -37.18
N LYS A 494 25.47 -20.53 -36.86
CA LYS A 494 24.66 -19.55 -37.57
C LYS A 494 25.28 -18.15 -37.52
N LEU A 495 25.72 -17.74 -36.34
CA LEU A 495 26.17 -16.36 -36.12
C LEU A 495 27.67 -16.14 -36.32
N GLY A 496 28.43 -17.20 -36.56
CA GLY A 496 29.87 -17.04 -36.64
C GLY A 496 30.50 -16.74 -35.29
N VAL A 497 29.99 -17.41 -34.26
CA VAL A 497 30.54 -17.31 -32.91
C VAL A 497 31.49 -18.47 -32.73
N PRO A 498 32.70 -18.22 -32.17
CA PRO A 498 33.60 -19.34 -31.93
C PRO A 498 32.99 -20.48 -31.12
N PRO A 499 33.45 -21.71 -31.37
CA PRO A 499 32.91 -22.86 -30.65
C PRO A 499 33.21 -22.84 -29.15
N LEU A 500 32.42 -23.59 -28.40
CA LEU A 500 32.54 -23.59 -26.97
C LEU A 500 33.92 -23.95 -26.46
N ARG A 501 34.59 -24.89 -27.11
CA ARG A 501 35.94 -25.25 -26.66
C ARG A 501 36.92 -24.10 -26.85
N ALA A 502 36.69 -23.23 -27.84
CA ALA A 502 37.53 -22.05 -27.98
C ALA A 502 37.28 -21.07 -26.83
N TRP A 503 36.01 -20.92 -26.44
CA TRP A 503 35.67 -20.05 -25.31
C TRP A 503 36.30 -20.57 -24.03
N ARG A 504 36.34 -21.88 -23.87
CA ARG A 504 36.93 -22.49 -22.69
C ARG A 504 38.42 -22.14 -22.61
N HIS A 505 39.10 -22.24 -23.74
CA HIS A 505 40.50 -21.90 -23.81
C HIS A 505 40.71 -20.43 -23.41
N ARG A 506 39.86 -19.54 -23.95
CA ARG A 506 39.96 -18.13 -23.63
C ARG A 506 39.66 -17.90 -22.15
N ALA A 507 38.64 -18.60 -21.63
CA ALA A 507 38.23 -18.44 -20.23
C ALA A 507 39.38 -18.76 -19.28
N ARG A 508 40.23 -19.70 -19.67
CA ARG A 508 41.36 -20.04 -18.78
C ARG A 508 42.28 -18.83 -18.57
N SER A 509 42.49 -18.04 -19.61
N SER A 509 42.47 -18.04 -19.62
CA SER A 509 43.31 -16.84 -19.50
CA SER A 509 43.30 -16.83 -19.55
C SER A 509 42.61 -15.77 -18.69
C SER A 509 42.63 -15.71 -18.78
N VAL A 510 41.33 -15.55 -19.00
CA VAL A 510 40.53 -14.53 -18.31
C VAL A 510 40.53 -14.82 -16.81
N ARG A 511 40.32 -16.09 -16.48
CA ARG A 511 40.28 -16.57 -15.10
C ARG A 511 41.58 -16.24 -14.38
N ALA A 512 42.72 -16.56 -15.00
CA ALA A 512 44.01 -16.33 -14.36
C ALA A 512 44.22 -14.83 -14.12
N LYS A 513 43.81 -14.00 -15.07
CA LYS A 513 43.92 -12.54 -14.94
C LYS A 513 43.09 -12.04 -13.77
N LEU A 514 41.87 -12.54 -13.66
CA LEU A 514 41.01 -12.17 -12.54
C LEU A 514 41.57 -12.62 -11.20
N LEU A 515 42.02 -13.87 -11.11
CA LEU A 515 42.60 -14.38 -9.88
C LEU A 515 43.79 -13.55 -9.42
N SER A 516 44.58 -13.06 -10.38
CA SER A 516 45.81 -12.30 -10.10
C SER A 516 45.52 -10.93 -9.46
N ARG A 517 44.30 -10.43 -9.69
CA ARG A 517 43.89 -9.12 -9.22
C ARG A 517 43.44 -9.10 -7.74
N GLY A 518 43.17 -10.27 -7.17
CA GLY A 518 42.67 -10.37 -5.80
C GLY A 518 41.25 -9.85 -5.63
N GLY A 519 40.81 -9.76 -4.38
CA GLY A 519 39.53 -9.14 -4.03
C GLY A 519 38.34 -9.73 -4.78
N ARG A 520 37.42 -8.87 -5.20
CA ARG A 520 36.21 -9.29 -5.92
C ARG A 520 36.51 -9.92 -7.27
N ALA A 521 37.50 -9.36 -7.95
CA ALA A 521 38.00 -9.91 -9.21
C ALA A 521 38.41 -11.37 -9.07
N ALA A 522 39.18 -11.69 -8.03
CA ALA A 522 39.55 -13.09 -7.80
C ALA A 522 38.34 -13.97 -7.50
N ILE A 523 37.35 -13.43 -6.80
CA ILE A 523 36.11 -14.18 -6.57
C ILE A 523 35.41 -14.44 -7.91
N CYS A 524 35.42 -13.46 -8.78
CA CYS A 524 34.90 -13.68 -10.14
C CYS A 524 35.66 -14.80 -10.87
N GLY A 525 36.99 -14.78 -10.81
CA GLY A 525 37.79 -15.83 -11.44
C GLY A 525 37.48 -17.21 -10.89
N LYS A 526 37.46 -17.31 -9.56
CA LYS A 526 37.25 -18.57 -8.88
C LYS A 526 35.87 -19.15 -9.17
N TYR A 527 34.82 -18.36 -8.94
CA TYR A 527 33.46 -18.92 -9.03
C TYR A 527 32.90 -18.92 -10.43
N LEU A 528 33.10 -17.84 -11.19
CA LEU A 528 32.48 -17.76 -12.51
C LEU A 528 33.14 -18.67 -13.52
N PHE A 529 34.40 -19.02 -13.31
CA PHE A 529 35.15 -19.76 -14.31
C PHE A 529 35.71 -21.11 -13.84
N ASN A 530 35.18 -21.65 -12.74
CA ASN A 530 35.61 -22.96 -12.25
C ASN A 530 35.35 -24.02 -13.30
N TRP A 531 34.33 -23.82 -14.13
CA TRP A 531 34.00 -24.75 -15.22
C TRP A 531 35.11 -24.95 -16.27
N ALA A 532 35.98 -23.95 -16.38
CA ALA A 532 37.00 -23.90 -17.41
C ALA A 532 38.28 -24.66 -17.04
N VAL A 533 38.34 -25.16 -15.81
CA VAL A 533 39.51 -25.94 -15.35
C VAL A 533 39.13 -27.33 -14.88
N ARG A 534 40.02 -28.30 -15.12
CA ARG A 534 39.86 -29.67 -14.61
C ARG A 534 40.15 -29.79 -13.11
N THR A 535 41.15 -29.06 -12.64
CA THR A 535 41.53 -29.07 -11.22
C THR A 535 40.77 -27.95 -10.53
N LYS A 536 39.64 -28.31 -9.95
CA LYS A 536 38.67 -27.32 -9.54
C LYS A 536 38.90 -26.81 -8.12
N LEU A 537 38.53 -25.55 -7.92
CA LEU A 537 38.55 -24.95 -6.59
C LEU A 537 37.23 -25.32 -5.89
N LYS A 538 37.29 -25.36 -4.57
CA LYS A 538 36.11 -25.69 -3.77
C LYS A 538 35.31 -24.40 -3.65
N LEU A 539 34.05 -24.47 -4.04
CA LEU A 539 33.20 -23.30 -4.08
C LEU A 539 32.24 -23.32 -2.91
N THR A 540 32.60 -22.55 -1.89
CA THR A 540 31.81 -22.43 -0.67
C THR A 540 30.88 -21.21 -0.81
N PRO A 541 29.80 -21.17 -0.01
CA PRO A 541 28.92 -20.02 -0.03
C PRO A 541 29.68 -18.70 0.07
N ILE A 542 29.33 -17.72 -0.77
CA ILE A 542 30.03 -16.45 -0.80
C ILE A 542 29.52 -15.54 0.31
N ALA A 543 30.41 -15.10 1.19
CA ALA A 543 29.99 -14.28 2.34
C ALA A 543 29.20 -13.04 1.91
N ALA A 544 29.67 -12.39 0.84
CA ALA A 544 29.02 -11.17 0.33
C ALA A 544 27.55 -11.37 -0.08
N ALA A 545 27.18 -12.58 -0.45
CA ALA A 545 25.82 -12.89 -0.90
C ALA A 545 24.80 -12.52 0.17
N GLY A 546 25.04 -12.93 1.40
CA GLY A 546 24.15 -12.60 2.51
C GLY A 546 23.96 -11.11 2.76
N GLN A 547 24.98 -10.30 2.45
CA GLN A 547 24.98 -8.86 2.74
C GLN A 547 24.30 -8.03 1.64
N LEU A 548 24.14 -8.60 0.45
CA LEU A 548 23.57 -7.85 -0.67
C LEU A 548 22.15 -7.42 -0.39
N ASP A 549 21.88 -6.13 -0.55
CA ASP A 549 20.52 -5.60 -0.50
C ASP A 549 19.91 -5.72 -1.89
N LEU A 550 19.08 -6.75 -2.06
CA LEU A 550 18.37 -6.98 -3.32
C LEU A 550 16.88 -6.65 -3.17
N SER A 551 16.54 -5.84 -2.18
CA SER A 551 15.15 -5.44 -2.00
C SER A 551 14.70 -4.69 -3.25
N GLY A 552 13.48 -4.99 -3.67
CA GLY A 552 12.91 -4.35 -4.83
C GLY A 552 13.33 -4.97 -6.15
N TRP A 553 14.26 -5.94 -6.17
CA TRP A 553 14.64 -6.58 -7.44
C TRP A 553 13.50 -7.40 -8.01
N PHE A 554 12.77 -8.09 -7.14
CA PHE A 554 11.72 -9.02 -7.57
C PHE A 554 10.46 -8.74 -6.80
N THR A 555 9.96 -7.53 -7.00
CA THR A 555 8.73 -7.06 -6.39
C THR A 555 7.65 -6.91 -7.46
N ALA A 556 7.99 -6.22 -8.54
CA ALA A 556 7.04 -5.96 -9.61
C ALA A 556 7.74 -5.80 -10.96
N GLY A 557 6.96 -5.85 -12.04
CA GLY A 557 7.48 -5.57 -13.37
C GLY A 557 7.32 -4.10 -13.69
N TYR A 558 8.26 -3.56 -14.45
CA TYR A 558 8.24 -2.15 -14.79
C TYR A 558 8.60 -1.84 -16.23
N SER A 559 8.56 -2.82 -17.13
CA SER A 559 8.98 -2.55 -18.50
C SER A 559 8.12 -1.44 -19.09
N GLY A 560 8.78 -0.45 -19.72
CA GLY A 560 8.11 0.71 -20.29
C GLY A 560 7.83 1.83 -19.29
N GLY A 561 8.03 1.57 -18.01
CA GLY A 561 7.61 2.49 -16.95
C GLY A 561 8.65 3.45 -16.44
N ASP A 562 9.81 3.50 -17.08
CA ASP A 562 10.77 4.57 -16.81
C ASP A 562 11.23 4.57 -15.35
N ILE A 563 11.58 3.39 -14.85
CA ILE A 563 11.98 3.24 -13.44
C ILE A 563 13.45 2.89 -13.31
N TYR A 564 14.11 3.56 -12.36
CA TYR A 564 15.50 3.35 -12.03
C TYR A 564 15.58 3.00 -10.55
N HIS A 565 16.23 1.89 -10.24
CA HIS A 565 16.33 1.46 -8.84
C HIS A 565 17.78 1.59 -8.38
N SER A 566 17.98 1.90 -7.11
CA SER A 566 19.31 2.17 -6.57
C SER A 566 19.31 2.28 -5.04
N SER B 4 5.93 -45.48 28.63
CA SER B 4 5.60 -44.49 27.57
C SER B 4 4.34 -43.72 27.99
N MET B 5 4.53 -42.49 28.47
CA MET B 5 3.42 -41.65 28.89
C MET B 5 2.73 -40.99 27.72
N SER B 6 1.40 -40.99 27.74
CA SER B 6 0.63 -40.37 26.68
C SER B 6 1.01 -38.90 26.54
N TYR B 7 1.15 -38.22 27.68
CA TYR B 7 1.55 -36.82 27.73
C TYR B 7 2.56 -36.60 28.84
N SER B 8 3.41 -35.60 28.64
CA SER B 8 4.17 -35.00 29.76
C SER B 8 3.78 -33.55 29.79
N TRP B 9 3.80 -32.97 30.99
CA TRP B 9 3.33 -31.60 31.19
C TRP B 9 4.38 -30.76 31.86
N THR B 10 4.42 -29.48 31.49
CA THR B 10 5.36 -28.51 32.07
C THR B 10 4.82 -27.81 33.31
N GLY B 11 3.50 -27.79 33.44
CA GLY B 11 2.85 -27.06 34.53
C GLY B 11 2.05 -25.86 34.05
N ALA B 12 2.32 -25.42 32.82
CA ALA B 12 1.55 -24.32 32.23
C ALA B 12 0.10 -24.72 32.02
N LEU B 13 -0.80 -23.74 32.09
CA LEU B 13 -2.22 -24.01 32.01
C LEU B 13 -2.71 -24.06 30.58
N VAL B 14 -3.78 -24.82 30.37
CA VAL B 14 -4.53 -24.67 29.15
C VAL B 14 -5.37 -23.41 29.31
N THR B 15 -5.17 -22.46 28.42
CA THR B 15 -5.72 -21.12 28.55
C THR B 15 -6.80 -20.89 27.49
N PRO B 16 -7.76 -20.02 27.79
CA PRO B 16 -8.77 -19.69 26.79
C PRO B 16 -8.24 -18.70 25.75
N CYS B 17 -8.88 -18.61 24.60
CA CYS B 17 -8.52 -17.58 23.60
C CYS B 17 -9.57 -16.47 23.52
N ALA B 18 -10.69 -16.66 24.21
CA ALA B 18 -11.77 -15.69 24.24
C ALA B 18 -12.54 -15.86 25.54
N ALA B 19 -13.52 -15.00 25.78
CA ALA B 19 -14.37 -15.13 26.96
C ALA B 19 -15.00 -16.52 26.99
N GLU B 20 -15.18 -17.06 28.19
CA GLU B 20 -15.78 -18.38 28.37
C GLU B 20 -16.96 -18.29 29.33
N GLU B 21 -18.15 -18.48 28.81
CA GLU B 21 -19.37 -18.40 29.59
C GLU B 21 -19.68 -19.79 30.12
N GLN B 22 -19.87 -19.92 31.43
CA GLN B 22 -20.13 -21.20 32.08
C GLN B 22 -21.61 -21.52 32.15
N LYS B 23 -22.43 -20.49 32.34
CA LYS B 23 -23.84 -20.64 32.61
C LYS B 23 -24.67 -20.36 31.36
N LEU B 24 -25.73 -21.12 31.15
CA LEU B 24 -26.66 -20.88 30.04
C LEU B 24 -27.24 -19.46 30.13
N PRO B 25 -26.98 -18.63 29.12
CA PRO B 25 -27.60 -17.30 29.12
C PRO B 25 -29.14 -17.30 29.13
N ILE B 26 -29.75 -16.30 29.78
CA ILE B 26 -31.23 -16.17 29.79
C ILE B 26 -31.68 -15.39 28.53
N ASN B 27 -32.63 -15.98 27.82
CA ASN B 27 -33.18 -15.42 26.61
C ASN B 27 -34.59 -16.00 26.51
N ALA B 28 -35.60 -15.19 26.18
CA ALA B 28 -36.98 -15.65 26.26
C ALA B 28 -37.23 -16.81 25.30
N LEU B 29 -36.67 -16.76 24.09
CA LEU B 29 -36.84 -17.89 23.16
C LEU B 29 -36.17 -19.17 23.64
N SER B 30 -34.98 -19.08 24.21
N SER B 30 -34.96 -19.07 24.18
CA SER B 30 -34.30 -20.27 24.71
CA SER B 30 -34.28 -20.23 24.74
C SER B 30 -35.00 -20.80 25.95
C SER B 30 -35.11 -20.79 25.88
N ASN B 31 -35.54 -19.89 26.77
CA ASN B 31 -36.32 -20.28 27.94
C ASN B 31 -37.63 -20.99 27.57
N SER B 32 -38.18 -20.67 26.40
CA SER B 32 -39.40 -21.32 25.94
C SER B 32 -39.17 -22.80 25.62
N LEU B 33 -37.93 -23.13 25.26
CA LEU B 33 -37.52 -24.52 25.11
C LEU B 33 -37.22 -25.21 26.43
N LEU B 34 -36.44 -24.53 27.28
CA LEU B 34 -35.89 -25.12 28.51
C LEU B 34 -35.79 -24.06 29.57
N ARG B 35 -36.50 -24.27 30.68
CA ARG B 35 -36.52 -23.29 31.77
C ARG B 35 -35.52 -23.51 32.89
N HIS B 36 -35.07 -24.75 33.10
CA HIS B 36 -34.12 -25.01 34.19
C HIS B 36 -32.68 -24.65 33.78
N HIS B 37 -32.45 -23.37 33.51
CA HIS B 37 -31.19 -22.92 32.95
C HIS B 37 -29.98 -23.19 33.87
N ASN B 38 -30.18 -23.25 35.18
CA ASN B 38 -29.06 -23.54 36.09
C ASN B 38 -28.56 -24.98 36.03
N MET B 39 -29.27 -25.84 35.31
N MET B 39 -29.31 -25.85 35.36
CA MET B 39 -28.81 -27.21 35.13
CA MET B 39 -28.89 -27.24 35.12
C MET B 39 -27.97 -27.36 33.89
C MET B 39 -27.90 -27.32 33.95
N VAL B 40 -27.87 -26.29 33.11
CA VAL B 40 -27.13 -26.35 31.84
C VAL B 40 -25.87 -25.54 31.94
N TYR B 41 -24.76 -26.16 31.55
CA TYR B 41 -23.48 -25.50 31.65
C TYR B 41 -22.62 -25.79 30.41
N SER B 42 -21.61 -24.94 30.22
CA SER B 42 -20.60 -25.17 29.21
C SER B 42 -19.31 -25.51 29.94
N THR B 43 -18.60 -26.52 29.45
CA THR B 43 -17.25 -26.78 29.91
C THR B 43 -16.40 -25.59 29.51
N THR B 44 -15.34 -25.35 30.29
CA THR B 44 -14.41 -24.28 30.01
C THR B 44 -13.01 -24.72 30.39
N SER B 45 -12.03 -23.88 30.06
CA SER B 45 -10.62 -24.15 30.37
C SER B 45 -10.37 -24.30 31.87
N ARG B 46 -11.32 -23.84 32.70
CA ARG B 46 -11.20 -23.95 34.15
C ARG B 46 -11.07 -25.40 34.62
N SER B 47 -11.61 -26.34 33.86
CA SER B 47 -11.56 -27.74 34.25
C SER B 47 -10.52 -28.53 33.46
N ALA B 48 -9.67 -27.84 32.70
CA ALA B 48 -8.75 -28.55 31.82
C ALA B 48 -7.78 -29.44 32.60
N CYS B 49 -7.34 -29.01 33.78
N CYS B 49 -7.36 -29.01 33.79
N CYS B 49 -7.34 -28.99 33.77
CA CYS B 49 -6.42 -29.80 34.61
CA CYS B 49 -6.41 -29.79 34.59
CA CYS B 49 -6.41 -29.76 34.57
C CYS B 49 -6.99 -31.16 34.95
C CYS B 49 -6.98 -31.15 35.00
C CYS B 49 -6.98 -31.13 34.96
N GLN B 50 -8.28 -31.22 35.22
CA GLN B 50 -8.92 -32.48 35.56
CA GLN B 50 -8.92 -32.49 35.54
C GLN B 50 -8.88 -33.44 34.36
N ARG B 51 -9.13 -32.90 33.16
N ARG B 51 -9.12 -32.91 33.17
CA ARG B 51 -9.04 -33.69 31.94
CA ARG B 51 -9.04 -33.72 31.96
C ARG B 51 -7.61 -34.14 31.69
C ARG B 51 -7.60 -34.13 31.67
N GLN B 52 -6.66 -33.21 31.86
CA GLN B 52 -5.23 -33.52 31.68
C GLN B 52 -4.84 -34.72 32.54
N LYS B 53 -5.31 -34.77 33.78
CA LYS B 53 -5.03 -35.89 34.67
C LYS B 53 -5.57 -37.21 34.07
N LYS B 54 -6.82 -37.21 33.64
CA LYS B 54 -7.45 -38.43 33.13
C LYS B 54 -6.74 -38.99 31.91
N VAL B 55 -6.31 -38.10 31.03
CA VAL B 55 -5.77 -38.50 29.74
C VAL B 55 -4.27 -38.85 29.78
N THR B 56 -3.65 -38.69 30.94
CA THR B 56 -2.21 -38.92 31.11
C THR B 56 -1.98 -40.23 31.83
N PHE B 57 -1.40 -41.17 31.11
CA PHE B 57 -1.06 -42.46 31.68
C PHE B 57 -0.06 -43.21 30.81
N ASP B 58 0.50 -44.26 31.40
CA ASP B 58 1.48 -45.08 30.73
C ASP B 58 0.74 -46.10 29.89
N ARG B 59 1.25 -46.36 28.70
CA ARG B 59 0.73 -47.38 27.80
C ARG B 59 1.64 -48.59 27.78
N LEU B 60 1.04 -49.75 27.97
CA LEU B 60 1.73 -51.03 27.85
C LEU B 60 1.08 -51.69 26.64
N GLN B 61 1.90 -52.17 25.71
CA GLN B 61 1.37 -52.77 24.50
C GLN B 61 2.15 -54.02 24.17
N VAL B 62 1.43 -55.12 24.02
CA VAL B 62 1.98 -56.40 23.62
C VAL B 62 1.13 -56.94 22.49
N LEU B 63 1.76 -57.09 21.33
CA LEU B 63 1.08 -57.53 20.12
C LEU B 63 1.36 -59.01 19.87
N ASP B 64 0.35 -59.74 19.44
CA ASP B 64 0.46 -61.17 19.24
C ASP B 64 0.18 -61.55 17.78
N SER B 65 0.15 -62.85 17.51
CA SER B 65 -0.06 -63.35 16.17
C SER B 65 -1.42 -62.96 15.59
N HIS B 66 -2.46 -62.88 16.44
CA HIS B 66 -3.77 -62.45 15.94
C HIS B 66 -3.72 -61.01 15.42
N TYR B 67 -3.05 -60.15 16.17
CA TYR B 67 -2.88 -58.77 15.77
C TYR B 67 -2.12 -58.69 14.44
N GLN B 68 -1.03 -59.43 14.35
CA GLN B 68 -0.21 -59.39 13.15
C GLN B 68 -0.94 -59.97 11.95
N ASP B 69 -1.77 -60.98 12.19
CA ASP B 69 -2.55 -61.58 11.10
C ASP B 69 -3.54 -60.56 10.56
N VAL B 70 -4.22 -59.86 11.48
CA VAL B 70 -5.20 -58.87 11.05
C VAL B 70 -4.51 -57.72 10.32
N LEU B 71 -3.36 -57.29 10.82
CA LEU B 71 -2.62 -56.20 10.18
C LEU B 71 -2.24 -56.57 8.75
N LYS B 72 -1.82 -57.82 8.52
CA LYS B 72 -1.52 -58.28 7.17
C LYS B 72 -2.72 -58.15 6.24
N GLU B 73 -3.91 -58.53 6.73
CA GLU B 73 -5.13 -58.41 5.95
C GLU B 73 -5.37 -56.95 5.58
N VAL B 74 -5.18 -56.08 6.55
CA VAL B 74 -5.44 -54.67 6.37
C VAL B 74 -4.51 -54.08 5.32
N LYS B 75 -3.24 -54.42 5.37
CA LYS B 75 -2.27 -53.91 4.43
C LYS B 75 -2.55 -54.43 3.03
N ALA B 76 -2.96 -55.69 2.94
CA ALA B 76 -3.34 -56.25 1.67
C ALA B 76 -4.56 -55.53 1.07
N ALA B 77 -5.56 -55.24 1.89
CA ALA B 77 -6.74 -54.51 1.40
C ALA B 77 -6.38 -53.10 0.99
N ALA B 78 -5.50 -52.45 1.77
CA ALA B 78 -5.05 -51.09 1.47
C ALA B 78 -4.33 -50.97 0.13
N SER B 79 -3.66 -52.06 -0.25
CA SER B 79 -2.84 -52.08 -1.47
C SER B 79 -3.66 -51.95 -2.76
N LYS B 80 -4.98 -52.13 -2.63
CA LYS B 80 -5.89 -51.95 -3.75
C LYS B 80 -6.30 -50.47 -3.95
N VAL B 81 -5.98 -49.59 -3.01
CA VAL B 81 -6.40 -48.20 -3.07
C VAL B 81 -5.43 -47.34 -3.87
N LYS B 82 -5.99 -46.47 -4.70
CA LYS B 82 -5.22 -45.41 -5.34
C LYS B 82 -5.79 -44.08 -4.85
N ALA B 83 -4.90 -43.24 -4.35
CA ALA B 83 -5.30 -41.95 -3.82
C ALA B 83 -4.47 -40.83 -4.43
N ASN B 84 -5.11 -39.69 -4.57
CA ASN B 84 -4.55 -38.52 -5.25
C ASN B 84 -4.16 -37.42 -4.29
N LEU B 85 -3.22 -36.60 -4.71
CA LEU B 85 -2.94 -35.35 -4.03
C LEU B 85 -4.10 -34.42 -4.31
N LEU B 86 -4.42 -33.56 -3.36
CA LEU B 86 -5.25 -32.41 -3.64
C LEU B 86 -4.39 -31.20 -3.96
N SER B 87 -4.86 -30.36 -4.88
CA SER B 87 -4.23 -29.08 -5.11
C SER B 87 -4.39 -28.14 -3.91
N VAL B 88 -3.56 -27.11 -3.84
CA VAL B 88 -3.72 -26.08 -2.81
C VAL B 88 -5.15 -25.53 -2.89
N GLU B 89 -5.60 -25.24 -4.10
CA GLU B 89 -6.95 -24.68 -4.29
C GLU B 89 -8.05 -25.58 -3.72
N GLU B 90 -7.99 -26.86 -4.05
CA GLU B 90 -8.94 -27.85 -3.55
C GLU B 90 -8.91 -27.92 -2.04
N ALA B 91 -7.71 -27.96 -1.48
CA ALA B 91 -7.57 -28.07 -0.04
C ALA B 91 -8.09 -26.81 0.65
N CYS B 92 -7.84 -25.64 0.06
CA CYS B 92 -8.35 -24.40 0.62
C CYS B 92 -9.88 -24.41 0.71
N SER B 93 -10.52 -24.97 -0.33
N SER B 93 -10.53 -24.97 -0.30
CA SER B 93 -11.99 -25.00 -0.43
CA SER B 93 -11.99 -24.91 -0.34
C SER B 93 -12.62 -25.88 0.65
C SER B 93 -12.66 -25.96 0.56
N LEU B 94 -11.85 -26.83 1.17
CA LEU B 94 -12.33 -27.76 2.21
C LEU B 94 -12.18 -27.16 3.61
N THR B 95 -11.65 -25.94 3.71
CA THR B 95 -11.41 -25.32 5.00
C THR B 95 -12.70 -24.66 5.49
N PRO B 96 -13.14 -24.98 6.72
CA PRO B 96 -14.35 -24.34 7.26
C PRO B 96 -14.22 -22.83 7.43
N PRO B 97 -15.31 -22.07 7.17
CA PRO B 97 -15.27 -20.62 7.29
C PRO B 97 -14.78 -20.08 8.63
N HIS B 98 -14.99 -20.84 9.71
CA HIS B 98 -14.55 -20.39 11.04
C HIS B 98 -13.46 -21.28 11.61
N SER B 99 -12.70 -21.90 10.72
CA SER B 99 -11.49 -22.64 11.11
C SER B 99 -10.52 -21.72 11.89
N ALA B 100 -9.79 -22.29 12.84
CA ALA B 100 -8.90 -21.47 13.69
C ALA B 100 -7.85 -20.70 12.92
N ARG B 101 -7.75 -19.42 13.21
CA ARG B 101 -6.82 -18.53 12.53
C ARG B 101 -5.37 -19.04 12.66
N SER B 102 -4.57 -18.79 11.64
CA SER B 102 -3.15 -19.09 11.70
C SER B 102 -2.41 -18.14 12.64
N LYS B 103 -1.32 -18.64 13.20
CA LYS B 103 -0.40 -17.81 13.95
C LYS B 103 0.43 -16.91 13.05
N PHE B 104 0.36 -17.17 11.73
CA PHE B 104 1.19 -16.45 10.77
C PHE B 104 0.43 -15.39 9.98
N GLY B 105 -0.61 -14.83 10.60
CA GLY B 105 -1.22 -13.59 10.11
C GLY B 105 -2.26 -13.70 9.01
N TYR B 106 -2.95 -14.83 8.96
CA TYR B 106 -4.08 -15.03 8.04
C TYR B 106 -5.04 -16.03 8.67
N GLY B 107 -6.28 -16.04 8.17
CA GLY B 107 -7.35 -16.85 8.72
C GLY B 107 -8.09 -17.67 7.68
N ALA B 108 -9.16 -18.31 8.12
CA ALA B 108 -9.92 -19.19 7.25
C ALA B 108 -10.47 -18.48 6.01
N LYS B 109 -10.98 -17.26 6.20
CA LYS B 109 -11.51 -16.47 5.09
C LYS B 109 -10.45 -16.24 4.02
N ASP B 110 -9.22 -15.96 4.45
CA ASP B 110 -8.08 -15.77 3.55
C ASP B 110 -7.74 -17.05 2.79
N VAL B 111 -7.77 -18.17 3.49
CA VAL B 111 -7.51 -19.47 2.86
C VAL B 111 -8.59 -19.74 1.80
N ARG B 112 -9.84 -19.55 2.17
CA ARG B 112 -10.96 -19.85 1.27
C ARG B 112 -11.01 -18.98 0.01
N CYS B 113 -10.52 -17.74 0.11
N CYS B 113 -10.51 -17.75 0.12
CA CYS B 113 -10.45 -16.86 -1.06
CA CYS B 113 -10.43 -16.83 -1.01
C CYS B 113 -9.06 -16.86 -1.68
C CYS B 113 -9.07 -16.89 -1.72
N HIS B 114 -8.22 -17.82 -1.27
CA HIS B 114 -6.90 -18.03 -1.86
C HIS B 114 -6.04 -16.78 -1.85
N ALA B 115 -6.10 -16.06 -0.73
CA ALA B 115 -5.36 -14.83 -0.56
C ALA B 115 -3.86 -15.08 -0.65
N ARG B 116 -3.15 -14.12 -1.21
CA ARG B 116 -1.71 -14.22 -1.39
C ARG B 116 -0.99 -14.68 -0.13
N LYS B 117 -1.27 -14.00 0.98
CA LYS B 117 -0.57 -14.26 2.24
C LYS B 117 -0.79 -15.71 2.69
N ALA B 118 -2.02 -16.15 2.64
CA ALA B 118 -2.38 -17.52 3.03
C ALA B 118 -1.68 -18.53 2.12
N VAL B 119 -1.80 -18.33 0.81
CA VAL B 119 -1.24 -19.26 -0.15
C VAL B 119 0.29 -19.28 -0.10
N THR B 120 0.91 -18.12 0.12
CA THR B 120 2.35 -18.06 0.24
C THR B 120 2.82 -18.94 1.39
N HIS B 121 2.17 -18.78 2.52
CA HIS B 121 2.51 -19.58 3.68
C HIS B 121 2.25 -21.07 3.45
N ILE B 122 1.12 -21.41 2.85
CA ILE B 122 0.80 -22.83 2.62
C ILE B 122 1.86 -23.49 1.73
N ASN B 123 2.24 -22.81 0.65
CA ASN B 123 3.29 -23.32 -0.23
C ASN B 123 4.60 -23.55 0.53
N SER B 124 4.92 -22.64 1.46
CA SER B 124 6.15 -22.75 2.25
C SER B 124 6.07 -23.93 3.22
N VAL B 125 4.88 -24.18 3.74
CA VAL B 125 4.68 -25.32 4.64
C VAL B 125 4.87 -26.63 3.87
N TRP B 126 4.28 -26.69 2.68
CA TRP B 126 4.40 -27.88 1.82
C TRP B 126 5.86 -28.15 1.49
N LYS B 127 6.59 -27.10 1.08
CA LYS B 127 8.00 -27.25 0.75
C LYS B 127 8.77 -27.78 1.95
N ASP B 128 8.47 -27.24 3.12
CA ASP B 128 9.12 -27.66 4.35
C ASP B 128 8.82 -29.12 4.72
N LEU B 129 7.59 -29.58 4.46
CA LEU B 129 7.28 -30.99 4.66
C LEU B 129 8.09 -31.88 3.71
N LEU B 130 8.36 -31.38 2.52
CA LEU B 130 9.11 -32.16 1.56
C LEU B 130 10.60 -32.20 1.89
N GLU B 131 11.08 -31.18 2.61
CA GLU B 131 12.50 -31.02 2.89
C GLU B 131 12.95 -31.46 4.29
N ASP B 132 12.00 -31.50 5.22
CA ASP B 132 12.28 -31.80 6.63
C ASP B 132 11.30 -32.88 7.07
N SER B 133 11.83 -34.05 7.42
CA SER B 133 10.98 -35.16 7.85
C SER B 133 11.10 -35.44 9.34
N VAL B 134 11.74 -34.55 10.10
CA VAL B 134 12.07 -34.83 11.49
C VAL B 134 11.62 -33.80 12.54
N THR B 135 11.63 -32.51 12.23
CA THR B 135 11.41 -31.50 13.28
C THR B 135 9.97 -31.50 13.74
N PRO B 136 9.73 -31.79 15.03
CA PRO B 136 8.34 -31.76 15.45
C PRO B 136 7.62 -30.46 15.14
N ILE B 137 6.38 -30.61 14.70
CA ILE B 137 5.50 -29.49 14.38
C ILE B 137 4.71 -29.05 15.61
N ASP B 138 4.64 -27.75 15.83
CA ASP B 138 3.92 -27.23 16.99
C ASP B 138 2.44 -27.54 16.87
N THR B 139 1.79 -27.76 18.02
CA THR B 139 0.34 -27.82 18.07
C THR B 139 -0.16 -26.91 19.16
N THR B 140 -1.41 -26.48 19.01
CA THR B 140 -2.12 -25.79 20.07
C THR B 140 -3.00 -26.77 20.82
N ILE B 141 -3.05 -26.62 22.14
CA ILE B 141 -3.96 -27.33 23.00
C ILE B 141 -4.99 -26.32 23.52
N MET B 142 -6.26 -26.63 23.30
CA MET B 142 -7.39 -25.81 23.78
C MET B 142 -8.39 -26.69 24.53
N ALA B 143 -9.12 -26.08 25.45
CA ALA B 143 -10.23 -26.73 26.12
C ALA B 143 -11.47 -26.45 25.30
N LYS B 144 -12.18 -27.50 24.92
CA LYS B 144 -13.43 -27.34 24.19
C LYS B 144 -14.50 -26.77 25.11
N ASN B 145 -15.32 -25.87 24.56
CA ASN B 145 -16.49 -25.38 25.26
C ASN B 145 -17.69 -26.14 24.73
N GLU B 146 -18.16 -27.12 25.50
CA GLU B 146 -19.30 -27.93 25.10
C GLU B 146 -20.34 -27.93 26.17
N VAL B 147 -21.60 -27.95 25.75
CA VAL B 147 -22.71 -27.80 26.66
C VAL B 147 -23.32 -29.14 27.07
N PHE B 148 -23.66 -29.23 28.36
CA PHE B 148 -24.24 -30.42 28.97
C PHE B 148 -25.22 -30.02 30.07
N CYS B 149 -25.92 -31.02 30.57
CA CYS B 149 -26.80 -30.91 31.72
C CYS B 149 -26.07 -31.51 32.92
N VAL B 150 -26.18 -30.90 34.10
CA VAL B 150 -25.54 -31.43 35.32
C VAL B 150 -26.03 -32.82 35.71
N GLN B 151 -25.20 -33.53 36.50
CA GLN B 151 -25.56 -34.84 37.07
C GLN B 151 -25.09 -35.00 38.53
N PRO B 152 -25.85 -34.44 39.48
CA PRO B 152 -25.54 -34.64 40.91
C PRO B 152 -26.06 -35.98 41.45
N GLY B 156 -21.81 -33.88 39.39
CA GLY B 156 -21.69 -32.49 38.98
C GLY B 156 -21.44 -32.30 37.48
N ARG B 157 -20.22 -31.91 37.13
CA ARG B 157 -19.89 -31.44 35.78
C ARG B 157 -18.71 -32.17 35.16
N LYS B 158 -18.84 -32.45 33.87
CA LYS B 158 -17.77 -33.05 33.09
C LYS B 158 -16.67 -32.00 32.92
N PRO B 159 -15.39 -32.41 33.01
CA PRO B 159 -14.35 -31.48 32.58
C PRO B 159 -14.32 -31.30 31.07
N ALA B 160 -13.75 -30.19 30.64
CA ALA B 160 -13.61 -29.91 29.23
C ALA B 160 -12.80 -30.99 28.54
N ARG B 161 -13.23 -31.39 27.35
CA ARG B 161 -12.41 -32.20 26.47
C ARG B 161 -11.32 -31.28 25.92
N LEU B 162 -10.18 -31.87 25.61
CA LEU B 162 -9.06 -31.12 25.04
C LEU B 162 -9.01 -31.40 23.55
N ILE B 163 -8.67 -30.38 22.78
CA ILE B 163 -8.41 -30.53 21.34
C ILE B 163 -6.96 -30.10 21.08
N VAL B 164 -6.25 -30.87 20.25
CA VAL B 164 -4.85 -30.63 19.95
C VAL B 164 -4.74 -30.55 18.43
N PHE B 165 -4.29 -29.40 17.93
CA PHE B 165 -4.28 -29.14 16.50
C PHE B 165 -3.11 -28.31 16.01
N PRO B 166 -2.63 -28.60 14.78
CA PRO B 166 -1.55 -27.82 14.23
C PRO B 166 -2.07 -26.55 13.60
N ASP B 167 -1.16 -25.72 13.14
CA ASP B 167 -1.55 -24.45 12.54
C ASP B 167 -2.34 -24.61 11.24
N LEU B 168 -3.19 -23.63 10.95
CA LEU B 168 -3.99 -23.62 9.72
C LEU B 168 -3.21 -23.99 8.46
N GLY B 169 -2.00 -23.46 8.28
CA GLY B 169 -1.23 -23.78 7.08
C GLY B 169 -0.91 -25.27 6.99
N VAL B 170 -0.58 -25.88 8.13
CA VAL B 170 -0.31 -27.31 8.18
C VAL B 170 -1.60 -28.10 7.87
N ARG B 171 -2.75 -27.63 8.39
CA ARG B 171 -4.01 -28.33 8.16
C ARG B 171 -4.36 -28.34 6.68
N VAL B 172 -4.06 -27.26 5.96
CA VAL B 172 -4.30 -27.25 4.52
C VAL B 172 -3.40 -28.30 3.84
N CYS B 173 -2.13 -28.37 4.25
CA CYS B 173 -1.22 -29.38 3.71
C CYS B 173 -1.63 -30.81 4.07
N GLU B 174 -2.22 -31.02 5.24
CA GLU B 174 -2.74 -32.35 5.58
C GLU B 174 -3.79 -32.77 4.56
N LYS B 175 -4.67 -31.84 4.20
CA LYS B 175 -5.69 -32.12 3.20
C LYS B 175 -5.06 -32.49 1.87
N MET B 176 -4.07 -31.71 1.43
N MET B 176 -4.08 -31.70 1.44
CA MET B 176 -3.44 -32.01 0.14
CA MET B 176 -3.39 -31.96 0.18
C MET B 176 -2.86 -33.42 0.13
C MET B 176 -2.88 -33.40 0.15
N ALA B 177 -2.18 -33.81 1.21
CA ALA B 177 -1.51 -35.12 1.27
C ALA B 177 -2.46 -36.28 1.51
N LEU B 178 -3.51 -36.05 2.29
CA LEU B 178 -4.24 -37.15 2.92
C LEU B 178 -5.75 -37.12 2.81
N TYR B 179 -6.35 -36.05 2.30
CA TYR B 179 -7.81 -36.00 2.26
C TYR B 179 -8.37 -37.20 1.47
N ASP B 180 -7.77 -37.48 0.32
CA ASP B 180 -8.25 -38.57 -0.51
C ASP B 180 -8.03 -39.92 0.19
N VAL B 181 -6.89 -40.05 0.87
CA VAL B 181 -6.59 -41.27 1.59
C VAL B 181 -7.60 -41.55 2.71
N VAL B 182 -7.83 -40.56 3.56
CA VAL B 182 -8.71 -40.82 4.72
C VAL B 182 -10.18 -40.94 4.30
N SER B 183 -10.48 -40.49 3.07
CA SER B 183 -11.83 -40.61 2.52
C SER B 183 -12.09 -42.02 1.95
N LYS B 184 -11.05 -42.65 1.41
CA LYS B 184 -11.18 -43.92 0.66
C LYS B 184 -10.76 -45.14 1.48
N LEU B 185 -9.77 -44.95 2.33
CA LEU B 185 -9.07 -46.08 2.91
C LEU B 185 -9.91 -46.91 3.91
N PRO B 186 -10.63 -46.24 4.83
CA PRO B 186 -11.35 -47.08 5.79
C PRO B 186 -12.32 -48.09 5.15
N GLN B 187 -13.11 -47.68 4.18
CA GLN B 187 -14.05 -48.61 3.58
C GLN B 187 -13.29 -49.67 2.78
N ALA B 188 -12.19 -49.27 2.16
CA ALA B 188 -11.37 -50.24 1.41
C ALA B 188 -10.83 -51.34 2.33
N VAL B 189 -10.47 -50.97 3.55
CA VAL B 189 -9.90 -51.92 4.51
C VAL B 189 -10.95 -52.77 5.22
N MET B 190 -12.05 -52.14 5.63
N MET B 190 -12.04 -52.15 5.62
CA MET B 190 -13.06 -52.75 6.52
CA MET B 190 -13.00 -52.75 6.56
C MET B 190 -14.31 -53.26 5.83
C MET B 190 -14.37 -53.06 5.93
N GLY B 191 -14.57 -52.71 4.66
CA GLY B 191 -15.78 -53.01 3.97
C GLY B 191 -16.99 -52.57 4.76
N SER B 192 -17.94 -53.49 4.88
CA SER B 192 -19.22 -53.21 5.53
C SER B 192 -19.11 -52.78 6.99
N SER B 193 -17.98 -53.07 7.64
CA SER B 193 -17.78 -52.72 9.06
C SER B 193 -17.49 -51.23 9.30
N TYR B 194 -17.21 -50.49 8.23
CA TYR B 194 -16.92 -49.06 8.37
C TYR B 194 -18.21 -48.30 8.51
N GLY B 195 -18.45 -47.75 9.70
CA GLY B 195 -19.76 -47.17 9.99
C GLY B 195 -20.10 -45.89 9.24
N PHE B 196 -19.09 -45.13 8.87
CA PHE B 196 -19.33 -43.80 8.33
C PHE B 196 -19.83 -43.83 6.89
N GLN B 197 -19.89 -45.01 6.28
CA GLN B 197 -20.44 -45.14 4.93
C GLN B 197 -21.96 -45.15 4.91
N TYR B 198 -22.58 -45.19 6.10
CA TYR B 198 -24.03 -45.38 6.22
C TYR B 198 -24.77 -44.12 6.61
N SER B 199 -25.89 -43.88 5.96
CA SER B 199 -26.86 -42.91 6.46
C SER B 199 -27.48 -43.49 7.74
N PRO B 200 -28.21 -42.64 8.49
CA PRO B 200 -28.89 -43.18 9.66
C PRO B 200 -29.80 -44.38 9.37
N GLY B 201 -30.59 -44.29 8.30
CA GLY B 201 -31.45 -45.38 7.89
C GLY B 201 -30.67 -46.64 7.54
N GLN B 202 -29.52 -46.45 6.88
CA GLN B 202 -28.66 -47.60 6.55
C GLN B 202 -27.97 -48.19 7.78
N ARG B 203 -27.66 -47.34 8.76
CA ARG B 203 -27.02 -47.82 9.97
C ARG B 203 -27.98 -48.69 10.78
N VAL B 204 -29.21 -48.23 10.93
CA VAL B 204 -30.19 -49.05 11.63
C VAL B 204 -30.45 -50.36 10.89
N GLU B 205 -30.54 -50.30 9.56
CA GLU B 205 -30.70 -51.51 8.74
C GLU B 205 -29.54 -52.48 8.98
N PHE B 206 -28.32 -51.96 8.99
CA PHE B 206 -27.13 -52.79 9.27
C PHE B 206 -27.27 -53.52 10.61
N LEU B 207 -27.62 -52.78 11.67
CA LEU B 207 -27.66 -53.34 13.03
C LEU B 207 -28.75 -54.39 13.15
N VAL B 208 -29.91 -54.09 12.58
CA VAL B 208 -31.04 -55.00 12.65
C VAL B 208 -30.73 -56.25 11.84
N GLN B 209 -30.17 -56.09 10.65
CA GLN B 209 -29.81 -57.24 9.82
C GLN B 209 -28.74 -58.07 10.51
N ALA B 210 -27.76 -57.43 11.13
CA ALA B 210 -26.72 -58.17 11.84
C ALA B 210 -27.36 -59.00 12.95
N TRP B 211 -28.25 -58.37 13.69
CA TRP B 211 -28.89 -59.01 14.83
C TRP B 211 -29.71 -60.22 14.37
N LYS B 212 -30.48 -60.02 13.30
CA LYS B 212 -31.32 -61.09 12.78
C LYS B 212 -30.52 -62.24 12.16
N SER B 213 -29.26 -62.00 11.81
CA SER B 213 -28.43 -63.00 11.10
C SER B 213 -27.84 -64.06 12.04
N LYS B 214 -28.03 -63.89 13.33
CA LYS B 214 -27.57 -64.85 14.32
C LYS B 214 -28.73 -65.70 14.79
N LYS B 215 -28.44 -66.96 15.08
CA LYS B 215 -29.43 -67.90 15.63
C LYS B 215 -29.87 -67.40 17.00
N SER B 216 -28.88 -67.08 17.83
CA SER B 216 -29.09 -66.55 19.17
C SER B 216 -28.11 -65.37 19.34
N PRO B 217 -28.54 -64.16 18.97
CA PRO B 217 -27.60 -63.05 18.97
C PRO B 217 -27.21 -62.59 20.36
N MET B 218 -25.94 -62.18 20.48
CA MET B 218 -25.42 -61.45 21.64
C MET B 218 -24.63 -60.29 21.08
N GLY B 219 -24.69 -59.14 21.74
CA GLY B 219 -23.96 -57.99 21.25
C GLY B 219 -23.47 -57.14 22.38
N PHE B 220 -22.47 -56.33 22.08
CA PHE B 220 -21.92 -55.39 23.04
C PHE B 220 -21.28 -54.20 22.36
N SER B 221 -21.13 -53.14 23.13
CA SER B 221 -20.35 -51.98 22.72
C SER B 221 -19.11 -52.03 23.58
N TYR B 222 -17.96 -51.64 23.03
CA TYR B 222 -16.74 -51.61 23.82
C TYR B 222 -16.30 -50.17 23.94
N ASP B 223 -16.23 -49.71 25.18
CA ASP B 223 -15.88 -48.32 25.52
C ASP B 223 -14.43 -48.28 25.96
N THR B 224 -13.54 -47.86 25.08
CA THR B 224 -12.14 -47.69 25.44
C THR B 224 -11.99 -46.43 26.29
N ARG B 225 -11.24 -46.55 27.38
CA ARG B 225 -10.96 -45.39 28.22
C ARG B 225 -9.94 -44.48 27.52
N CYS B 226 -10.35 -43.23 27.28
N CYS B 226 -10.38 -43.26 27.26
CA CYS B 226 -9.49 -42.24 26.62
CA CYS B 226 -9.57 -42.23 26.59
C CYS B 226 -8.76 -42.80 25.40
C CYS B 226 -8.79 -42.80 25.41
N PHE B 227 -9.52 -43.20 24.38
CA PHE B 227 -8.94 -43.88 23.23
C PHE B 227 -7.74 -43.15 22.63
N ASP B 228 -7.84 -41.84 22.41
CA ASP B 228 -6.72 -41.10 21.81
C ASP B 228 -5.43 -41.31 22.61
N SER B 229 -5.55 -41.28 23.94
CA SER B 229 -4.41 -41.51 24.80
C SER B 229 -3.86 -42.93 24.72
N THR B 230 -4.69 -43.89 24.33
CA THR B 230 -4.24 -45.28 24.25
C THR B 230 -3.46 -45.57 22.98
N VAL B 231 -3.59 -44.70 21.98
CA VAL B 231 -2.93 -44.87 20.71
C VAL B 231 -1.45 -44.61 20.90
N THR B 232 -0.64 -45.60 20.57
CA THR B 232 0.80 -45.55 20.81
C THR B 232 1.56 -45.03 19.61
N GLU B 233 2.83 -44.73 19.82
CA GLU B 233 3.67 -44.27 18.72
C GLU B 233 3.78 -45.35 17.63
N SER B 234 3.92 -46.62 18.02
CA SER B 234 3.92 -47.71 17.06
C SER B 234 2.57 -47.83 16.30
N ASP B 235 1.45 -47.58 16.99
CA ASP B 235 0.14 -47.62 16.34
C ASP B 235 0.13 -46.60 15.21
N ILE B 236 0.65 -45.42 15.50
CA ILE B 236 0.62 -44.31 14.54
C ILE B 236 1.59 -44.56 13.40
N ARG B 237 2.75 -45.12 13.69
CA ARG B 237 3.68 -45.53 12.63
C ARG B 237 3.11 -46.69 11.79
N THR B 238 2.30 -47.55 12.41
CA THR B 238 1.58 -48.58 11.65
C THR B 238 0.54 -47.96 10.72
N GLU B 239 -0.17 -46.94 11.17
N GLU B 239 -0.17 -46.94 11.17
CA GLU B 239 -1.13 -46.28 10.31
CA GLU B 239 -1.16 -46.28 10.31
C GLU B 239 -0.42 -45.74 9.09
C GLU B 239 -0.43 -45.71 9.09
N GLU B 240 0.76 -45.16 9.31
CA GLU B 240 1.55 -44.62 8.22
C GLU B 240 1.90 -45.70 7.22
N ALA B 241 2.29 -46.87 7.72
CA ALA B 241 2.66 -47.99 6.85
C ALA B 241 1.47 -48.45 6.02
N ILE B 242 0.29 -48.43 6.64
CA ILE B 242 -0.93 -48.75 5.92
C ILE B 242 -1.22 -47.71 4.83
N TYR B 243 -1.11 -46.42 5.15
CA TYR B 243 -1.29 -45.37 4.12
C TYR B 243 -0.36 -45.60 2.94
N GLN B 244 0.88 -45.97 3.22
CA GLN B 244 1.88 -46.16 2.15
C GLN B 244 1.62 -47.41 1.30
N CYS B 245 0.70 -48.26 1.71
CA CYS B 245 0.29 -49.40 0.89
C CYS B 245 -0.51 -48.97 -0.35
N CYS B 246 -1.11 -47.78 -0.31
CA CYS B 246 -1.85 -47.25 -1.43
C CYS B 246 -0.90 -46.86 -2.57
N ASP B 247 -1.45 -46.75 -3.78
CA ASP B 247 -0.78 -46.14 -4.90
C ASP B 247 -0.94 -44.64 -4.74
N LEU B 248 0.19 -43.99 -4.45
CA LEU B 248 0.24 -42.58 -4.10
C LEU B 248 1.25 -41.84 -4.96
N ASP B 249 1.04 -40.53 -5.09
CA ASP B 249 1.98 -39.64 -5.75
C ASP B 249 3.28 -39.59 -4.97
N PRO B 250 4.42 -39.50 -5.67
CA PRO B 250 5.70 -39.39 -4.97
C PRO B 250 5.76 -38.32 -3.90
N GLN B 251 5.23 -37.13 -4.17
CA GLN B 251 5.25 -36.08 -3.14
C GLN B 251 4.31 -36.40 -1.99
N ALA B 252 3.18 -37.05 -2.27
CA ALA B 252 2.30 -37.47 -1.18
C ALA B 252 3.02 -38.44 -0.25
N ARG B 253 3.79 -39.38 -0.79
CA ARG B 253 4.49 -40.31 0.10
C ARG B 253 5.46 -39.60 1.03
N VAL B 254 6.17 -38.60 0.50
CA VAL B 254 7.12 -37.83 1.33
C VAL B 254 6.36 -37.04 2.41
N ALA B 255 5.32 -36.32 2.00
CA ALA B 255 4.55 -35.51 2.95
C ALA B 255 3.88 -36.35 4.04
N ILE B 256 3.39 -37.54 3.68
CA ILE B 256 2.71 -38.41 4.63
C ILE B 256 3.69 -38.88 5.70
N LYS B 257 4.91 -39.22 5.27
CA LYS B 257 5.94 -39.64 6.21
C LYS B 257 6.33 -38.47 7.12
N SER B 258 6.54 -37.28 6.55
CA SER B 258 6.89 -36.11 7.36
C SER B 258 5.78 -35.77 8.35
N LEU B 259 4.54 -35.78 7.88
CA LEU B 259 3.40 -35.53 8.78
C LEU B 259 3.33 -36.56 9.88
N THR B 260 3.62 -37.82 9.57
CA THR B 260 3.58 -38.83 10.60
C THR B 260 4.68 -38.57 11.64
N GLU B 261 5.90 -38.39 11.18
CA GLU B 261 7.02 -38.29 12.10
C GLU B 261 7.06 -36.95 12.86
N ARG B 262 6.57 -35.90 12.23
CA ARG B 262 6.62 -34.57 12.82
C ARG B 262 5.36 -34.13 13.54
N LEU B 263 4.24 -34.78 13.25
CA LEU B 263 2.96 -34.36 13.80
C LEU B 263 2.20 -35.53 14.41
N TYR B 264 1.90 -36.54 13.62
CA TYR B 264 0.96 -37.54 14.11
C TYR B 264 1.50 -38.35 15.28
N VAL B 265 2.80 -38.68 15.25
CA VAL B 265 3.37 -39.56 16.27
C VAL B 265 3.59 -38.81 17.60
N GLY B 266 3.53 -37.50 17.56
CA GLY B 266 3.74 -36.71 18.76
C GLY B 266 4.27 -35.31 18.47
N GLY B 267 4.40 -34.54 19.54
CA GLY B 267 4.96 -33.22 19.41
C GLY B 267 4.59 -32.30 20.56
N PRO B 268 5.18 -31.11 20.54
CA PRO B 268 4.96 -30.21 21.65
C PRO B 268 3.57 -29.58 21.60
N LEU B 269 3.10 -29.20 22.78
CA LEU B 269 1.78 -28.61 23.00
C LEU B 269 1.97 -27.19 23.49
N THR B 270 1.31 -26.25 22.82
CA THR B 270 1.42 -24.84 23.14
C THR B 270 0.05 -24.28 23.47
N ASN B 271 -0.07 -23.47 24.52
CA ASN B 271 -1.38 -22.93 24.87
C ASN B 271 -1.70 -21.69 24.05
N SER B 272 -2.88 -21.10 24.28
CA SER B 272 -3.30 -19.94 23.50
C SER B 272 -2.43 -18.69 23.77
N LYS B 273 -1.72 -18.69 24.90
CA LYS B 273 -0.81 -17.60 25.22
C LYS B 273 0.60 -17.82 24.65
N GLY B 274 0.78 -18.92 23.93
CA GLY B 274 2.09 -19.27 23.34
C GLY B 274 3.05 -19.95 24.29
N GLU B 275 2.55 -20.40 25.44
CA GLU B 275 3.36 -21.07 26.46
C GLU B 275 3.46 -22.56 26.19
N ASN B 276 4.62 -23.15 26.45
CA ASN B 276 4.84 -24.58 26.29
C ASN B 276 4.16 -25.34 27.42
N CYS B 277 3.17 -26.16 27.08
CA CYS B 277 2.38 -26.89 28.07
C CYS B 277 2.88 -28.31 28.29
N GLY B 278 3.65 -28.83 27.34
CA GLY B 278 4.08 -30.21 27.43
C GLY B 278 4.28 -30.87 26.10
N TYR B 279 4.25 -32.20 26.11
CA TYR B 279 4.57 -33.00 24.93
C TYR B 279 3.63 -34.19 24.84
N ARG B 280 3.17 -34.46 23.61
CA ARG B 280 2.24 -35.53 23.31
C ARG B 280 2.96 -36.70 22.65
N ARG B 281 2.63 -37.91 23.08
N ARG B 281 2.59 -37.91 23.05
CA ARG B 281 3.09 -39.12 22.40
CA ARG B 281 3.10 -39.15 22.47
C ARG B 281 1.93 -40.08 22.22
C ARG B 281 1.98 -40.10 22.07
N CYS B 282 0.81 -39.52 21.77
CA CYS B 282 -0.38 -40.28 21.45
C CYS B 282 -1.13 -39.57 20.33
N ARG B 283 -2.35 -40.02 20.03
CA ARG B 283 -3.14 -39.42 18.97
C ARG B 283 -3.45 -37.95 19.24
N ALA B 284 -3.20 -37.10 18.24
CA ALA B 284 -3.74 -35.74 18.27
C ALA B 284 -5.21 -35.80 17.93
N SER B 285 -6.03 -35.15 18.75
CA SER B 285 -7.46 -35.15 18.58
C SER B 285 -7.95 -34.25 17.44
N GLY B 286 -7.12 -33.30 17.02
CA GLY B 286 -7.50 -32.32 16.01
C GLY B 286 -6.65 -32.34 14.76
N VAL B 287 -6.47 -33.53 14.18
CA VAL B 287 -5.80 -33.64 12.88
C VAL B 287 -6.70 -34.36 11.85
N LEU B 288 -6.35 -34.28 10.57
CA LEU B 288 -7.19 -34.87 9.53
C LEU B 288 -7.31 -36.37 9.71
N THR B 289 -6.26 -36.98 10.25
CA THR B 289 -6.20 -38.44 10.35
C THR B 289 -6.80 -38.99 11.64
N THR B 290 -7.35 -38.13 12.50
CA THR B 290 -7.85 -38.62 13.78
C THR B 290 -8.96 -39.68 13.56
N SER B 291 -9.93 -39.39 12.71
CA SER B 291 -11.05 -40.31 12.51
C SER B 291 -10.60 -41.60 11.83
N CYS B 292 -9.87 -41.47 10.72
CA CYS B 292 -9.40 -42.66 9.98
C CYS B 292 -8.45 -43.50 10.81
N GLY B 293 -7.49 -42.83 11.44
CA GLY B 293 -6.53 -43.51 12.31
C GLY B 293 -7.25 -44.26 13.40
N ASN B 294 -8.15 -43.58 14.10
CA ASN B 294 -8.84 -44.23 15.21
C ASN B 294 -9.65 -45.43 14.73
N THR B 295 -10.32 -45.27 13.59
CA THR B 295 -11.16 -46.31 13.03
C THR B 295 -10.30 -47.51 12.66
N LEU B 296 -9.22 -47.27 11.93
CA LEU B 296 -8.33 -48.36 11.53
C LEU B 296 -7.78 -49.09 12.74
N THR B 297 -7.25 -48.31 13.69
CA THR B 297 -6.60 -48.89 14.88
C THR B 297 -7.59 -49.63 15.78
N CYS B 298 -8.77 -49.05 15.96
CA CYS B 298 -9.81 -49.75 16.68
C CYS B 298 -10.21 -51.06 16.00
N TYR B 299 -10.39 -51.02 14.68
CA TYR B 299 -10.76 -52.20 13.91
C TYR B 299 -9.72 -53.31 14.02
N ILE B 300 -8.44 -52.97 13.87
CA ILE B 300 -7.37 -53.96 13.93
C ILE B 300 -7.35 -54.63 15.29
N LYS B 301 -7.34 -53.82 16.34
CA LYS B 301 -7.28 -54.34 17.69
C LYS B 301 -8.51 -55.17 18.01
N ALA B 302 -9.68 -54.67 17.63
CA ALA B 302 -10.95 -55.37 17.88
C ALA B 302 -11.09 -56.68 17.11
N ARG B 303 -10.70 -56.68 15.85
CA ARG B 303 -10.84 -57.88 15.04
C ARG B 303 -9.91 -58.97 15.58
N ALA B 304 -8.71 -58.57 15.97
CA ALA B 304 -7.76 -59.51 16.57
C ALA B 304 -8.30 -60.02 17.92
N ALA B 305 -8.82 -59.09 18.73
CA ALA B 305 -9.36 -59.43 20.06
C ALA B 305 -10.51 -60.42 19.99
N CYS B 306 -11.32 -60.30 18.95
CA CYS B 306 -12.45 -61.23 18.75
C CYS B 306 -11.93 -62.64 18.57
N ARG B 307 -10.81 -62.76 17.86
CA ARG B 307 -10.20 -64.07 17.62
C ARG B 307 -9.66 -64.63 18.91
N ALA B 308 -8.94 -63.82 19.66
CA ALA B 308 -8.36 -64.25 20.92
C ALA B 308 -9.48 -64.66 21.90
N ALA B 309 -10.59 -63.92 21.87
CA ALA B 309 -11.70 -64.14 22.77
C ALA B 309 -12.58 -65.34 22.41
N GLY B 310 -12.39 -65.91 21.24
CA GLY B 310 -13.22 -67.03 20.78
C GLY B 310 -14.67 -66.67 20.48
N LEU B 311 -14.91 -65.41 20.11
CA LEU B 311 -16.25 -64.98 19.72
C LEU B 311 -16.60 -65.57 18.35
N GLN B 312 -17.84 -66.04 18.22
CA GLN B 312 -18.27 -66.76 17.04
C GLN B 312 -19.11 -65.89 16.10
N ASP B 313 -18.78 -65.90 14.82
CA ASP B 313 -19.62 -65.29 13.78
C ASP B 313 -19.86 -63.81 14.07
N CYS B 314 -18.77 -63.10 14.33
CA CYS B 314 -18.87 -61.69 14.68
C CYS B 314 -19.18 -60.84 13.49
N THR B 315 -20.04 -59.87 13.72
CA THR B 315 -20.26 -58.74 12.84
C THR B 315 -19.83 -57.51 13.63
N MET B 316 -18.97 -56.68 13.05
CA MET B 316 -18.46 -55.50 13.74
C MET B 316 -18.89 -54.24 13.00
N LEU B 317 -19.12 -53.18 13.77
CA LEU B 317 -19.39 -51.87 13.22
C LEU B 317 -18.49 -50.89 13.95
N VAL B 318 -17.61 -50.23 13.21
CA VAL B 318 -16.59 -49.37 13.78
C VAL B 318 -16.70 -47.94 13.26
N CYS B 319 -16.78 -47.00 14.19
CA CYS B 319 -16.81 -45.56 13.89
C CYS B 319 -15.81 -44.87 14.80
N GLY B 320 -14.62 -44.58 14.32
CA GLY B 320 -13.60 -44.02 15.20
C GLY B 320 -13.34 -44.98 16.35
N ASP B 321 -13.44 -44.48 17.58
CA ASP B 321 -13.24 -45.32 18.76
C ASP B 321 -14.51 -46.05 19.19
N ASP B 322 -15.60 -45.86 18.46
CA ASP B 322 -16.86 -46.55 18.75
C ASP B 322 -16.89 -47.90 18.08
N LEU B 323 -17.14 -48.92 18.89
CA LEU B 323 -17.13 -50.30 18.44
C LEU B 323 -18.37 -51.04 18.94
N VAL B 324 -19.10 -51.63 18.00
CA VAL B 324 -20.15 -52.59 18.29
C VAL B 324 -19.82 -53.95 17.67
N VAL B 325 -20.00 -54.99 18.47
CA VAL B 325 -19.90 -56.36 17.97
C VAL B 325 -21.18 -57.11 18.23
N ILE B 326 -21.68 -57.78 17.20
CA ILE B 326 -22.83 -58.68 17.32
C ILE B 326 -22.35 -60.06 16.91
N CYS B 327 -22.61 -61.05 17.74
CA CYS B 327 -22.08 -62.37 17.51
C CYS B 327 -23.09 -63.46 17.86
N GLU B 328 -22.71 -64.70 17.58
CA GLU B 328 -23.51 -65.86 17.96
C GLU B 328 -23.25 -66.24 19.39
N SER B 329 -24.31 -66.26 20.19
CA SER B 329 -24.19 -66.61 21.59
C SER B 329 -23.68 -68.03 21.78
N ALA B 330 -22.73 -68.18 22.70
CA ALA B 330 -22.18 -69.48 23.08
C ALA B 330 -22.74 -69.95 24.42
N GLY B 331 -23.76 -69.29 24.93
CA GLY B 331 -24.25 -69.52 26.28
C GLY B 331 -24.01 -68.29 27.13
N VAL B 332 -24.81 -68.13 28.18
CA VAL B 332 -24.71 -66.96 29.05
C VAL B 332 -23.35 -66.85 29.73
N GLN B 333 -22.88 -67.96 30.29
CA GLN B 333 -21.62 -67.97 31.00
C GLN B 333 -20.45 -67.84 30.04
N GLU B 334 -20.53 -68.58 28.94
CA GLU B 334 -19.50 -68.51 27.89
C GLU B 334 -19.37 -67.10 27.38
N ASP B 335 -20.50 -66.46 27.10
CA ASP B 335 -20.50 -65.10 26.57
C ASP B 335 -19.83 -64.12 27.54
N ALA B 336 -20.17 -64.21 28.82
CA ALA B 336 -19.63 -63.30 29.79
C ALA B 336 -18.10 -63.48 29.84
N ALA B 337 -17.65 -64.74 29.84
CA ALA B 337 -16.23 -65.02 29.88
C ALA B 337 -15.50 -64.59 28.60
N SER B 338 -16.14 -64.79 27.46
CA SER B 338 -15.51 -64.42 26.19
C SER B 338 -15.37 -62.90 26.12
N LEU B 339 -16.34 -62.17 26.68
CA LEU B 339 -16.25 -60.72 26.70
C LEU B 339 -15.12 -60.25 27.61
N ARG B 340 -14.89 -60.94 28.72
CA ARG B 340 -13.76 -60.61 29.60
C ARG B 340 -12.44 -60.89 28.89
N ALA B 341 -12.38 -61.99 28.13
CA ALA B 341 -11.23 -62.32 27.30
C ALA B 341 -11.01 -61.27 26.21
N PHE B 342 -12.08 -60.81 25.60
CA PHE B 342 -12.00 -59.74 24.60
C PHE B 342 -11.38 -58.50 25.23
N THR B 343 -11.90 -58.13 26.38
CA THR B 343 -11.36 -57.01 27.12
C THR B 343 -9.88 -57.21 27.48
N GLU B 344 -9.48 -58.42 27.86
CA GLU B 344 -8.07 -58.66 28.21
C GLU B 344 -7.17 -58.47 26.97
N ALA B 345 -7.62 -58.99 25.83
CA ALA B 345 -6.90 -58.83 24.56
C ALA B 345 -6.78 -57.34 24.17
N MET B 346 -7.88 -56.62 24.19
CA MET B 346 -7.84 -55.17 23.89
C MET B 346 -6.87 -54.43 24.83
N THR B 347 -6.92 -54.80 26.11
CA THR B 347 -6.04 -54.21 27.10
C THR B 347 -4.58 -54.47 26.78
N ARG B 348 -4.26 -55.69 26.36
CA ARG B 348 -2.91 -56.03 25.93
C ARG B 348 -2.48 -55.20 24.74
N TYR B 349 -3.44 -54.92 23.85
CA TYR B 349 -3.18 -54.07 22.67
C TYR B 349 -3.16 -52.56 22.95
N SER B 350 -3.38 -52.20 24.20
N SER B 350 -3.22 -52.18 24.22
CA SER B 350 -3.23 -50.85 24.80
CA SER B 350 -3.28 -50.79 24.68
C SER B 350 -4.56 -50.16 25.09
C SER B 350 -4.61 -50.20 24.28
N ALA B 351 -5.67 -50.82 24.79
CA ALA B 351 -6.99 -50.20 24.73
C ALA B 351 -7.90 -50.76 25.84
N PRO B 352 -7.57 -50.51 27.11
CA PRO B 352 -8.47 -51.00 28.15
C PRO B 352 -9.74 -50.18 28.22
N PRO B 353 -10.78 -50.72 28.87
CA PRO B 353 -12.07 -50.08 28.85
C PRO B 353 -12.23 -49.09 29.97
N GLY B 354 -13.23 -48.23 29.83
CA GLY B 354 -13.66 -47.39 30.93
C GLY B 354 -14.70 -48.18 31.68
N ASP B 355 -15.90 -48.25 31.13
CA ASP B 355 -16.95 -49.11 31.64
C ASP B 355 -16.68 -50.49 31.08
N PRO B 356 -16.67 -51.54 31.93
CA PRO B 356 -16.49 -52.87 31.33
C PRO B 356 -17.65 -53.20 30.41
N PRO B 357 -17.38 -53.88 29.29
CA PRO B 357 -18.47 -54.21 28.39
C PRO B 357 -19.45 -55.23 28.98
N GLN B 358 -20.72 -55.10 28.60
CA GLN B 358 -21.76 -56.00 29.08
C GLN B 358 -22.38 -56.77 27.92
N PRO B 359 -22.54 -58.09 28.05
CA PRO B 359 -23.23 -58.79 26.96
C PRO B 359 -24.70 -58.40 26.97
N GLU B 360 -25.26 -58.14 25.79
CA GLU B 360 -26.67 -57.79 25.66
C GLU B 360 -27.37 -58.80 24.76
N TYR B 361 -28.60 -59.17 25.14
CA TYR B 361 -29.42 -60.09 24.36
C TYR B 361 -30.66 -59.40 23.75
N ASP B 362 -30.66 -58.07 23.79
CA ASP B 362 -31.69 -57.22 23.23
C ASP B 362 -30.98 -56.12 22.48
N LEU B 363 -31.20 -56.04 21.18
CA LEU B 363 -30.52 -55.05 20.35
C LEU B 363 -30.71 -53.63 20.88
N GLU B 364 -31.87 -53.36 21.46
CA GLU B 364 -32.19 -52.00 21.92
C GLU B 364 -31.32 -51.56 23.11
N LEU B 365 -30.69 -52.53 23.77
CA LEU B 365 -29.86 -52.27 24.95
C LEU B 365 -28.38 -51.95 24.63
N ILE B 366 -28.02 -51.98 23.35
CA ILE B 366 -26.67 -51.63 22.93
C ILE B 366 -26.66 -50.15 22.57
N THR B 367 -25.72 -49.41 23.16
CA THR B 367 -25.56 -47.99 22.87
C THR B 367 -24.29 -47.83 22.06
N SER B 368 -24.42 -47.18 20.91
CA SER B 368 -23.32 -46.98 19.99
C SER B 368 -23.43 -45.59 19.37
N CYS B 369 -22.36 -44.82 19.43
CA CYS B 369 -22.38 -43.42 19.01
C CYS B 369 -23.56 -42.70 19.69
N SER B 370 -23.67 -42.93 21.01
CA SER B 370 -24.73 -42.39 21.88
C SER B 370 -26.14 -42.90 21.62
N SER B 371 -26.32 -43.79 20.64
CA SER B 371 -27.63 -44.08 20.14
C SER B 371 -27.99 -45.54 20.31
N ASN B 372 -29.29 -45.80 20.34
CA ASN B 372 -29.82 -47.14 20.42
C ASN B 372 -30.96 -47.32 19.44
N VAL B 373 -31.18 -48.58 19.04
CA VAL B 373 -32.29 -48.92 18.16
C VAL B 373 -33.57 -48.90 18.97
N SER B 374 -34.64 -48.39 18.39
CA SER B 374 -35.97 -48.51 18.98
C SER B 374 -36.97 -48.80 17.85
N VAL B 375 -38.22 -49.04 18.21
CA VAL B 375 -39.23 -49.37 17.22
C VAL B 375 -40.44 -48.46 17.35
N ALA B 376 -41.02 -48.12 16.20
CA ALA B 376 -42.31 -47.45 16.10
C ALA B 376 -43.08 -48.02 14.91
N HIS B 377 -44.22 -47.44 14.58
CA HIS B 377 -45.02 -47.91 13.46
C HIS B 377 -45.30 -46.81 12.48
N ASP B 378 -45.36 -47.16 11.19
CA ASP B 378 -45.69 -46.18 10.16
C ASP B 378 -47.21 -45.99 10.10
N GLY B 379 -47.66 -45.19 9.13
CA GLY B 379 -49.08 -44.89 8.98
C GLY B 379 -49.96 -46.11 8.81
N ALA B 380 -49.39 -47.15 8.19
CA ALA B 380 -50.12 -48.40 7.94
C ALA B 380 -49.88 -49.46 9.02
N GLY B 381 -49.20 -49.09 10.11
CA GLY B 381 -49.00 -49.98 11.26
C GLY B 381 -47.82 -50.94 11.18
N LYS B 382 -47.03 -50.80 10.12
CA LYS B 382 -45.81 -51.62 9.93
C LYS B 382 -44.72 -51.16 10.90
N ARG B 383 -44.04 -52.12 11.52
CA ARG B 383 -42.88 -51.85 12.38
C ARG B 383 -41.78 -51.13 11.61
N VAL B 384 -41.25 -50.06 12.20
CA VAL B 384 -40.11 -49.35 11.61
C VAL B 384 -39.06 -49.20 12.68
N TYR B 385 -37.83 -49.63 12.38
CA TYR B 385 -36.71 -49.46 13.30
C TYR B 385 -36.05 -48.11 13.01
N TYR B 386 -35.61 -47.45 14.06
CA TYR B 386 -34.93 -46.17 13.93
C TYR B 386 -33.96 -46.02 15.10
N LEU B 387 -33.00 -45.13 14.94
CA LEU B 387 -32.03 -44.85 16.01
C LEU B 387 -32.44 -43.63 16.79
N THR B 388 -32.31 -43.74 18.10
CA THR B 388 -32.63 -42.64 18.99
C THR B 388 -31.54 -42.51 20.04
N ARG B 389 -31.70 -41.53 20.92
CA ARG B 389 -30.73 -41.32 21.99
C ARG B 389 -31.45 -40.55 23.09
N ASP B 390 -30.83 -40.52 24.27
CA ASP B 390 -31.32 -39.69 25.34
C ASP B 390 -31.23 -38.23 24.86
N PRO B 391 -32.35 -37.49 24.94
CA PRO B 391 -32.35 -36.13 24.37
C PRO B 391 -31.77 -35.03 25.24
N THR B 392 -31.22 -35.38 26.39
CA THR B 392 -30.80 -34.37 27.34
C THR B 392 -29.76 -33.43 26.71
N THR B 393 -28.67 -34.00 26.20
CA THR B 393 -27.62 -33.17 25.68
C THR B 393 -28.08 -32.40 24.45
N PRO B 394 -28.75 -33.07 23.49
CA PRO B 394 -29.33 -32.29 22.38
C PRO B 394 -30.18 -31.10 22.80
N LEU B 395 -31.03 -31.27 23.80
CA LEU B 395 -31.91 -30.17 24.22
C LEU B 395 -31.15 -29.06 24.90
N ALA B 396 -30.18 -29.44 25.74
CA ALA B 396 -29.35 -28.45 26.43
C ALA B 396 -28.59 -27.60 25.43
N ARG B 397 -27.98 -28.26 24.45
CA ARG B 397 -27.26 -27.54 23.37
C ARG B 397 -28.19 -26.68 22.54
N ALA B 398 -29.37 -27.20 22.21
CA ALA B 398 -30.34 -26.44 21.44
C ALA B 398 -30.74 -25.16 22.19
N ALA B 399 -30.90 -25.23 23.51
CA ALA B 399 -31.26 -24.01 24.23
C ALA B 399 -30.12 -22.98 24.16
N TRP B 400 -28.88 -23.43 24.34
CA TRP B 400 -27.75 -22.52 24.27
C TRP B 400 -27.69 -21.89 22.87
N GLU B 401 -27.88 -22.72 21.85
CA GLU B 401 -27.82 -22.27 20.47
C GLU B 401 -28.95 -21.33 20.07
N THR B 402 -30.03 -21.38 20.82
CA THR B 402 -31.11 -20.41 20.65
C THR B 402 -30.74 -19.07 21.32
N ALA B 403 -30.10 -19.13 22.48
CA ALA B 403 -29.75 -17.93 23.25
C ALA B 403 -28.64 -17.08 22.59
N ARG B 404 -27.68 -17.75 21.97
CA ARG B 404 -26.50 -17.09 21.42
C ARG B 404 -26.14 -17.67 20.07
N HIS B 405 -25.63 -16.83 19.18
CA HIS B 405 -25.18 -17.28 17.87
C HIS B 405 -23.94 -18.15 18.03
N THR B 406 -24.01 -19.37 17.52
CA THR B 406 -22.90 -20.30 17.57
C THR B 406 -22.50 -20.62 16.13
N PRO B 407 -21.20 -20.79 15.87
CA PRO B 407 -20.72 -21.04 14.50
C PRO B 407 -21.24 -22.35 13.92
N VAL B 408 -21.31 -23.39 14.75
CA VAL B 408 -21.90 -24.67 14.37
C VAL B 408 -23.11 -25.00 15.23
N ASN B 409 -24.19 -25.41 14.59
CA ASN B 409 -25.44 -25.72 15.27
C ASN B 409 -25.73 -27.21 15.42
N SER B 410 -25.53 -27.73 16.63
CA SER B 410 -25.83 -29.13 16.90
C SER B 410 -27.31 -29.41 16.67
N TRP B 411 -28.18 -28.43 16.95
CA TRP B 411 -29.60 -28.69 16.79
C TRP B 411 -29.95 -29.16 15.38
N LEU B 412 -29.35 -28.55 14.38
CA LEU B 412 -29.66 -28.90 13.00
C LEU B 412 -29.13 -30.29 12.62
N GLY B 413 -27.91 -30.60 13.05
CA GLY B 413 -27.37 -31.94 12.89
C GLY B 413 -28.20 -32.98 13.60
N ASN B 414 -28.69 -32.65 14.81
CA ASN B 414 -29.55 -33.57 15.55
C ASN B 414 -30.90 -33.78 14.88
N ILE B 415 -31.48 -32.74 14.30
CA ILE B 415 -32.73 -32.95 13.55
C ILE B 415 -32.50 -33.85 12.36
N ILE B 416 -31.38 -33.63 11.67
CA ILE B 416 -31.05 -34.41 10.49
C ILE B 416 -30.82 -35.88 10.85
N MET B 417 -30.02 -36.13 11.89
CA MET B 417 -29.61 -37.50 12.22
C MET B 417 -30.66 -38.25 13.02
N PHE B 418 -31.50 -37.51 13.75
CA PHE B 418 -32.54 -38.10 14.61
C PHE B 418 -33.97 -37.70 14.19
N ALA B 419 -34.13 -37.34 12.93
CA ALA B 419 -35.45 -36.95 12.39
C ALA B 419 -36.65 -37.84 12.73
N PRO B 420 -36.47 -39.18 12.74
CA PRO B 420 -37.62 -40.04 13.06
C PRO B 420 -38.04 -40.09 14.54
N THR B 421 -37.22 -39.53 15.43
CA THR B 421 -37.47 -39.63 16.86
C THR B 421 -38.59 -38.71 17.29
N LEU B 422 -39.26 -39.08 18.36
CA LEU B 422 -40.41 -38.30 18.81
C LEU B 422 -39.97 -36.96 19.35
N TRP B 423 -38.77 -36.93 19.96
CA TRP B 423 -38.25 -35.69 20.50
C TRP B 423 -37.74 -34.71 19.43
N ALA B 424 -37.08 -35.22 18.38
CA ALA B 424 -36.63 -34.33 17.30
C ALA B 424 -37.82 -33.73 16.56
N ARG B 425 -38.88 -34.54 16.37
CA ARG B 425 -40.06 -34.08 15.64
C ARG B 425 -40.89 -33.11 16.47
N MET B 426 -41.24 -33.52 17.69
CA MET B 426 -42.21 -32.73 18.46
C MET B 426 -41.59 -31.50 19.09
N ILE B 427 -40.33 -31.61 19.50
CA ILE B 427 -39.68 -30.51 20.21
C ILE B 427 -38.71 -29.74 19.32
N LEU B 428 -37.69 -30.41 18.77
CA LEU B 428 -36.68 -29.67 18.00
C LEU B 428 -37.24 -29.00 16.74
N MET B 429 -38.02 -29.72 15.95
CA MET B 429 -38.57 -29.14 14.74
C MET B 429 -39.50 -27.99 15.08
N THR B 430 -40.41 -28.22 16.04
CA THR B 430 -41.39 -27.20 16.42
C THR B 430 -40.66 -25.95 16.91
N HIS B 431 -39.72 -26.15 17.84
CA HIS B 431 -39.00 -25.02 18.42
C HIS B 431 -38.22 -24.23 17.37
N PHE B 432 -37.42 -24.92 16.57
CA PHE B 432 -36.58 -24.20 15.65
C PHE B 432 -37.31 -23.60 14.47
N PHE B 433 -38.36 -24.24 13.97
CA PHE B 433 -39.15 -23.56 12.96
C PHE B 433 -39.85 -22.33 13.55
N SER B 434 -40.28 -22.42 14.81
CA SER B 434 -40.84 -21.26 15.49
C SER B 434 -39.83 -20.12 15.60
N VAL B 435 -38.60 -20.45 15.97
CA VAL B 435 -37.54 -19.45 16.13
C VAL B 435 -37.16 -18.82 14.77
N LEU B 436 -37.04 -19.65 13.74
CA LEU B 436 -36.65 -19.15 12.42
C LEU B 436 -37.74 -18.22 11.86
N ILE B 437 -39.01 -18.56 12.06
CA ILE B 437 -40.10 -17.67 11.68
C ILE B 437 -39.98 -16.35 12.42
N ALA B 438 -39.85 -16.43 13.74
CA ALA B 438 -39.78 -15.24 14.60
C ALA B 438 -38.65 -14.31 14.19
N ARG B 439 -37.50 -14.90 13.91
CA ARG B 439 -36.30 -14.13 13.56
C ARG B 439 -36.16 -13.84 12.06
N ASP B 440 -37.12 -14.27 11.24
CA ASP B 440 -37.05 -14.06 9.79
C ASP B 440 -35.78 -14.67 9.19
N GLN B 441 -35.53 -15.92 9.59
CA GLN B 441 -34.33 -16.64 9.17
C GLN B 441 -34.60 -17.93 8.45
N LEU B 442 -35.82 -18.14 7.97
CA LEU B 442 -36.12 -19.39 7.30
C LEU B 442 -35.22 -19.66 6.10
N GLU B 443 -34.81 -18.60 5.40
CA GLU B 443 -34.04 -18.76 4.16
C GLU B 443 -32.53 -18.78 4.38
N GLN B 444 -32.08 -18.60 5.61
CA GLN B 444 -30.65 -18.51 5.91
C GLN B 444 -30.04 -19.90 6.12
N ALA B 445 -29.02 -20.22 5.34
CA ALA B 445 -28.27 -21.47 5.53
C ALA B 445 -27.49 -21.40 6.82
N LEU B 446 -27.36 -22.53 7.48
CA LEU B 446 -26.71 -22.62 8.78
C LEU B 446 -25.69 -23.73 8.75
N ASP B 447 -24.61 -23.57 9.49
CA ASP B 447 -23.58 -24.60 9.54
C ASP B 447 -23.92 -25.61 10.63
N CYS B 448 -23.72 -26.88 10.28
CA CYS B 448 -23.87 -27.98 11.21
C CYS B 448 -22.86 -29.05 10.82
N GLU B 449 -22.82 -30.13 11.57
CA GLU B 449 -21.90 -31.23 11.27
C GLU B 449 -22.63 -32.52 11.05
N ILE B 450 -22.12 -33.30 10.11
CA ILE B 450 -22.59 -34.64 9.82
C ILE B 450 -21.33 -35.50 9.78
N TYR B 451 -21.24 -36.43 10.73
CA TYR B 451 -20.05 -37.29 10.90
C TYR B 451 -18.78 -36.42 10.96
N GLY B 452 -18.89 -35.30 11.67
CA GLY B 452 -17.74 -34.47 12.01
C GLY B 452 -17.33 -33.46 10.94
N ALA B 453 -17.87 -33.58 9.73
CA ALA B 453 -17.62 -32.60 8.67
C ALA B 453 -18.68 -31.51 8.74
N CYS B 454 -18.27 -30.30 8.40
CA CYS B 454 -19.15 -29.14 8.46
C CYS B 454 -19.86 -28.93 7.13
N TYR B 455 -21.17 -28.69 7.19
CA TYR B 455 -22.03 -28.46 6.04
C TYR B 455 -22.82 -27.20 6.25
N SER B 456 -23.07 -26.46 5.17
CA SER B 456 -24.01 -25.35 5.16
C SER B 456 -25.34 -25.88 4.64
N ILE B 457 -26.34 -25.88 5.52
CA ILE B 457 -27.60 -26.52 5.22
C ILE B 457 -28.70 -25.49 5.34
N GLU B 458 -29.62 -25.52 4.39
CA GLU B 458 -30.81 -24.66 4.41
C GLU B 458 -31.90 -25.41 5.15
N PRO B 459 -32.38 -24.87 6.30
CA PRO B 459 -33.48 -25.55 6.98
C PRO B 459 -34.72 -25.88 6.13
N LEU B 460 -34.99 -25.08 5.11
CA LEU B 460 -36.11 -25.36 4.20
C LEU B 460 -35.94 -26.64 3.34
N ASP B 461 -34.71 -27.14 3.25
CA ASP B 461 -34.45 -28.43 2.61
C ASP B 461 -34.58 -29.63 3.54
N LEU B 462 -35.00 -29.42 4.79
CA LEU B 462 -35.08 -30.54 5.71
C LEU B 462 -35.97 -31.71 5.24
N PRO B 463 -37.17 -31.44 4.70
CA PRO B 463 -38.00 -32.55 4.25
C PRO B 463 -37.33 -33.51 3.23
N PRO B 464 -36.82 -33.00 2.09
CA PRO B 464 -36.14 -33.96 1.20
C PRO B 464 -34.89 -34.63 1.81
N ILE B 465 -34.13 -33.90 2.63
CA ILE B 465 -32.97 -34.48 3.30
C ILE B 465 -33.44 -35.66 4.16
N ILE B 466 -34.49 -35.42 4.94
CA ILE B 466 -34.99 -36.46 5.84
C ILE B 466 -35.48 -37.69 5.09
N GLN B 467 -36.19 -37.48 3.99
CA GLN B 467 -36.67 -38.59 3.18
C GLN B 467 -35.49 -39.44 2.70
N ARG B 468 -34.41 -38.80 2.28
CA ARG B 468 -33.25 -39.52 1.75
C ARG B 468 -32.49 -40.31 2.82
N LEU B 469 -32.42 -39.76 4.03
CA LEU B 469 -31.65 -40.39 5.12
C LEU B 469 -32.41 -41.44 5.90
N HIS B 470 -33.74 -41.28 5.96
CA HIS B 470 -34.58 -42.06 6.86
C HIS B 470 -35.75 -42.79 6.22
N GLY B 471 -36.15 -42.34 5.04
CA GLY B 471 -37.35 -42.86 4.41
C GLY B 471 -38.54 -41.95 4.68
N LEU B 472 -39.53 -42.05 3.81
CA LEU B 472 -40.77 -41.30 3.91
C LEU B 472 -41.51 -41.59 5.21
N SER B 473 -41.32 -42.79 5.74
CA SER B 473 -41.92 -43.19 7.03
C SER B 473 -41.55 -42.25 8.19
N ALA B 474 -40.43 -41.56 8.07
CA ALA B 474 -39.99 -40.65 9.15
C ALA B 474 -41.01 -39.55 9.44
N PHE B 475 -41.91 -39.28 8.49
CA PHE B 475 -42.96 -38.25 8.68
C PHE B 475 -44.28 -38.82 9.19
N SER B 476 -44.33 -40.14 9.43
CA SER B 476 -45.58 -40.80 9.84
C SER B 476 -45.45 -41.74 11.01
N LEU B 477 -44.28 -41.77 11.66
CA LEU B 477 -44.11 -42.69 12.76
C LEU B 477 -45.05 -42.32 13.89
N HIS B 478 -45.55 -43.35 14.57
CA HIS B 478 -46.37 -43.18 15.75
C HIS B 478 -46.24 -44.47 16.57
N SER B 479 -46.97 -44.57 17.68
CA SER B 479 -46.89 -45.74 18.54
C SER B 479 -45.45 -46.05 18.92
N TYR B 480 -44.77 -45.02 19.44
CA TYR B 480 -43.43 -45.17 19.96
C TYR B 480 -43.45 -46.04 21.20
N SER B 481 -42.30 -46.59 21.58
CA SER B 481 -42.24 -47.55 22.69
C SER B 481 -42.42 -46.85 24.05
N PRO B 482 -43.06 -47.54 25.01
CA PRO B 482 -43.18 -46.95 26.35
C PRO B 482 -41.84 -46.53 26.96
N GLY B 483 -40.78 -47.31 26.75
CA GLY B 483 -39.48 -46.96 27.31
C GLY B 483 -38.93 -45.67 26.73
N GLU B 484 -39.15 -45.48 25.43
CA GLU B 484 -38.68 -44.28 24.73
C GLU B 484 -39.48 -43.08 25.19
N ILE B 485 -40.79 -43.23 25.23
CA ILE B 485 -41.65 -42.14 25.71
C ILE B 485 -41.29 -41.77 27.14
N ASN B 486 -41.10 -42.76 28.00
CA ASN B 486 -40.74 -42.50 29.38
C ASN B 486 -39.39 -41.76 29.48
N ARG B 487 -38.44 -42.14 28.65
CA ARG B 487 -37.12 -41.50 28.67
C ARG B 487 -37.21 -40.03 28.29
N VAL B 488 -37.96 -39.75 27.24
CA VAL B 488 -38.17 -38.37 26.80
C VAL B 488 -38.90 -37.59 27.91
N ALA B 489 -39.98 -38.14 28.44
CA ALA B 489 -40.80 -37.39 29.41
C ALA B 489 -39.99 -37.07 30.66
N ALA B 490 -39.17 -38.02 31.07
CA ALA B 490 -38.30 -37.84 32.23
C ALA B 490 -37.32 -36.70 31.98
N CYS B 491 -36.74 -36.67 30.78
CA CYS B 491 -35.83 -35.60 30.41
C CYS B 491 -36.51 -34.22 30.47
N LEU B 492 -37.72 -34.16 29.96
CA LEU B 492 -38.46 -32.88 29.92
C LEU B 492 -38.70 -32.35 31.32
N ARG B 493 -39.12 -33.23 32.23
CA ARG B 493 -39.30 -32.85 33.64
C ARG B 493 -37.99 -32.37 34.28
N LYS B 494 -36.90 -33.10 34.03
CA LYS B 494 -35.60 -32.72 34.54
C LYS B 494 -35.18 -31.30 34.10
N LEU B 495 -35.38 -31.01 32.83
CA LEU B 495 -34.82 -29.78 32.22
C LEU B 495 -35.78 -28.60 32.23
N GLY B 496 -37.03 -28.83 32.63
CA GLY B 496 -38.02 -27.78 32.54
C GLY B 496 -38.38 -27.43 31.10
N VAL B 497 -38.55 -28.49 30.29
CA VAL B 497 -39.06 -28.40 28.93
C VAL B 497 -40.57 -28.65 28.94
N PRO B 498 -41.36 -27.81 28.23
CA PRO B 498 -42.80 -28.04 28.20
C PRO B 498 -43.16 -29.44 27.73
N PRO B 499 -44.30 -29.96 28.21
CA PRO B 499 -44.69 -31.32 27.87
C PRO B 499 -45.03 -31.48 26.40
N LEU B 500 -45.02 -32.72 25.93
CA LEU B 500 -45.22 -32.99 24.54
C LEU B 500 -46.54 -32.42 23.99
N ARG B 501 -47.61 -32.43 24.78
CA ARG B 501 -48.90 -31.91 24.28
C ARG B 501 -48.88 -30.40 24.06
N ALA B 502 -48.05 -29.69 24.83
CA ALA B 502 -47.85 -28.27 24.65
C ALA B 502 -47.11 -28.02 23.34
N TRP B 503 -46.06 -28.81 23.08
CA TRP B 503 -45.36 -28.75 21.77
C TRP B 503 -46.29 -29.03 20.59
N ARG B 504 -47.18 -30.01 20.75
CA ARG B 504 -48.17 -30.32 19.70
C ARG B 504 -49.04 -29.08 19.43
N HIS B 505 -49.53 -28.46 20.48
CA HIS B 505 -50.33 -27.27 20.35
C HIS B 505 -49.56 -26.19 19.57
N ARG B 506 -48.30 -25.98 19.97
CA ARG B 506 -47.47 -24.97 19.34
C ARG B 506 -47.22 -25.28 17.85
N ALA B 507 -46.93 -26.55 17.57
CA ALA B 507 -46.70 -27.04 16.21
C ALA B 507 -47.84 -26.74 15.27
N ARG B 508 -49.06 -26.75 15.78
CA ARG B 508 -50.21 -26.49 14.90
C ARG B 508 -50.15 -25.09 14.34
N SER B 509 -49.71 -24.14 15.17
CA SER B 509 -49.54 -22.75 14.76
C SER B 509 -48.34 -22.56 13.83
N VAL B 510 -47.23 -23.20 14.17
CA VAL B 510 -46.03 -23.13 13.33
C VAL B 510 -46.35 -23.69 11.95
N ARG B 511 -47.01 -24.84 11.94
CA ARG B 511 -47.44 -25.49 10.70
C ARG B 511 -48.26 -24.56 9.82
N ALA B 512 -49.24 -23.88 10.42
CA ALA B 512 -50.11 -22.97 9.67
C ALA B 512 -49.32 -21.83 9.06
N LYS B 513 -48.40 -21.28 9.83
CA LYS B 513 -47.62 -20.13 9.36
C LYS B 513 -46.73 -20.59 8.21
N LEU B 514 -46.19 -21.79 8.31
CA LEU B 514 -45.32 -22.32 7.23
C LEU B 514 -46.10 -22.58 5.95
N LEU B 515 -47.27 -23.19 6.06
CA LEU B 515 -48.11 -23.41 4.88
C LEU B 515 -48.47 -22.09 4.18
N SER B 516 -48.74 -21.05 4.99
CA SER B 516 -49.11 -19.74 4.46
C SER B 516 -48.00 -19.09 3.64
N ARG B 517 -46.74 -19.43 3.95
CA ARG B 517 -45.57 -18.83 3.29
C ARG B 517 -45.28 -19.47 1.92
N GLY B 518 -45.91 -20.61 1.66
CA GLY B 518 -45.80 -21.29 0.37
C GLY B 518 -44.43 -21.90 0.10
N GLY B 519 -44.22 -22.34 -1.14
CA GLY B 519 -42.96 -22.95 -1.56
C GLY B 519 -42.42 -24.03 -0.64
N ARG B 520 -41.11 -23.98 -0.38
CA ARG B 520 -40.45 -24.94 0.48
C ARG B 520 -40.93 -24.86 1.93
N ALA B 521 -41.27 -23.65 2.39
CA ALA B 521 -41.84 -23.49 3.74
C ALA B 521 -43.10 -24.32 3.87
N ALA B 522 -43.98 -24.24 2.88
CA ALA B 522 -45.22 -25.03 2.91
C ALA B 522 -44.94 -26.54 2.92
N ILE B 523 -43.89 -26.96 2.22
CA ILE B 523 -43.51 -28.37 2.22
C ILE B 523 -43.03 -28.77 3.62
N CYS B 524 -42.30 -27.88 4.28
CA CYS B 524 -41.94 -28.11 5.67
C CYS B 524 -43.19 -28.25 6.56
N GLY B 525 -44.13 -27.33 6.43
CA GLY B 525 -45.38 -27.43 7.21
C GLY B 525 -46.09 -28.77 7.01
N LYS B 526 -46.21 -29.18 5.76
CA LYS B 526 -46.94 -30.38 5.38
C LYS B 526 -46.29 -31.66 5.89
N TYR B 527 -45.00 -31.83 5.61
CA TYR B 527 -44.29 -33.07 5.92
C TYR B 527 -43.78 -33.13 7.34
N LEU B 528 -43.22 -32.04 7.84
CA LEU B 528 -42.59 -32.11 9.16
C LEU B 528 -43.59 -32.10 10.29
N PHE B 529 -44.80 -31.58 10.04
CA PHE B 529 -45.79 -31.36 11.12
C PHE B 529 -47.14 -32.04 10.86
N ASN B 530 -47.14 -33.03 9.99
CA ASN B 530 -48.34 -33.86 9.77
C ASN B 530 -48.73 -34.61 11.03
N TRP B 531 -47.76 -34.88 11.89
CA TRP B 531 -48.02 -35.53 13.20
C TRP B 531 -48.90 -34.67 14.12
N ALA B 532 -48.88 -33.36 13.94
CA ALA B 532 -49.54 -32.44 14.87
C ALA B 532 -51.03 -32.23 14.55
N VAL B 533 -51.53 -32.81 13.47
CA VAL B 533 -52.95 -32.66 13.11
C VAL B 533 -53.65 -34.02 12.97
N ARG B 534 -54.95 -34.01 13.26
CA ARG B 534 -55.78 -35.21 13.20
C ARG B 534 -56.18 -35.47 11.75
N THR B 535 -56.50 -34.38 11.04
CA THR B 535 -56.84 -34.43 9.63
C THR B 535 -55.58 -34.31 8.78
N LYS B 536 -54.96 -35.46 8.52
CA LYS B 536 -53.63 -35.52 7.91
C LYS B 536 -53.64 -35.38 6.40
N LEU B 537 -52.57 -34.79 5.87
CA LEU B 537 -52.34 -34.70 4.43
C LEU B 537 -51.66 -35.97 3.96
N LYS B 538 -51.83 -36.31 2.68
CA LYS B 538 -51.21 -37.52 2.13
C LYS B 538 -49.74 -37.21 1.80
N LEU B 539 -48.84 -37.96 2.42
CA LEU B 539 -47.42 -37.69 2.28
C LEU B 539 -46.80 -38.62 1.25
N THR B 540 -46.58 -38.06 0.08
CA THR B 540 -46.04 -38.79 -1.05
C THR B 540 -44.57 -38.42 -1.18
N PRO B 541 -43.78 -39.27 -1.86
CA PRO B 541 -42.36 -38.97 -2.06
C PRO B 541 -42.14 -37.55 -2.55
N ILE B 542 -41.23 -36.83 -1.90
CA ILE B 542 -40.96 -35.43 -2.24
C ILE B 542 -40.12 -35.40 -3.51
N ALA B 543 -40.56 -34.63 -4.49
CA ALA B 543 -39.85 -34.57 -5.79
C ALA B 543 -38.38 -34.17 -5.63
N ALA B 544 -38.13 -33.12 -4.83
CA ALA B 544 -36.77 -32.61 -4.61
C ALA B 544 -35.80 -33.59 -3.95
N ALA B 545 -36.34 -34.62 -3.28
CA ALA B 545 -35.51 -35.63 -2.61
C ALA B 545 -34.49 -36.26 -3.56
N GLY B 546 -34.96 -36.69 -4.72
CA GLY B 546 -34.09 -37.35 -5.72
C GLY B 546 -32.99 -36.46 -6.27
N GLN B 547 -33.29 -35.18 -6.45
CA GLN B 547 -32.37 -34.19 -7.01
C GLN B 547 -31.29 -33.68 -6.03
N LEU B 548 -31.48 -33.93 -4.73
CA LEU B 548 -30.48 -33.54 -3.72
C LEU B 548 -29.13 -34.19 -3.97
N ASP B 549 -28.07 -33.38 -4.08
CA ASP B 549 -26.73 -33.94 -4.16
C ASP B 549 -26.24 -34.21 -2.75
N LEU B 550 -26.37 -35.45 -2.31
CA LEU B 550 -25.89 -35.86 -0.99
C LEU B 550 -24.58 -36.62 -1.11
N SER B 551 -23.90 -36.47 -2.24
CA SER B 551 -22.60 -37.09 -2.41
C SER B 551 -21.66 -36.51 -1.38
N GLY B 552 -20.92 -37.39 -0.73
CA GLY B 552 -19.97 -36.98 0.30
C GLY B 552 -20.51 -36.96 1.71
N TRP B 553 -21.83 -37.06 1.87
CA TRP B 553 -22.41 -37.01 3.22
C TRP B 553 -22.04 -38.21 4.11
N PHE B 554 -22.07 -39.39 3.49
CA PHE B 554 -21.87 -40.65 4.20
C PHE B 554 -20.82 -41.46 3.49
N THR B 555 -19.66 -40.85 3.38
CA THR B 555 -18.50 -41.47 2.79
C THR B 555 -17.54 -41.85 3.91
N ALA B 556 -17.21 -40.88 4.76
CA ALA B 556 -16.20 -41.07 5.80
C ALA B 556 -16.48 -40.17 6.99
N GLY B 557 -15.80 -40.46 8.10
CA GLY B 557 -15.85 -39.61 9.28
C GLY B 557 -14.71 -38.63 9.25
N TYR B 558 -14.98 -37.43 9.78
CA TYR B 558 -14.00 -36.37 9.81
C TYR B 558 -13.90 -35.61 11.11
N SER B 559 -14.46 -36.12 12.20
CA SER B 559 -14.43 -35.37 13.45
C SER B 559 -13.00 -34.98 13.84
N GLY B 560 -12.80 -33.71 14.15
CA GLY B 560 -11.46 -33.20 14.47
C GLY B 560 -10.63 -32.78 13.27
N GLY B 561 -11.09 -33.13 12.08
CA GLY B 561 -10.30 -32.97 10.89
C GLY B 561 -10.45 -31.72 10.06
N ASP B 562 -11.21 -30.74 10.55
CA ASP B 562 -11.26 -29.41 9.93
C ASP B 562 -11.74 -29.47 8.46
N ILE B 563 -12.84 -30.19 8.23
CA ILE B 563 -13.39 -30.39 6.88
C ILE B 563 -14.74 -29.67 6.72
N TYR B 564 -14.89 -28.98 5.59
CA TYR B 564 -16.09 -28.27 5.23
C TYR B 564 -16.51 -28.80 3.87
N HIS B 565 -17.72 -29.33 3.76
CA HIS B 565 -18.12 -29.96 2.49
C HIS B 565 -18.95 -29.09 1.59
N SER B 566 -19.63 -28.10 2.15
CA SER B 566 -20.52 -27.26 1.36
C SER B 566 -19.76 -26.26 0.48
N SER C 4 33.73 40.77 16.31
CA SER C 4 33.57 42.25 16.12
C SER C 4 32.21 42.71 16.58
N MET C 5 32.18 43.95 17.08
CA MET C 5 30.95 44.57 17.54
C MET C 5 30.16 45.15 16.37
N SER C 6 28.85 45.05 16.46
CA SER C 6 27.99 45.55 15.37
C SER C 6 28.15 47.07 15.21
N TYR C 7 28.27 47.74 16.36
CA TYR C 7 28.48 49.18 16.45
C TYR C 7 29.45 49.52 17.56
N SER C 8 30.17 50.63 17.39
CA SER C 8 30.83 51.33 18.47
C SER C 8 30.21 52.70 18.54
N TRP C 9 30.21 53.30 19.73
CA TRP C 9 29.55 54.58 19.93
C TRP C 9 30.46 55.57 20.62
N THR C 10 30.30 56.85 20.29
CA THR C 10 31.06 57.93 20.93
C THR C 10 30.42 58.48 22.19
N GLY C 11 29.12 58.26 22.35
CA GLY C 11 28.35 58.91 23.39
C GLY C 11 27.42 59.98 22.91
N ALA C 12 27.62 60.50 21.70
CA ALA C 12 26.70 61.49 21.13
C ALA C 12 25.33 60.87 20.94
N LEU C 13 24.28 61.67 21.06
CA LEU C 13 22.90 61.17 20.94
C LEU C 13 22.42 61.11 19.50
N VAL C 14 21.45 60.22 19.26
CA VAL C 14 20.70 60.23 18.02
C VAL C 14 19.70 61.37 18.20
N THR C 15 19.82 62.40 17.36
CA THR C 15 19.06 63.64 17.51
C THR C 15 17.98 63.76 16.44
N PRO C 16 16.88 64.48 16.75
CA PRO C 16 15.86 64.73 15.73
C PRO C 16 16.29 65.82 14.76
N CYS C 17 15.70 65.82 13.57
CA CYS C 17 15.94 66.90 12.60
C CYS C 17 14.69 67.74 12.41
N ALA C 18 13.64 67.40 13.14
CA ALA C 18 12.37 68.12 13.08
C ALA C 18 11.50 67.78 14.30
N ALA C 19 10.36 68.45 14.40
CA ALA C 19 9.42 68.20 15.50
C ALA C 19 9.03 66.74 15.54
N GLU C 20 9.03 66.16 16.74
CA GLU C 20 8.60 64.79 16.96
C GLU C 20 7.39 64.79 17.89
N GLU C 21 6.26 64.35 17.36
CA GLU C 21 5.04 64.22 18.16
C GLU C 21 4.96 62.82 18.78
N GLN C 22 4.68 62.76 20.07
CA GLN C 22 4.56 61.47 20.75
C GLN C 22 3.13 60.94 20.74
N LYS C 23 2.16 61.85 20.70
CA LYS C 23 0.74 61.53 20.88
C LYS C 23 -0.13 62.11 19.78
N LEU C 24 -1.39 61.71 19.76
CA LEU C 24 -2.39 62.29 18.84
C LEU C 24 -2.65 63.75 19.18
N PRO C 25 -3.12 64.55 18.21
CA PRO C 25 -3.35 65.97 18.52
C PRO C 25 -4.41 66.16 19.59
N ILE C 26 -4.27 67.22 20.40
CA ILE C 26 -5.27 67.54 21.44
C ILE C 26 -6.63 67.83 20.81
N ASN C 27 -6.63 68.48 19.64
CA ASN C 27 -7.85 68.80 18.90
C ASN C 27 -8.49 67.58 18.22
N ALA C 28 -7.76 66.46 18.15
CA ALA C 28 -8.28 65.23 17.56
C ALA C 28 -9.26 64.56 18.53
N LEU C 29 -10.48 65.09 18.56
CA LEU C 29 -11.49 64.68 19.54
C LEU C 29 -12.47 63.63 19.02
N SER C 30 -12.37 63.26 17.74
CA SER C 30 -13.27 62.30 17.12
C SER C 30 -13.04 60.86 17.57
N ASN C 31 -14.14 60.19 17.88
CA ASN C 31 -14.15 58.79 18.23
C ASN C 31 -14.74 57.95 17.10
N SER C 32 -14.62 58.46 15.87
CA SER C 32 -15.22 57.77 14.75
C SER C 32 -14.45 56.49 14.42
N LEU C 33 -13.17 56.43 14.80
CA LEU C 33 -12.39 55.19 14.62
C LEU C 33 -12.12 54.45 15.94
N LEU C 34 -11.46 55.10 16.88
CA LEU C 34 -11.22 54.49 18.20
C LEU C 34 -11.28 55.51 19.33
N ARG C 35 -11.64 55.04 20.52
CA ARG C 35 -11.85 55.92 21.68
C ARG C 35 -10.62 56.03 22.58
N HIS C 36 -9.77 55.02 22.58
CA HIS C 36 -8.67 54.97 23.53
C HIS C 36 -7.45 55.69 22.95
N HIS C 37 -7.61 57.00 22.76
CA HIS C 37 -6.60 57.83 22.08
C HIS C 37 -5.25 57.74 22.79
N ASN C 38 -5.27 57.68 24.12
CA ASN C 38 -4.04 57.63 24.92
C ASN C 38 -3.21 56.37 24.74
N MET C 39 -3.82 55.31 24.17
CA MET C 39 -3.08 54.08 23.88
C MET C 39 -2.24 54.18 22.61
N VAL C 40 -2.52 55.19 21.78
CA VAL C 40 -1.80 55.41 20.53
C VAL C 40 -0.59 56.32 20.79
N TYR C 41 0.57 55.90 20.31
CA TYR C 41 1.78 56.67 20.49
C TYR C 41 2.71 56.47 19.30
N SER C 42 3.61 57.44 19.13
CA SER C 42 4.70 57.36 18.17
C SER C 42 6.02 57.29 18.92
N THR C 43 6.92 56.46 18.41
CA THR C 43 8.29 56.44 18.89
C THR C 43 8.96 57.77 18.48
N THR C 44 9.95 58.19 19.26
CA THR C 44 10.72 59.39 18.97
C THR C 44 12.18 59.13 19.32
N SER C 45 13.04 60.09 18.98
CA SER C 45 14.46 59.97 19.30
C SER C 45 14.75 59.86 20.79
N ARG C 46 13.78 60.20 21.63
CA ARG C 46 13.95 60.10 23.07
C ARG C 46 14.27 58.68 23.55
N SER C 47 13.84 57.66 22.81
CA SER C 47 14.12 56.26 23.18
C SER C 47 15.29 55.64 22.41
N ALA C 48 15.99 56.44 21.62
CA ALA C 48 17.03 55.88 20.75
C ALA C 48 18.12 55.14 21.52
N CYS C 49 18.49 55.64 22.71
CA CYS C 49 19.52 54.97 23.52
C CYS C 49 19.15 53.54 23.86
N GLN C 50 17.86 53.30 24.14
CA GLN C 50 17.39 51.95 24.43
C GLN C 50 17.62 51.03 23.23
N ARG C 51 17.29 51.52 22.04
N ARG C 51 17.29 51.52 22.04
CA ARG C 51 17.49 50.74 20.82
CA ARG C 51 17.50 50.73 20.83
C ARG C 51 18.99 50.54 20.53
C ARG C 51 18.99 50.54 20.53
N GLN C 52 19.79 51.58 20.73
CA GLN C 52 21.23 51.47 20.52
C GLN C 52 21.83 50.37 21.38
N LYS C 53 21.40 50.28 22.64
CA LYS C 53 21.85 49.18 23.49
C LYS C 53 21.52 47.82 22.88
N LYS C 54 20.28 47.63 22.47
CA LYS C 54 19.85 46.33 22.00
C LYS C 54 20.61 45.88 20.75
N VAL C 55 20.89 46.82 19.84
CA VAL C 55 21.45 46.44 18.53
C VAL C 55 22.97 46.32 18.54
N THR C 56 23.56 46.60 19.70
CA THR C 56 25.02 46.59 19.83
C THR C 56 25.47 45.34 20.52
N PHE C 57 26.18 44.48 19.79
CA PHE C 57 26.68 43.24 20.37
C PHE C 57 27.76 42.61 19.50
N ASP C 58 28.47 41.66 20.09
CA ASP C 58 29.56 40.96 19.41
C ASP C 58 29.00 39.90 18.51
N ARG C 59 29.62 39.71 17.35
CA ARG C 59 29.24 38.63 16.44
C ARG C 59 30.36 37.62 16.35
N LEU C 60 30.02 36.37 16.61
CA LEU C 60 30.92 35.25 16.39
C LEU C 60 30.30 34.45 15.24
N GLN C 61 31.07 34.20 14.20
CA GLN C 61 30.57 33.48 13.05
C GLN C 61 31.52 32.35 12.70
N VAL C 62 30.95 31.16 12.61
CA VAL C 62 31.68 29.96 12.23
C VAL C 62 30.91 29.32 11.10
N LEU C 63 31.50 29.35 9.92
CA LEU C 63 30.87 28.83 8.71
C LEU C 63 31.35 27.39 8.55
N ASP C 64 30.54 26.58 7.87
CA ASP C 64 30.82 25.16 7.74
C ASP C 64 30.61 24.78 6.28
N SER C 65 30.77 23.50 5.97
CA SER C 65 30.61 23.03 4.59
C SER C 65 29.17 23.17 4.05
N HIS C 66 28.16 23.03 4.90
CA HIS C 66 26.80 23.26 4.43
C HIS C 66 26.63 24.69 3.92
N TYR C 67 27.13 25.66 4.70
CA TYR C 67 27.12 27.07 4.29
C TYR C 67 27.84 27.24 2.93
N GLN C 68 29.05 26.72 2.84
CA GLN C 68 29.85 26.91 1.65
C GLN C 68 29.18 26.24 0.44
N ASP C 69 28.58 25.07 0.66
CA ASP C 69 27.84 24.36 -0.40
C ASP C 69 26.70 25.21 -0.96
N VAL C 70 25.92 25.80 -0.07
CA VAL C 70 24.82 26.66 -0.48
C VAL C 70 25.34 27.93 -1.19
N LEU C 71 26.39 28.52 -0.65
CA LEU C 71 26.96 29.71 -1.27
C LEU C 71 27.38 29.42 -2.72
N LYS C 72 27.94 28.25 -2.96
CA LYS C 72 28.33 27.87 -4.32
C LYS C 72 27.13 27.73 -5.24
N GLU C 73 26.03 27.20 -4.72
CA GLU C 73 24.80 27.12 -5.49
C GLU C 73 24.37 28.52 -5.91
N VAL C 74 24.37 29.41 -4.93
CA VAL C 74 23.94 30.79 -5.16
C VAL C 74 24.83 31.49 -6.17
N LYS C 75 26.14 31.35 -6.04
CA LYS C 75 27.07 32.00 -6.96
C LYS C 75 26.89 31.45 -8.38
N ALA C 76 26.68 30.15 -8.50
CA ALA C 76 26.39 29.54 -9.80
C ALA C 76 25.12 30.13 -10.45
N ALA C 77 24.07 30.27 -9.65
CA ALA C 77 22.80 30.77 -10.15
C ALA C 77 22.89 32.24 -10.52
N ALA C 78 23.73 32.99 -9.80
CA ALA C 78 23.91 34.41 -10.05
C ALA C 78 24.60 34.64 -11.37
N SER C 79 25.44 33.68 -11.75
CA SER C 79 26.20 33.73 -13.02
C SER C 79 25.31 33.86 -14.25
N LYS C 80 24.02 33.58 -14.11
CA LYS C 80 23.07 33.63 -15.23
C LYS C 80 22.26 34.93 -15.29
N VAL C 81 22.53 35.84 -14.35
CA VAL C 81 21.88 37.15 -14.32
C VAL C 81 22.65 38.18 -15.15
N LYS C 82 21.93 38.91 -15.98
CA LYS C 82 22.49 40.07 -16.68
C LYS C 82 21.79 41.31 -16.15
N ALA C 83 22.55 42.31 -15.74
CA ALA C 83 22.00 43.52 -15.16
C ALA C 83 22.64 44.74 -15.80
N ASN C 84 21.84 45.79 -15.97
CA ASN C 84 22.29 47.03 -16.59
C ASN C 84 22.44 48.17 -15.60
N LEU C 85 23.33 49.10 -15.95
CA LEU C 85 23.39 50.36 -15.24
C LEU C 85 22.11 51.09 -15.53
N LEU C 86 21.67 51.90 -14.57
CA LEU C 86 20.65 52.89 -14.82
C LEU C 86 21.31 54.21 -15.21
N SER C 87 20.61 54.99 -16.01
CA SER C 87 21.04 56.35 -16.27
C SER C 87 20.72 57.23 -15.06
N VAL C 88 21.41 58.37 -14.97
CA VAL C 88 21.10 59.38 -13.96
C VAL C 88 19.61 59.70 -13.99
N GLU C 89 19.08 59.93 -15.18
CA GLU C 89 17.68 60.27 -15.36
C GLU C 89 16.78 59.18 -14.79
N GLU C 90 17.09 57.93 -15.14
CA GLU C 90 16.29 56.79 -14.67
C GLU C 90 16.33 56.69 -13.13
N ALA C 91 17.53 56.82 -12.58
CA ALA C 91 17.72 56.76 -11.12
C ALA C 91 16.98 57.89 -10.41
N CYS C 92 17.07 59.10 -10.97
CA CYS C 92 16.33 60.24 -10.45
C CYS C 92 14.82 59.95 -10.34
N SER C 93 14.28 59.31 -11.37
CA SER C 93 12.85 59.02 -11.48
C SER C 93 12.36 58.03 -10.42
N LEU C 94 13.28 57.25 -9.86
CA LEU C 94 12.96 56.28 -8.80
C LEU C 94 13.02 56.87 -7.39
N THR C 95 13.36 58.15 -7.29
CA THR C 95 13.49 58.81 -5.98
C THR C 95 12.11 59.25 -5.48
N PRO C 96 11.74 58.87 -4.25
CA PRO C 96 10.47 59.32 -3.70
C PRO C 96 10.40 60.82 -3.45
N PRO C 97 9.19 61.40 -3.53
CA PRO C 97 9.10 62.85 -3.47
C PRO C 97 9.54 63.44 -2.14
N HIS C 98 9.42 62.67 -1.06
CA HIS C 98 9.80 63.16 0.27
C HIS C 98 11.07 62.49 0.82
N SER C 99 11.89 61.99 -0.10
CA SER C 99 13.22 61.46 0.22
C SER C 99 14.05 62.56 0.91
N ALA C 100 14.87 62.14 1.88
CA ALA C 100 15.68 63.05 2.70
C ALA C 100 16.57 63.95 1.86
N ARG C 101 16.46 65.25 2.10
CA ARG C 101 17.20 66.26 1.36
C ARG C 101 18.70 66.00 1.47
N SER C 102 19.44 66.37 0.42
CA SER C 102 20.89 66.27 0.47
C SER C 102 21.49 67.32 1.37
N LYS C 103 22.68 67.01 1.90
CA LYS C 103 23.49 67.97 2.65
C LYS C 103 24.13 69.00 1.70
N PHE C 104 24.14 68.68 0.41
CA PHE C 104 24.84 69.48 -0.60
C PHE C 104 23.91 70.38 -1.42
N GLY C 105 22.82 70.82 -0.80
CA GLY C 105 22.04 71.94 -1.31
C GLY C 105 20.92 71.66 -2.30
N TYR C 106 20.42 70.43 -2.31
CA TYR C 106 19.28 70.08 -3.17
C TYR C 106 18.45 68.99 -2.51
N GLY C 107 17.20 68.84 -2.96
CA GLY C 107 16.29 67.86 -2.38
C GLY C 107 15.72 66.92 -3.40
N ALA C 108 14.73 66.14 -2.94
CA ALA C 108 14.05 65.14 -3.77
C ALA C 108 13.33 65.79 -4.94
N LYS C 109 12.70 66.94 -4.69
CA LYS C 109 12.01 67.68 -5.76
C LYS C 109 12.97 67.99 -6.90
N ASP C 110 14.17 68.45 -6.53
CA ASP C 110 15.21 68.77 -7.51
C ASP C 110 15.65 67.55 -8.29
N VAL C 111 15.84 66.44 -7.56
CA VAL C 111 16.23 65.19 -8.18
C VAL C 111 15.15 64.75 -9.17
N ARG C 112 13.90 64.72 -8.72
CA ARG C 112 12.80 64.22 -9.54
C ARG C 112 12.58 65.04 -10.80
N CYS C 113 12.83 66.35 -10.72
CA CYS C 113 12.71 67.20 -11.91
C CYS C 113 14.06 67.36 -12.63
N HIS C 114 15.04 66.54 -12.27
CA HIS C 114 16.33 66.52 -12.95
C HIS C 114 16.97 67.91 -12.98
N ALA C 115 16.94 68.58 -11.84
CA ALA C 115 17.50 69.93 -11.71
C ALA C 115 19.01 69.93 -11.81
N ARG C 116 19.57 71.01 -12.33
CA ARG C 116 20.99 71.03 -12.67
C ARG C 116 21.91 70.84 -11.49
N LYS C 117 21.58 71.47 -10.36
CA LYS C 117 22.43 71.42 -9.17
C LYS C 117 22.49 69.99 -8.64
N ALA C 118 21.36 69.31 -8.70
CA ALA C 118 21.26 67.92 -8.25
C ALA C 118 22.05 67.02 -9.17
N VAL C 119 21.76 67.12 -10.47
CA VAL C 119 22.43 66.27 -11.47
C VAL C 119 23.94 66.46 -11.43
N THR C 120 24.38 67.70 -11.22
CA THR C 120 25.80 67.98 -11.15
C THR C 120 26.46 67.32 -9.93
N HIS C 121 25.81 67.35 -8.79
CA HIS C 121 26.36 66.66 -7.62
C HIS C 121 26.36 65.16 -7.82
N ILE C 122 25.28 64.63 -8.38
CA ILE C 122 25.15 63.18 -8.57
C ILE C 122 26.28 62.70 -9.46
N ASN C 123 26.52 63.42 -10.56
CA ASN C 123 27.63 63.07 -11.43
C ASN C 123 28.97 63.05 -10.68
N SER C 124 29.19 64.01 -9.80
CA SER C 124 30.45 64.05 -9.03
C SER C 124 30.56 62.88 -8.05
N VAL C 125 29.44 62.48 -7.45
CA VAL C 125 29.46 61.33 -6.54
C VAL C 125 29.77 60.05 -7.32
N TRP C 126 29.17 59.88 -8.50
CA TRP C 126 29.47 58.73 -9.35
C TRP C 126 30.95 58.67 -9.73
N LYS C 127 31.50 59.81 -10.16
CA LYS C 127 32.90 59.85 -10.55
C LYS C 127 33.79 59.44 -9.39
N ASP C 128 33.50 59.96 -8.20
CA ASP C 128 34.26 59.62 -6.99
C ASP C 128 34.15 58.13 -6.61
N LEU C 129 32.99 57.53 -6.85
CA LEU C 129 32.84 56.08 -6.67
C LEU C 129 33.77 55.29 -7.60
N LEU C 130 33.92 55.77 -8.83
CA LEU C 130 34.79 55.13 -9.81
C LEU C 130 36.29 55.32 -9.51
N GLU C 131 36.62 56.40 -8.79
CA GLU C 131 38.02 56.77 -8.57
C GLU C 131 38.54 56.41 -7.17
N ASP C 132 37.64 56.21 -6.23
CA ASP C 132 38.00 55.93 -4.84
C ASP C 132 37.17 54.74 -4.38
N SER C 133 37.85 53.67 -3.96
CA SER C 133 37.15 52.45 -3.51
C SER C 133 37.45 52.11 -2.05
N VAL C 134 37.94 53.10 -1.30
CA VAL C 134 38.44 52.86 0.05
C VAL C 134 37.85 53.77 1.12
N THR C 135 37.66 55.06 0.85
CA THR C 135 37.27 56.03 1.88
C THR C 135 35.83 55.81 2.36
N PRO C 136 35.63 55.42 3.62
CA PRO C 136 34.28 55.26 4.12
C PRO C 136 33.37 56.45 3.85
N ILE C 137 32.14 56.16 3.45
CA ILE C 137 31.14 57.15 3.09
C ILE C 137 30.30 57.46 4.31
N ASP C 138 30.02 58.74 4.54
CA ASP C 138 29.28 59.14 5.72
C ASP C 138 27.84 58.64 5.67
N THR C 139 27.27 58.35 6.84
CA THR C 139 25.87 58.04 6.94
C THR C 139 25.26 58.86 8.06
N THR C 140 23.97 59.14 7.92
CA THR C 140 23.18 59.72 8.98
C THR C 140 22.45 58.62 9.76
N ILE C 141 22.43 58.75 11.09
CA ILE C 141 21.61 57.89 11.94
C ILE C 141 20.45 58.73 12.50
N MET C 142 19.23 58.21 12.33
CA MET C 142 18.01 58.86 12.79
C MET C 142 17.13 57.83 13.49
N ALA C 143 16.33 58.29 14.45
CA ALA C 143 15.32 57.44 15.06
C ALA C 143 14.06 57.54 14.24
N LYS C 144 13.52 56.39 13.86
CA LYS C 144 12.27 56.34 13.12
C LYS C 144 11.10 56.67 14.03
N ASN C 145 10.16 57.43 13.49
CA ASN C 145 8.96 57.76 14.22
C ASN C 145 7.91 56.81 13.67
N GLU C 146 7.55 55.81 14.45
CA GLU C 146 6.52 54.86 14.05
C GLU C 146 5.50 54.71 15.17
N VAL C 147 4.25 54.48 14.76
CA VAL C 147 3.11 54.49 15.66
C VAL C 147 2.71 53.08 16.06
N PHE C 148 2.42 52.92 17.35
CA PHE C 148 2.02 51.65 17.92
C PHE C 148 0.92 51.88 18.96
N CYS C 149 0.43 50.77 19.48
CA CYS C 149 -0.51 50.74 20.59
C CYS C 149 0.24 50.21 21.79
N VAL C 150 0.01 50.82 22.96
CA VAL C 150 0.60 50.32 24.20
C VAL C 150 0.19 48.87 24.43
N GLN C 151 1.12 48.06 24.93
CA GLN C 151 0.88 46.65 25.20
C GLN C 151 0.68 46.39 26.69
N GLY C 155 4.71 45.42 28.24
CA GLY C 155 6.05 45.90 28.61
C GLY C 155 6.31 47.34 28.24
N GLY C 156 5.33 48.22 28.49
CA GLY C 156 5.49 49.66 28.26
C GLY C 156 5.42 50.06 26.79
N ARG C 157 6.46 50.77 26.33
CA ARG C 157 6.52 51.25 24.95
C ARG C 157 7.78 50.77 24.25
N LYS C 158 7.64 50.47 22.97
CA LYS C 158 8.76 50.08 22.11
C LYS C 158 9.65 51.29 21.88
N PRO C 159 10.99 51.08 21.89
CA PRO C 159 11.85 52.19 21.57
C PRO C 159 11.89 52.38 20.06
N ALA C 160 12.31 53.56 19.63
CA ALA C 160 12.44 53.87 18.21
C ALA C 160 13.39 52.90 17.52
N ARG C 161 13.02 52.47 16.32
CA ARG C 161 13.95 51.80 15.43
C ARG C 161 14.89 52.85 14.89
N LEU C 162 16.08 52.42 14.50
CA LEU C 162 17.08 53.32 13.94
C LEU C 162 17.21 53.11 12.45
N ILE C 163 17.42 54.21 11.74
CA ILE C 163 17.66 54.14 10.32
C ILE C 163 19.02 54.76 10.04
N VAL C 164 19.78 54.10 9.17
CA VAL C 164 21.13 54.52 8.84
C VAL C 164 21.19 54.65 7.34
N PHE C 165 21.48 55.84 6.85
CA PHE C 165 21.42 56.09 5.41
C PHE C 165 22.45 57.09 4.93
N PRO C 166 22.93 56.89 3.69
CA PRO C 166 23.86 57.82 3.07
C PRO C 166 23.14 59.00 2.46
N ASP C 167 23.91 59.98 2.01
CA ASP C 167 23.34 61.18 1.41
C ASP C 167 22.57 60.88 0.12
N LEU C 168 21.61 61.74 -0.19
CA LEU C 168 20.78 61.61 -1.38
C LEU C 168 21.57 61.35 -2.67
N GLY C 169 22.68 62.07 -2.84
CA GLY C 169 23.51 61.88 -4.04
C GLY C 169 24.00 60.45 -4.18
N VAL C 170 24.41 59.89 -3.06
CA VAL C 170 24.89 58.51 -3.00
C VAL C 170 23.74 57.54 -3.28
N ARG C 171 22.55 57.84 -2.74
CA ARG C 171 21.38 56.98 -2.97
C ARG C 171 21.02 56.91 -4.45
N VAL C 172 21.13 58.03 -5.15
CA VAL C 172 20.88 58.03 -6.60
C VAL C 172 21.93 57.14 -7.28
N CYS C 173 23.18 57.25 -6.89
CA CYS C 173 24.25 56.37 -7.42
C CYS C 173 24.07 54.89 -7.12
N GLU C 174 23.55 54.56 -5.93
CA GLU C 174 23.22 53.16 -5.62
C GLU C 174 22.24 52.62 -6.65
N LYS C 175 21.19 53.39 -6.93
CA LYS C 175 20.20 53.01 -7.93
C LYS C 175 20.88 52.75 -9.27
N MET C 176 21.74 53.68 -9.70
CA MET C 176 22.42 53.52 -10.97
C MET C 176 23.17 52.20 -11.05
N ALA C 177 23.95 51.90 -10.02
CA ALA C 177 24.80 50.69 -10.01
C ALA C 177 24.04 49.40 -9.77
N LEU C 178 23.00 49.47 -8.93
CA LEU C 178 22.43 48.26 -8.33
C LEU C 178 20.91 48.05 -8.42
N TYR C 179 20.15 49.00 -8.91
CA TYR C 179 18.69 48.81 -8.96
C TYR C 179 18.33 47.54 -9.76
N ASP C 180 18.97 47.38 -10.90
CA ASP C 180 18.65 46.24 -11.74
C ASP C 180 19.05 44.93 -11.05
N VAL C 181 20.19 44.94 -10.37
CA VAL C 181 20.67 43.76 -9.64
C VAL C 181 19.74 43.37 -8.50
N VAL C 182 19.40 44.31 -7.65
CA VAL C 182 18.54 43.98 -6.50
C VAL C 182 17.10 43.64 -6.89
N SER C 183 16.72 43.99 -8.12
CA SER C 183 15.39 43.65 -8.64
C SER C 183 15.31 42.24 -9.26
N LYS C 184 16.44 41.72 -9.73
CA LYS C 184 16.49 40.46 -10.48
C LYS C 184 17.19 39.32 -9.74
N LEU C 185 18.17 39.66 -8.92
CA LEU C 185 19.06 38.65 -8.38
C LEU C 185 18.40 37.67 -7.38
N PRO C 186 17.59 38.17 -6.43
CA PRO C 186 16.99 37.21 -5.47
C PRO C 186 16.18 36.09 -6.13
N GLN C 187 15.30 36.43 -7.05
CA GLN C 187 14.51 35.39 -7.72
C GLN C 187 15.39 34.48 -8.56
N ALA C 188 16.45 35.02 -9.16
CA ALA C 188 17.37 34.20 -9.94
C ALA C 188 18.04 33.15 -9.05
N VAL C 189 18.39 33.55 -7.84
CA VAL C 189 19.16 32.72 -6.92
C VAL C 189 18.28 31.75 -6.14
N MET C 190 17.10 32.22 -5.76
CA MET C 190 16.23 31.52 -4.81
C MET C 190 14.95 30.95 -5.42
N GLY C 191 14.65 31.34 -6.67
CA GLY C 191 13.45 30.88 -7.34
C GLY C 191 12.21 31.11 -6.52
N SER C 192 11.41 30.05 -6.36
CA SER C 192 10.08 30.18 -5.74
C SER C 192 10.15 30.59 -4.27
N SER C 193 11.33 30.46 -3.64
CA SER C 193 11.49 30.85 -2.23
C SER C 193 11.56 32.36 -2.02
N TYR C 194 11.71 33.14 -3.08
CA TYR C 194 11.78 34.58 -2.91
C TYR C 194 10.38 35.13 -2.74
N GLY C 195 10.07 35.66 -1.56
CA GLY C 195 8.71 36.02 -1.24
C GLY C 195 8.15 37.24 -1.94
N PHE C 196 9.02 38.15 -2.36
CA PHE C 196 8.55 39.42 -2.86
C PHE C 196 8.07 39.36 -4.30
N GLN C 197 8.20 38.19 -4.94
CA GLN C 197 7.66 37.99 -6.29
C GLN C 197 6.15 37.70 -6.33
N TYR C 198 5.53 37.58 -5.16
CA TYR C 198 4.14 37.14 -5.04
C TYR C 198 3.22 38.28 -4.61
N SER C 199 2.07 38.38 -5.25
CA SER C 199 0.97 39.17 -4.68
C SER C 199 0.47 38.49 -3.42
N PRO C 200 -0.39 39.17 -2.63
CA PRO C 200 -0.96 38.48 -1.48
C PRO C 200 -1.66 37.15 -1.82
N GLY C 201 -2.46 37.14 -2.87
CA GLY C 201 -3.15 35.94 -3.29
C GLY C 201 -2.20 34.83 -3.69
N GLN C 202 -1.09 35.21 -4.32
CA GLN C 202 -0.08 34.22 -4.71
C GLN C 202 0.70 33.72 -3.49
N ARG C 203 0.91 34.59 -2.48
CA ARG C 203 1.63 34.18 -1.30
C ARG C 203 0.80 33.16 -0.53
N VAL C 204 -0.48 33.42 -0.39
CA VAL C 204 -1.32 32.48 0.33
C VAL C 204 -1.36 31.15 -0.44
N GLU C 205 -1.47 31.21 -1.77
CA GLU C 205 -1.43 30.01 -2.62
C GLU C 205 -0.14 29.23 -2.41
N PHE C 206 1.00 29.95 -2.31
CA PHE C 206 2.29 29.32 -2.09
C PHE C 206 2.29 28.55 -0.78
N LEU C 207 1.85 29.19 0.29
CA LEU C 207 1.90 28.60 1.63
C LEU C 207 0.93 27.43 1.75
N VAL C 208 -0.26 27.58 1.23
CA VAL C 208 -1.24 26.49 1.30
C VAL C 208 -0.76 25.30 0.47
N GLN C 209 -0.29 25.54 -0.76
CA GLN C 209 0.26 24.44 -1.57
C GLN C 209 1.40 23.72 -0.87
N ALA C 210 2.31 24.50 -0.29
CA ALA C 210 3.45 23.91 0.46
C ALA C 210 2.96 22.99 1.58
N TRP C 211 2.01 23.50 2.36
CA TRP C 211 1.43 22.76 3.46
C TRP C 211 0.82 21.45 2.97
N LYS C 212 0.01 21.55 1.92
CA LYS C 212 -0.70 20.40 1.38
C LYS C 212 0.19 19.41 0.68
N SER C 213 1.41 19.84 0.33
CA SER C 213 2.35 18.98 -0.39
C SER C 213 3.02 17.96 0.54
N LYS C 214 2.97 18.21 1.84
CA LYS C 214 3.63 17.33 2.80
C LYS C 214 2.69 16.23 3.28
N LYS C 215 3.28 15.07 3.54
CA LYS C 215 2.58 13.92 4.08
C LYS C 215 2.07 14.28 5.48
N SER C 216 2.96 14.82 6.29
CA SER C 216 2.63 15.30 7.62
C SER C 216 3.35 16.63 7.83
N PRO C 217 2.69 17.75 7.50
CA PRO C 217 3.40 19.03 7.56
C PRO C 217 3.74 19.53 8.97
N MET C 218 4.91 20.15 9.08
CA MET C 218 5.30 20.94 10.24
C MET C 218 5.85 22.24 9.69
N GLY C 219 5.56 23.35 10.34
CA GLY C 219 6.11 24.62 9.90
C GLY C 219 6.55 25.47 11.05
N PHE C 220 7.44 26.40 10.73
CA PHE C 220 7.87 27.38 11.72
C PHE C 220 8.34 28.65 11.06
N SER C 221 8.36 29.71 11.86
CA SER C 221 9.00 30.95 11.50
C SER C 221 10.24 31.10 12.38
N TYR C 222 11.28 31.70 11.81
CA TYR C 222 12.50 31.94 12.57
C TYR C 222 12.72 33.44 12.67
N ASP C 223 12.73 33.91 13.91
CA ASP C 223 12.84 35.31 14.25
C ASP C 223 14.25 35.58 14.72
N THR C 224 15.08 36.15 13.84
CA THR C 224 16.44 36.53 14.22
C THR C 224 16.38 37.79 15.08
N ARG C 225 17.12 37.79 16.18
CA ARG C 225 17.21 38.96 17.04
C ARG C 225 18.08 40.00 16.34
N CYS C 226 17.49 41.16 16.04
N CYS C 226 17.47 41.16 16.05
CA CYS C 226 18.25 42.27 15.42
CA CYS C 226 18.15 42.27 15.39
C CYS C 226 19.03 41.83 14.19
C CYS C 226 19.00 41.83 14.20
N PHE C 227 18.31 41.34 13.18
CA PHE C 227 18.98 40.78 11.99
C PHE C 227 20.04 41.70 11.40
N ASP C 228 19.75 42.99 11.22
CA ASP C 228 20.75 43.88 10.61
C ASP C 228 22.07 43.84 11.36
N SER C 229 21.99 43.79 12.69
CA SER C 229 23.19 43.76 13.51
C SER C 229 23.93 42.44 13.43
N THR C 230 23.23 41.36 13.11
CA THR C 230 23.85 40.04 12.96
C THR C 230 24.67 39.89 11.69
N VAL C 231 24.41 40.77 10.71
CA VAL C 231 25.08 40.73 9.42
C VAL C 231 26.52 41.20 9.60
N THR C 232 27.46 40.33 9.27
CA THR C 232 28.87 40.61 9.49
C THR C 232 29.51 41.25 8.28
N GLU C 233 30.71 41.78 8.46
CA GLU C 233 31.44 42.33 7.32
C GLU C 233 31.69 41.26 6.24
N SER C 234 32.01 40.05 6.69
CA SER C 234 32.17 38.88 5.83
C SER C 234 30.89 38.61 4.99
N ASP C 235 29.75 38.67 5.65
CA ASP C 235 28.47 38.46 4.98
C ASP C 235 28.30 39.47 3.85
N ILE C 236 28.65 40.74 4.14
CA ILE C 236 28.42 41.86 3.21
C ILE C 236 29.40 41.79 2.03
N ARG C 237 30.63 41.39 2.29
CA ARG C 237 31.57 41.13 1.23
C ARG C 237 31.15 39.92 0.38
N THR C 238 30.57 38.91 1.03
CA THR C 238 30.02 37.78 0.27
C THR C 238 28.87 38.22 -0.64
N GLU C 239 28.03 39.13 -0.17
N GLU C 239 28.04 39.16 -0.17
CA GLU C 239 26.98 39.68 -1.02
CA GLU C 239 26.96 39.68 -1.01
C GLU C 239 27.60 40.31 -2.26
C GLU C 239 27.53 40.41 -2.24
N GLU C 240 28.65 41.11 -2.07
CA GLU C 240 29.30 41.79 -3.19
C GLU C 240 29.86 40.74 -4.16
N ALA C 241 30.40 39.66 -3.62
CA ALA C 241 30.95 38.56 -4.44
C ALA C 241 29.85 37.95 -5.32
N ILE C 242 28.66 37.80 -4.74
CA ILE C 242 27.48 37.34 -5.46
C ILE C 242 27.06 38.35 -6.54
N TYR C 243 26.99 39.63 -6.21
CA TYR C 243 26.65 40.64 -7.22
C TYR C 243 27.60 40.55 -8.42
N GLN C 244 28.88 40.35 -8.16
CA GLN C 244 29.90 40.32 -9.24
C GLN C 244 29.81 39.06 -10.10
N CYS C 245 29.08 38.04 -9.62
CA CYS C 245 28.82 36.86 -10.44
C CYS C 245 27.87 37.18 -11.61
N CYS C 246 27.10 38.24 -11.46
CA CYS C 246 26.23 38.70 -12.53
C CYS C 246 27.04 39.23 -13.69
N ASP C 247 26.43 39.21 -14.87
CA ASP C 247 26.95 39.90 -16.04
C ASP C 247 26.69 41.40 -15.89
N LEU C 248 27.75 42.18 -15.62
CA LEU C 248 27.66 43.61 -15.32
C LEU C 248 28.57 44.45 -16.21
N ASP C 249 28.20 45.70 -16.41
CA ASP C 249 29.02 46.69 -17.11
C ASP C 249 30.24 46.99 -16.25
N PRO C 250 31.42 47.18 -16.86
CA PRO C 250 32.61 47.47 -16.06
C PRO C 250 32.45 48.63 -15.04
N GLN C 251 31.76 49.71 -15.43
CA GLN C 251 31.51 50.84 -14.52
C GLN C 251 30.67 50.42 -13.32
N ALA C 252 29.76 49.49 -13.54
CA ALA C 252 28.91 48.96 -12.47
C ALA C 252 29.76 48.15 -11.51
N ARG C 253 30.64 47.32 -12.07
CA ARG C 253 31.51 46.49 -11.24
C ARG C 253 32.34 47.30 -10.28
N VAL C 254 32.95 48.37 -10.78
CA VAL C 254 33.76 49.26 -9.95
C VAL C 254 32.90 49.98 -8.92
N ALA C 255 31.75 50.49 -9.34
CA ALA C 255 30.86 51.24 -8.44
C ALA C 255 30.35 50.33 -7.32
N ILE C 256 30.01 49.10 -7.67
CA ILE C 256 29.55 48.12 -6.67
C ILE C 256 30.64 47.74 -5.66
N LYS C 257 31.87 47.56 -6.14
CA LYS C 257 32.99 47.28 -5.25
C LYS C 257 33.21 48.46 -4.31
N SER C 258 33.13 49.68 -4.85
CA SER C 258 33.32 50.88 -4.03
C SER C 258 32.23 51.03 -2.99
N LEU C 259 30.98 50.89 -3.41
CA LEU C 259 29.85 51.03 -2.48
C LEU C 259 29.95 49.97 -1.40
N THR C 260 30.36 48.76 -1.77
CA THR C 260 30.55 47.72 -0.77
C THR C 260 31.61 48.09 0.26
N GLU C 261 32.80 48.45 -0.21
CA GLU C 261 33.90 48.73 0.70
C GLU C 261 33.73 50.05 1.47
N ARG C 262 33.09 51.03 0.85
CA ARG C 262 32.97 52.37 1.45
C ARG C 262 31.66 52.60 2.22
N LEU C 263 30.63 51.80 1.94
CA LEU C 263 29.33 52.02 2.52
C LEU C 263 28.70 50.75 3.08
N TYR C 264 28.56 49.72 2.26
CA TYR C 264 27.80 48.56 2.74
C TYR C 264 28.46 47.83 3.91
N VAL C 265 29.78 47.70 3.88
CA VAL C 265 30.48 46.90 4.92
C VAL C 265 30.53 47.61 6.26
N GLY C 266 30.41 48.93 6.26
CA GLY C 266 30.48 49.68 7.49
C GLY C 266 30.86 51.12 7.24
N GLY C 267 30.91 51.88 8.32
CA GLY C 267 31.27 53.28 8.21
C GLY C 267 30.72 54.15 9.31
N PRO C 268 31.08 55.43 9.27
CA PRO C 268 30.76 56.32 10.38
C PRO C 268 29.31 56.73 10.39
N LEU C 269 28.82 56.98 11.60
CA LEU C 269 27.46 57.36 11.88
C LEU C 269 27.48 58.80 12.37
N THR C 270 26.71 59.65 11.71
CA THR C 270 26.63 61.05 12.04
C THR C 270 25.17 61.39 12.39
N ASN C 271 24.96 62.17 13.45
CA ASN C 271 23.60 62.58 13.79
C ASN C 271 23.19 63.82 13.01
N SER C 272 21.95 64.25 13.23
CA SER C 272 21.38 65.37 12.50
C SER C 272 22.10 66.69 12.77
N LYS C 273 22.79 66.76 13.91
CA LYS C 273 23.57 67.93 14.29
C LYS C 273 24.99 67.93 13.70
N GLY C 274 25.35 66.84 13.03
CA GLY C 274 26.66 66.71 12.42
C GLY C 274 27.71 66.16 13.37
N GLU C 275 27.30 65.67 14.54
CA GLU C 275 28.22 65.04 15.49
C GLU C 275 28.49 63.59 15.11
N ASN C 276 29.72 63.13 15.35
CA ASN C 276 30.12 61.74 15.18
C ASN C 276 29.47 60.91 16.29
N CYS C 277 28.58 60.00 15.92
N CYS C 277 28.62 59.98 15.89
CA CYS C 277 27.88 59.15 16.89
CA CYS C 277 27.85 59.18 16.80
C CYS C 277 28.57 57.81 17.11
C CYS C 277 28.48 57.80 17.05
N GLY C 278 29.29 57.33 16.11
CA GLY C 278 29.93 56.02 16.24
C GLY C 278 30.28 55.42 14.91
N TYR C 279 30.44 54.10 14.89
CA TYR C 279 30.88 53.40 13.69
C TYR C 279 30.11 52.11 13.55
N ARG C 280 29.70 51.80 12.34
CA ARG C 280 28.91 50.61 12.02
C ARG C 280 29.76 49.56 11.34
N ARG C 281 29.58 48.29 11.74
CA ARG C 281 30.20 47.13 11.08
C ARG C 281 29.15 46.04 10.79
N CYS C 282 27.94 46.46 10.49
CA CYS C 282 26.86 45.56 10.15
C CYS C 282 26.04 46.19 9.02
N ARG C 283 24.91 45.57 8.71
CA ARG C 283 24.00 46.05 7.68
C ARG C 283 23.52 47.45 8.00
N ALA C 284 23.63 48.35 7.02
CA ALA C 284 22.95 49.63 7.06
C ALA C 284 21.47 49.37 6.74
N SER C 285 20.58 49.90 7.58
CA SER C 285 19.14 49.68 7.42
C SER C 285 18.50 50.51 6.29
N GLY C 286 19.21 51.54 5.84
CA GLY C 286 18.66 52.51 4.90
C GLY C 286 19.46 52.63 3.61
N VAL C 287 19.82 51.50 3.02
CA VAL C 287 20.49 51.49 1.73
C VAL C 287 19.69 50.66 0.72
N LEU C 288 20.01 50.83 -0.56
CA LEU C 288 19.25 50.13 -1.60
C LEU C 288 19.31 48.60 -1.44
N THR C 289 20.46 48.12 -0.98
CA THR C 289 20.72 46.68 -0.89
C THR C 289 20.24 46.04 0.41
N THR C 290 19.59 46.79 1.28
CA THR C 290 19.18 46.22 2.57
C THR C 290 18.25 45.01 2.36
N SER C 291 17.23 45.17 1.53
CA SER C 291 16.28 44.07 1.32
C SER C 291 16.94 42.87 0.64
N CYS C 292 17.60 43.13 -0.47
CA CYS C 292 18.25 42.08 -1.24
C CYS C 292 19.34 41.37 -0.41
N GLY C 293 20.18 42.14 0.25
CA GLY C 293 21.27 41.58 1.04
C GLY C 293 20.72 40.73 2.18
N ASN C 294 19.75 41.28 2.88
CA ASN C 294 19.12 40.51 3.96
C ASN C 294 18.48 39.23 3.44
N THR C 295 17.78 39.34 2.33
CA THR C 295 17.10 38.17 1.75
C THR C 295 18.13 37.09 1.37
N LEU C 296 19.18 37.48 0.67
CA LEU C 296 20.21 36.51 0.25
C LEU C 296 20.88 35.88 1.45
N THR C 297 21.25 36.72 2.42
CA THR C 297 21.99 36.23 3.59
C THR C 297 21.12 35.31 4.46
N CYS C 298 19.87 35.70 4.67
CA CYS C 298 18.93 34.87 5.41
C CYS C 298 18.69 33.54 4.69
N TYR C 299 18.49 33.60 3.38
CA TYR C 299 18.33 32.41 2.55
C TYR C 299 19.54 31.47 2.67
N ILE C 300 20.74 32.01 2.49
CA ILE C 300 21.94 31.17 2.54
C ILE C 300 22.09 30.49 3.90
N LYS C 301 22.01 31.27 4.96
CA LYS C 301 22.15 30.72 6.31
C LYS C 301 21.05 29.71 6.63
N ALA C 302 19.81 30.05 6.30
CA ALA C 302 18.67 29.17 6.59
C ALA C 302 18.68 27.87 5.78
N ARG C 303 19.04 27.94 4.51
CA ARG C 303 19.10 26.73 3.69
C ARG C 303 20.20 25.80 4.20
N ALA C 304 21.36 26.36 4.55
CA ALA C 304 22.45 25.59 5.14
C ALA C 304 22.04 25.02 6.51
N ALA C 305 21.33 25.83 7.31
CA ALA C 305 20.89 25.38 8.65
C ALA C 305 19.85 24.26 8.59
N CYS C 306 19.01 24.27 7.56
CA CYS C 306 18.03 23.20 7.36
C CYS C 306 18.75 21.87 7.16
N ARG C 307 19.86 21.92 6.44
CA ARG C 307 20.67 20.73 6.20
C ARG C 307 21.39 20.28 7.48
N ALA C 308 22.01 21.21 8.21
CA ALA C 308 22.65 20.88 9.48
C ALA C 308 21.66 20.28 10.47
N ALA C 309 20.43 20.79 10.45
CA ALA C 309 19.39 20.36 11.37
C ALA C 309 18.68 19.10 10.93
N GLY C 310 18.96 18.63 9.72
CA GLY C 310 18.36 17.41 9.21
C GLY C 310 16.87 17.52 8.94
N LEU C 311 16.40 18.72 8.62
CA LEU C 311 14.99 18.93 8.28
C LEU C 311 14.72 18.34 6.90
N GLN C 312 13.58 17.68 6.76
CA GLN C 312 13.28 16.88 5.58
C GLN C 312 12.25 17.57 4.67
N ASP C 313 12.57 17.63 3.37
CA ASP C 313 11.70 18.19 2.33
C ASP C 313 11.20 19.56 2.70
N CYS C 314 12.16 20.46 2.94
CA CYS C 314 11.84 21.84 3.32
C CYS C 314 11.41 22.65 2.13
N THR C 315 10.35 23.42 2.35
CA THR C 315 9.95 24.49 1.47
C THR C 315 10.20 25.76 2.27
N MET C 316 10.94 26.71 1.70
CA MET C 316 11.26 27.97 2.39
C MET C 316 10.65 29.16 1.64
N LEU C 317 10.24 30.15 2.42
CA LEU C 317 9.78 31.44 1.92
C LEU C 317 10.53 32.53 2.70
N VAL C 318 11.32 33.32 1.97
CA VAL C 318 12.22 34.32 2.54
C VAL C 318 11.88 35.70 2.01
N CYS C 319 11.68 36.64 2.94
CA CYS C 319 11.41 38.03 2.63
C CYS C 319 12.30 38.86 3.54
N GLY C 320 13.47 39.25 3.06
CA GLY C 320 14.42 39.96 3.91
C GLY C 320 14.80 39.06 5.07
N ASP C 321 14.63 39.57 6.28
CA ASP C 321 14.97 38.81 7.49
C ASP C 321 13.86 37.88 7.94
N ASP C 322 12.76 37.87 7.22
CA ASP C 322 11.63 37.01 7.55
C ASP C 322 11.80 35.65 6.88
N LEU C 323 11.65 34.61 7.66
CA LEU C 323 11.84 33.25 7.20
C LEU C 323 10.70 32.37 7.69
N VAL C 324 10.08 31.64 6.76
CA VAL C 324 9.17 30.56 7.07
C VAL C 324 9.65 29.30 6.40
N VAL C 325 9.51 28.21 7.12
CA VAL C 325 9.88 26.89 6.62
C VAL C 325 8.73 25.93 6.88
N ILE C 326 8.34 25.20 5.85
CA ILE C 326 7.36 24.13 5.96
C ILE C 326 8.07 22.85 5.51
N CYS C 327 8.01 21.82 6.35
CA CYS C 327 8.76 20.62 6.07
C CYS C 327 7.98 19.38 6.47
N GLU C 328 8.56 18.21 6.23
CA GLU C 328 7.97 16.94 6.65
C GLU C 328 8.27 16.64 8.10
N SER C 329 7.23 16.40 8.89
CA SER C 329 7.40 16.07 10.30
C SER C 329 8.06 14.72 10.49
N ALA C 330 8.95 14.67 11.49
CA ALA C 330 9.62 13.44 11.91
C ALA C 330 9.08 12.92 13.25
N GLY C 331 8.00 13.53 13.72
CA GLY C 331 7.47 13.29 15.07
C GLY C 331 7.63 14.51 15.94
N VAL C 332 6.91 14.54 17.05
CA VAL C 332 6.89 15.71 17.93
C VAL C 332 8.25 16.02 18.56
N GLN C 333 8.84 15.08 19.30
CA GLN C 333 10.13 15.33 19.94
C GLN C 333 11.25 15.47 18.89
N GLU C 334 11.13 14.71 17.81
CA GLU C 334 12.06 14.79 16.69
C GLU C 334 12.07 16.20 16.08
N ASP C 335 10.90 16.71 15.77
CA ASP C 335 10.75 18.06 15.21
C ASP C 335 11.27 19.12 16.17
N ALA C 336 10.92 19.00 17.44
CA ALA C 336 11.36 19.97 18.42
C ALA C 336 12.88 19.98 18.55
N ALA C 337 13.51 18.79 18.49
CA ALA C 337 14.97 18.70 18.59
C ALA C 337 15.61 19.23 17.31
N SER C 338 15.02 18.92 16.17
CA SER C 338 15.56 19.38 14.89
C SER C 338 15.52 20.92 14.80
N LEU C 339 14.47 21.53 15.35
N LEU C 339 14.49 21.51 15.37
CA LEU C 339 14.41 23.01 15.35
CA LEU C 339 14.36 22.97 15.36
C LEU C 339 15.44 23.63 16.29
C LEU C 339 15.36 23.64 16.31
N ARG C 340 15.68 22.98 17.42
CA ARG C 340 16.77 23.43 18.30
C ARG C 340 18.12 23.37 17.55
N ALA C 341 18.31 22.31 16.75
CA ALA C 341 19.51 22.15 15.95
C ALA C 341 19.60 23.20 14.83
N PHE C 342 18.44 23.52 14.24
CA PHE C 342 18.36 24.60 13.26
C PHE C 342 18.80 25.92 13.89
N THR C 343 18.30 26.19 15.09
CA THR C 343 18.66 27.39 15.83
C THR C 343 20.16 27.43 16.17
N GLU C 344 20.72 26.28 16.55
CA GLU C 344 22.15 26.20 16.83
C GLU C 344 22.99 26.52 15.60
N ALA C 345 22.59 25.99 14.45
CA ALA C 345 23.28 26.27 13.20
C ALA C 345 23.19 27.75 12.83
N MET C 346 21.98 28.31 12.90
CA MET C 346 21.80 29.75 12.58
C MET C 346 22.61 30.63 13.50
N THR C 347 22.70 30.24 14.77
CA THR C 347 23.48 30.96 15.76
C THR C 347 24.96 30.92 15.41
N ARG C 348 25.46 29.74 15.05
CA ARG C 348 26.85 29.64 14.55
C ARG C 348 27.11 30.55 13.36
N TYR C 349 26.11 30.69 12.47
CA TYR C 349 26.24 31.57 11.29
C TYR C 349 26.04 33.06 11.60
N SER C 350 25.80 33.36 12.87
N SER C 350 25.95 33.38 12.88
CA SER C 350 25.73 34.70 13.45
CA SER C 350 25.67 34.72 13.36
C SER C 350 24.29 35.18 13.70
C SER C 350 24.25 35.10 12.99
N ALA C 351 23.29 34.31 13.49
CA ALA C 351 21.89 34.73 13.45
C ALA C 351 21.06 34.05 14.55
N PRO C 352 21.36 34.36 15.83
CA PRO C 352 20.56 33.74 16.87
C PRO C 352 19.18 34.36 16.98
N PRO C 353 18.25 33.65 17.63
CA PRO C 353 16.88 34.08 17.62
C PRO C 353 16.57 35.05 18.72
N GLY C 354 15.50 35.79 18.55
CA GLY C 354 14.85 36.46 19.64
C GLY C 354 14.04 35.40 20.35
N ASP C 355 12.77 35.29 19.98
CA ASP C 355 11.92 34.22 20.49
C ASP C 355 12.38 32.91 19.84
N PRO C 356 12.62 31.84 20.63
CA PRO C 356 12.98 30.59 19.97
C PRO C 356 11.86 30.10 19.06
N PRO C 357 12.22 29.46 17.96
CA PRO C 357 11.20 28.99 17.02
C PRO C 357 10.43 27.82 17.63
N GLN C 358 9.14 27.74 17.29
CA GLN C 358 8.29 26.65 17.78
C GLN C 358 7.72 25.86 16.62
N PRO C 359 7.76 24.53 16.70
CA PRO C 359 7.12 23.75 15.64
C PRO C 359 5.63 23.98 15.67
N GLU C 360 5.03 24.13 14.48
CA GLU C 360 3.59 24.28 14.36
C GLU C 360 3.01 23.22 13.44
N TYR C 361 1.85 22.68 13.83
CA TYR C 361 1.18 21.65 13.06
C TYR C 361 -0.16 22.14 12.50
N ASP C 362 -0.45 23.42 12.67
CA ASP C 362 -1.63 24.06 12.06
C ASP C 362 -1.10 25.28 11.31
N LEU C 363 -1.40 25.32 10.02
CA LEU C 363 -0.90 26.39 9.16
C LEU C 363 -1.28 27.78 9.68
N GLU C 364 -2.48 27.87 10.26
CA GLU C 364 -3.02 29.13 10.74
C GLU C 364 -2.18 29.77 11.86
N LEU C 365 -1.34 28.97 12.50
CA LEU C 365 -0.55 29.40 13.67
C LEU C 365 0.85 29.87 13.34
N ILE C 366 1.19 29.87 12.05
CA ILE C 366 2.49 30.35 11.61
C ILE C 366 2.37 31.79 11.23
N THR C 367 3.22 32.63 11.83
CA THR C 367 3.21 34.06 11.56
C THR C 367 4.47 34.42 10.77
N SER C 368 4.26 35.09 9.64
N SER C 368 4.28 35.04 9.61
CA SER C 368 5.34 35.47 8.73
CA SER C 368 5.40 35.49 8.79
C SER C 368 5.00 36.81 8.12
C SER C 368 5.04 36.77 8.09
N CYS C 369 5.94 37.74 8.16
CA CYS C 369 5.67 39.13 7.75
C CYS C 369 4.39 39.61 8.45
N SER C 370 4.35 39.37 9.76
CA SER C 370 3.24 39.73 10.67
C SER C 370 1.94 38.98 10.41
N SER C 371 1.92 38.09 9.42
CA SER C 371 0.65 37.63 8.87
C SER C 371 0.50 36.13 9.00
N ASN C 372 -0.74 35.67 9.06
CA ASN C 372 -1.02 34.27 9.07
C ASN C 372 -2.13 33.94 8.10
N VAL C 373 -2.12 32.69 7.64
CA VAL C 373 -3.18 32.16 6.79
C VAL C 373 -4.41 31.92 7.65
N SER C 374 -5.57 32.26 7.12
CA SER C 374 -6.83 31.91 7.75
C SER C 374 -7.79 31.48 6.67
N VAL C 375 -8.95 31.00 7.09
CA VAL C 375 -9.95 30.47 6.17
C VAL C 375 -11.29 31.21 6.36
N ALA C 376 -11.90 31.60 5.23
CA ALA C 376 -13.26 32.08 5.22
C ALA C 376 -13.96 31.35 4.08
N HIS C 377 -15.14 31.82 3.70
CA HIS C 377 -15.93 31.10 2.71
C HIS C 377 -16.51 32.08 1.71
N ASP C 378 -16.64 31.65 0.47
CA ASP C 378 -17.28 32.48 -0.55
C ASP C 378 -18.81 32.29 -0.46
N GLY C 379 -19.54 32.84 -1.41
CA GLY C 379 -21.00 32.82 -1.35
C GLY C 379 -21.63 31.45 -1.49
N ALA C 380 -20.87 30.50 -2.05
CA ALA C 380 -21.33 29.12 -2.23
C ALA C 380 -20.90 28.21 -1.08
N GLY C 381 -20.16 28.77 -0.13
CA GLY C 381 -19.65 28.02 1.00
C GLY C 381 -18.33 27.34 0.75
N LYS C 382 -17.63 27.70 -0.33
CA LYS C 382 -16.33 27.13 -0.61
C LYS C 382 -15.27 27.79 0.29
N ARG C 383 -14.40 26.99 0.88
CA ARG C 383 -13.28 27.49 1.65
C ARG C 383 -12.39 28.33 0.76
N VAL C 384 -12.05 29.51 1.29
CA VAL C 384 -11.12 30.42 0.66
C VAL C 384 -10.04 30.78 1.69
N TYR C 385 -8.79 30.54 1.35
CA TYR C 385 -7.67 30.89 2.22
C TYR C 385 -7.22 32.31 1.93
N TYR C 386 -6.85 33.05 2.95
CA TYR C 386 -6.40 34.41 2.78
C TYR C 386 -5.45 34.76 3.92
N LEU C 387 -4.69 35.83 3.74
CA LEU C 387 -3.73 36.26 4.76
C LEU C 387 -4.29 37.38 5.60
N THR C 388 -4.10 37.26 6.91
CA THR C 388 -4.58 38.26 7.83
C THR C 388 -3.46 38.55 8.85
N ARG C 389 -3.74 39.47 9.74
CA ARG C 389 -2.81 39.80 10.81
C ARG C 389 -3.58 40.40 11.96
N ASP C 390 -2.92 40.56 13.09
CA ASP C 390 -3.52 41.28 14.21
C ASP C 390 -3.75 42.72 13.77
N PRO C 391 -4.97 43.24 13.93
CA PRO C 391 -5.25 44.60 13.41
C PRO C 391 -4.85 45.77 14.29
N THR C 392 -4.20 45.50 15.43
CA THR C 392 -3.92 46.54 16.43
C THR C 392 -3.05 47.66 15.85
N THR C 393 -1.91 47.28 15.28
CA THR C 393 -0.99 48.28 14.75
C THR C 393 -1.59 48.98 13.52
N PRO C 394 -2.16 48.22 12.57
CA PRO C 394 -2.91 48.90 11.51
C PRO C 394 -3.95 49.95 11.96
N LEU C 395 -4.75 49.64 12.98
CA LEU C 395 -5.79 50.55 13.42
C LEU C 395 -5.20 51.76 14.15
N ALA C 396 -4.16 51.54 14.94
CA ALA C 396 -3.51 52.65 15.64
C ALA C 396 -2.93 53.62 14.63
N ARG C 397 -2.32 53.07 13.58
CA ARG C 397 -1.70 53.90 12.56
C ARG C 397 -2.76 54.61 11.72
N ALA C 398 -3.86 53.93 11.46
CA ALA C 398 -5.00 54.53 10.78
C ALA C 398 -5.55 55.73 11.54
N ALA C 399 -5.65 55.61 12.87
CA ALA C 399 -6.05 56.73 13.74
C ALA C 399 -5.11 57.92 13.59
N TRP C 400 -3.81 57.64 13.69
CA TRP C 400 -2.79 58.66 13.55
C TRP C 400 -2.89 59.36 12.20
N GLU C 401 -3.01 58.58 11.13
CA GLU C 401 -3.06 59.11 9.77
C GLU C 401 -4.36 59.86 9.46
N THR C 402 -5.40 59.58 10.24
CA THR C 402 -6.65 60.34 10.13
C THR C 402 -6.42 61.71 10.77
N ALA C 403 -5.70 61.74 11.89
CA ALA C 403 -5.54 62.98 12.70
C ALA C 403 -4.40 63.89 12.24
N ARG C 404 -3.40 63.30 11.61
N ARG C 404 -3.38 63.32 11.62
CA ARG C 404 -2.21 64.02 11.15
CA ARG C 404 -2.27 64.13 11.12
C ARG C 404 -1.94 63.68 9.68
C ARG C 404 -1.88 63.69 9.73
N HIS C 405 -1.44 64.65 8.92
CA HIS C 405 -0.97 64.38 7.57
C HIS C 405 0.36 63.62 7.70
N THR C 406 0.48 62.54 6.96
CA THR C 406 1.69 61.72 6.99
C THR C 406 2.11 61.53 5.53
N PRO C 407 3.42 61.40 5.29
CA PRO C 407 3.89 61.31 3.91
C PRO C 407 3.41 60.03 3.23
N VAL C 408 3.40 58.95 3.99
CA VAL C 408 2.94 57.65 3.51
C VAL C 408 1.75 57.22 4.36
N ASN C 409 0.78 56.61 3.71
CA ASN C 409 -0.44 56.18 4.35
C ASN C 409 -0.47 54.67 4.52
N SER C 410 -0.16 54.19 5.72
CA SER C 410 -0.20 52.75 5.96
C SER C 410 -1.59 52.19 5.77
N TRP C 411 -2.62 52.99 6.03
CA TRP C 411 -3.99 52.51 5.91
C TRP C 411 -4.30 52.00 4.50
N LEU C 412 -3.74 52.68 3.51
CA LEU C 412 -4.01 52.36 2.11
C LEU C 412 -3.26 51.09 1.73
N GLY C 413 -1.99 51.01 2.16
CA GLY C 413 -1.23 49.79 1.98
C GLY C 413 -1.91 48.60 2.62
N ASN C 414 -2.42 48.80 3.84
CA ASN C 414 -3.11 47.75 4.55
C ASN C 414 -4.42 47.31 3.91
N ILE C 415 -5.17 48.25 3.34
CA ILE C 415 -6.37 47.85 2.59
C ILE C 415 -5.99 46.99 1.37
N ILE C 416 -4.96 47.42 0.67
CA ILE C 416 -4.50 46.72 -0.53
C ILE C 416 -4.00 45.32 -0.15
N MET C 417 -3.17 45.21 0.88
CA MET C 417 -2.54 43.92 1.21
C MET C 417 -3.45 42.97 1.99
N PHE C 418 -4.42 43.54 2.72
CA PHE C 418 -5.33 42.77 3.58
C PHE C 418 -6.81 42.94 3.23
N ALA C 419 -7.09 43.26 1.97
CA ALA C 419 -8.46 43.46 1.47
C ALA C 419 -9.49 42.38 1.85
N PRO C 420 -9.11 41.09 1.81
CA PRO C 420 -10.09 40.04 2.15
C PRO C 420 -10.48 39.94 3.63
N THR C 421 -9.77 40.65 4.49
CA THR C 421 -9.96 40.45 5.93
C THR C 421 -11.20 41.15 6.45
N LEU C 422 -11.74 40.60 7.52
CA LEU C 422 -12.94 41.14 8.17
C LEU C 422 -12.72 42.60 8.58
N TRP C 423 -11.54 42.86 9.16
CA TRP C 423 -11.19 44.17 9.72
C TRP C 423 -10.88 45.22 8.65
N ALA C 424 -10.17 44.84 7.60
CA ALA C 424 -9.90 45.82 6.53
C ALA C 424 -11.20 46.21 5.84
N ARG C 425 -12.10 45.23 5.65
CA ARG C 425 -13.36 45.48 4.93
C ARG C 425 -14.33 46.30 5.76
N MET C 426 -14.55 45.89 7.00
CA MET C 426 -15.58 46.50 7.82
C MET C 426 -15.16 47.82 8.46
N ILE C 427 -13.85 47.95 8.78
CA ILE C 427 -13.37 49.10 9.53
C ILE C 427 -12.55 50.05 8.66
N LEU C 428 -11.47 49.56 8.05
CA LEU C 428 -10.61 50.44 7.26
C LEU C 428 -11.31 51.04 6.03
N MET C 429 -11.99 50.20 5.23
CA MET C 429 -12.65 50.68 4.03
C MET C 429 -13.73 51.67 4.40
N THR C 430 -14.53 51.30 5.39
CA THR C 430 -15.66 52.11 5.81
C THR C 430 -15.17 53.47 6.32
N HIS C 431 -14.18 53.44 7.21
CA HIS C 431 -13.65 54.66 7.79
C HIS C 431 -13.03 55.60 6.77
N PHE C 432 -12.17 55.07 5.92
CA PHE C 432 -11.45 55.96 5.02
C PHE C 432 -12.25 56.46 3.83
N PHE C 433 -13.21 55.69 3.35
CA PHE C 433 -14.10 56.23 2.33
C PHE C 433 -15.02 57.28 2.96
N SER C 434 -15.42 57.06 4.21
CA SER C 434 -16.17 58.06 4.96
C SER C 434 -15.35 59.37 5.03
N VAL C 435 -14.10 59.26 5.44
CA VAL C 435 -13.19 60.40 5.62
C VAL C 435 -12.94 61.12 4.29
N LEU C 436 -12.65 60.34 3.25
CA LEU C 436 -12.41 60.89 1.91
C LEU C 436 -13.61 61.64 1.34
N ILE C 437 -14.81 61.12 1.60
CA ILE C 437 -16.03 61.78 1.13
C ILE C 437 -16.24 63.09 1.89
N ALA C 438 -16.07 63.03 3.21
CA ALA C 438 -16.25 64.19 4.09
C ALA C 438 -15.27 65.31 3.80
N ARG C 439 -14.05 64.96 3.39
CA ARG C 439 -13.02 65.95 3.11
C ARG C 439 -12.90 66.29 1.63
N ASP C 440 -13.80 65.74 0.81
CA ASP C 440 -13.82 66.00 -0.64
C ASP C 440 -12.48 65.63 -1.29
N GLN C 441 -12.00 64.44 -0.96
CA GLN C 441 -10.68 63.96 -1.39
C GLN C 441 -10.76 62.61 -2.09
N LEU C 442 -11.95 62.19 -2.51
CA LEU C 442 -12.10 60.90 -3.17
C LEU C 442 -11.20 60.74 -4.38
N GLU C 443 -10.99 61.85 -5.11
CA GLU C 443 -10.24 61.78 -6.35
C GLU C 443 -8.73 61.99 -6.19
N GLN C 444 -8.26 62.21 -4.97
CA GLN C 444 -6.86 62.53 -4.75
C GLN C 444 -6.01 61.27 -4.56
N ALA C 445 -4.92 61.18 -5.31
CA ALA C 445 -3.98 60.07 -5.17
C ALA C 445 -3.20 60.26 -3.88
N LEU C 446 -2.85 59.13 -3.25
CA LEU C 446 -2.12 59.16 -2.00
C LEU C 446 -0.95 58.22 -2.09
N ASP C 447 0.12 58.56 -1.37
CA ASP C 447 1.30 57.72 -1.29
C ASP C 447 1.13 56.62 -0.25
N CYS C 448 1.59 55.44 -0.60
CA CYS C 448 1.58 54.28 0.30
C CYS C 448 2.71 53.39 -0.12
N GLU C 449 2.95 52.33 0.65
CA GLU C 449 4.04 51.40 0.31
C GLU C 449 3.52 50.00 0.03
N ILE C 450 4.16 49.34 -0.92
CA ILE C 450 3.92 47.93 -1.22
C ILE C 450 5.30 47.27 -1.29
N TYR C 451 5.53 46.32 -0.39
CA TYR C 451 6.86 45.74 -0.21
C TYR C 451 7.97 46.80 -0.12
N GLY C 452 7.72 47.88 0.61
CA GLY C 452 8.75 48.86 0.90
C GLY C 452 8.96 49.93 -0.15
N ALA C 453 8.41 49.71 -1.34
CA ALA C 453 8.45 50.73 -2.40
C ALA C 453 7.25 51.65 -2.27
N CYS C 454 7.44 52.92 -2.60
CA CYS C 454 6.40 53.92 -2.51
C CYS C 454 5.64 54.01 -3.82
N TYR C 455 4.31 54.03 -3.71
CA TYR C 455 3.39 54.16 -4.85
C TYR C 455 2.41 55.31 -4.62
N SER C 456 2.04 55.98 -5.71
CA SER C 456 0.95 56.94 -5.67
C SER C 456 -0.30 56.22 -6.17
N ILE C 457 -1.26 55.99 -5.27
CA ILE C 457 -2.45 55.20 -5.58
C ILE C 457 -3.72 56.04 -5.40
N GLU C 458 -4.62 55.92 -6.38
CA GLU C 458 -5.94 56.53 -6.28
C GLU C 458 -6.87 55.58 -5.53
N PRO C 459 -7.43 56.01 -4.38
CA PRO C 459 -8.36 55.12 -3.68
C PRO C 459 -9.53 54.61 -4.53
N LEU C 460 -9.94 55.39 -5.53
CA LEU C 460 -11.02 54.96 -6.43
C LEU C 460 -10.65 53.77 -7.29
N ASP C 461 -9.37 53.43 -7.36
CA ASP C 461 -8.90 52.24 -8.09
C ASP C 461 -8.82 51.00 -7.22
N LEU C 462 -9.29 51.10 -5.98
CA LEU C 462 -9.17 49.98 -5.05
C LEU C 462 -9.87 48.71 -5.55
N PRO C 463 -11.12 48.81 -6.03
CA PRO C 463 -11.76 47.58 -6.45
C PRO C 463 -10.98 46.74 -7.51
N PRO C 464 -10.58 47.35 -8.64
CA PRO C 464 -9.79 46.52 -9.57
C PRO C 464 -8.42 46.05 -9.04
N ILE C 465 -7.76 46.88 -8.23
CA ILE C 465 -6.53 46.48 -7.58
C ILE C 465 -6.77 45.23 -6.72
N ILE C 466 -7.82 45.25 -5.92
CA ILE C 466 -8.14 44.13 -5.04
C ILE C 466 -8.49 42.89 -5.85
N GLN C 467 -9.23 43.07 -6.94
CA GLN C 467 -9.56 41.93 -7.79
C GLN C 467 -8.29 41.26 -8.29
N ARG C 468 -7.34 42.07 -8.77
CA ARG C 468 -6.09 41.55 -9.29
C ARG C 468 -5.22 40.87 -8.22
N LEU C 469 -5.18 41.44 -7.02
CA LEU C 469 -4.32 40.93 -5.95
C LEU C 469 -4.90 39.74 -5.18
N HIS C 470 -6.23 39.67 -5.11
CA HIS C 470 -6.90 38.73 -4.22
C HIS C 470 -7.99 37.88 -4.87
N GLY C 471 -8.42 38.27 -6.06
CA GLY C 471 -9.54 37.60 -6.72
C GLY C 471 -10.86 38.23 -6.35
N LEU C 472 -11.87 37.95 -7.16
CA LEU C 472 -13.21 38.48 -6.95
C LEU C 472 -13.81 38.05 -5.61
N SER C 473 -13.36 36.90 -5.09
CA SER C 473 -13.89 36.39 -3.83
C SER C 473 -13.67 37.33 -2.64
N ALA C 474 -12.67 38.19 -2.77
CA ALA C 474 -12.36 39.17 -1.72
C ALA C 474 -13.54 40.05 -1.34
N PHE C 475 -14.51 40.19 -2.25
CA PHE C 475 -15.68 41.02 -1.98
C PHE C 475 -16.88 40.23 -1.49
N SER C 476 -16.72 38.92 -1.35
CA SER C 476 -17.85 38.08 -0.99
C SER C 476 -17.56 37.16 0.20
N LEU C 477 -16.39 37.27 0.83
CA LEU C 477 -16.09 36.34 1.91
C LEU C 477 -17.00 36.55 3.11
N HIS C 478 -17.29 35.46 3.77
CA HIS C 478 -18.07 35.48 4.99
C HIS C 478 -17.75 34.20 5.76
N SER C 479 -18.38 34.01 6.92
N SER C 479 -18.37 34.01 6.92
CA SER C 479 -18.11 32.85 7.76
CA SER C 479 -18.09 32.83 7.74
C SER C 479 -16.61 32.70 8.01
C SER C 479 -16.60 32.70 8.01
N TYR C 480 -16.05 33.73 8.63
CA TYR C 480 -14.65 33.75 9.00
C TYR C 480 -14.45 32.82 10.17
N SER C 481 -13.20 32.52 10.50
CA SER C 481 -12.91 31.50 11.51
C SER C 481 -13.13 32.04 12.91
N PRO C 482 -13.49 31.16 13.86
CA PRO C 482 -13.68 31.60 15.24
C PRO C 482 -12.48 32.35 15.80
N GLY C 483 -11.27 31.84 15.55
CA GLY C 483 -10.05 32.45 16.06
C GLY C 483 -9.85 33.85 15.51
N GLU C 484 -10.11 34.01 14.22
CA GLU C 484 -9.95 35.32 13.60
C GLU C 484 -10.98 36.30 14.15
N ILE C 485 -12.23 35.87 14.25
CA ILE C 485 -13.28 36.71 14.80
C ILE C 485 -12.94 37.17 16.22
N ASN C 486 -12.45 36.23 17.02
CA ASN C 486 -12.09 36.53 18.40
C ASN C 486 -10.93 37.52 18.49
N ARG C 487 -9.94 37.36 17.63
CA ARG C 487 -8.76 38.25 17.67
C ARG C 487 -9.19 39.67 17.30
N VAL C 488 -10.03 39.79 16.29
CA VAL C 488 -10.54 41.10 15.88
C VAL C 488 -11.37 41.71 17.01
N ALA C 489 -12.24 40.91 17.59
CA ALA C 489 -13.07 41.34 18.74
C ALA C 489 -12.24 41.85 19.91
N ALA C 490 -11.18 41.13 20.24
CA ALA C 490 -10.29 41.49 21.36
C ALA C 490 -9.57 42.81 21.09
N CYS C 491 -9.14 42.98 19.85
CA CYS C 491 -8.51 44.23 19.42
C CYS C 491 -9.48 45.41 19.53
N LEU C 492 -10.71 45.26 19.05
CA LEU C 492 -11.68 46.36 19.11
C LEU C 492 -11.96 46.80 20.54
N ARG C 493 -12.13 45.80 21.42
CA ARG C 493 -12.35 46.09 22.84
C ARG C 493 -11.16 46.85 23.42
N LYS C 494 -9.96 46.36 23.11
CA LYS C 494 -8.71 46.95 23.60
C LYS C 494 -8.57 48.41 23.23
N LEU C 495 -8.85 48.73 21.98
CA LEU C 495 -8.63 50.08 21.45
C LEU C 495 -9.84 51.01 21.58
N GLY C 496 -10.95 50.48 22.07
CA GLY C 496 -12.19 51.25 22.15
C GLY C 496 -12.71 51.57 20.76
N VAL C 497 -12.70 50.56 19.88
CA VAL C 497 -13.21 50.71 18.52
C VAL C 497 -14.66 50.29 18.55
N PRO C 498 -15.55 51.08 17.92
CA PRO C 498 -16.95 50.64 17.88
C PRO C 498 -17.08 49.22 17.32
N PRO C 499 -18.10 48.48 17.76
CA PRO C 499 -18.22 47.09 17.37
C PRO C 499 -18.60 46.98 15.88
N LEU C 500 -18.40 45.80 15.31
CA LEU C 500 -18.65 45.60 13.89
C LEU C 500 -20.07 46.00 13.44
N ARG C 501 -21.08 45.88 14.31
CA ARG C 501 -22.44 46.32 13.97
C ARG C 501 -22.50 47.80 13.59
N ALA C 502 -21.80 48.63 14.36
CA ALA C 502 -21.76 50.08 14.09
C ALA C 502 -21.13 50.36 12.75
N TRP C 503 -20.12 49.57 12.42
CA TRP C 503 -19.45 49.74 11.16
C TRP C 503 -20.35 49.39 9.99
N ARG C 504 -21.20 48.39 10.14
CA ARG C 504 -22.17 48.04 9.08
C ARG C 504 -23.11 49.20 8.78
N HIS C 505 -23.59 49.86 9.83
CA HIS C 505 -24.45 51.05 9.71
C HIS C 505 -23.77 52.17 8.89
N ARG C 506 -22.54 52.50 9.27
CA ARG C 506 -21.77 53.53 8.55
C ARG C 506 -21.53 53.12 7.11
N ALA C 507 -21.16 51.85 6.92
CA ALA C 507 -20.85 51.35 5.58
C ALA C 507 -22.05 51.48 4.63
N ARG C 508 -23.25 51.27 5.16
CA ARG C 508 -24.46 51.41 4.36
C ARG C 508 -24.63 52.85 3.90
N SER C 509 -24.33 53.77 4.80
CA SER C 509 -24.33 55.21 4.48
C SER C 509 -23.29 55.54 3.44
N VAL C 510 -22.04 55.15 3.70
CA VAL C 510 -20.93 55.39 2.78
C VAL C 510 -21.21 54.77 1.42
N ARG C 511 -21.69 53.53 1.41
CA ARG C 511 -22.04 52.85 0.16
C ARG C 511 -23.01 53.67 -0.69
N ALA C 512 -24.07 54.15 -0.06
CA ALA C 512 -25.09 54.91 -0.78
C ALA C 512 -24.50 56.17 -1.41
N LYS C 513 -23.63 56.86 -0.65
CA LYS C 513 -22.97 58.08 -1.12
C LYS C 513 -22.09 57.80 -2.34
N LEU C 514 -21.36 56.68 -2.28
CA LEU C 514 -20.51 56.27 -3.38
C LEU C 514 -21.29 55.93 -4.65
N LEU C 515 -22.37 55.17 -4.47
CA LEU C 515 -23.24 54.79 -5.58
C LEU C 515 -23.83 56.02 -6.27
N SER C 516 -24.27 56.99 -5.49
CA SER C 516 -24.88 58.20 -6.06
C SER C 516 -23.91 58.95 -6.98
N ARG C 517 -22.62 58.83 -6.70
CA ARG C 517 -21.59 59.56 -7.44
C ARG C 517 -21.25 58.91 -8.79
N GLY C 518 -21.66 57.65 -8.97
CA GLY C 518 -21.44 56.96 -10.23
C GLY C 518 -19.96 56.73 -10.52
N GLY C 519 -19.67 56.31 -11.75
CA GLY C 519 -18.30 56.09 -12.19
C GLY C 519 -17.53 55.13 -11.28
N ARG C 520 -16.25 55.44 -11.06
CA ARG C 520 -15.40 54.60 -10.20
C ARG C 520 -15.90 54.57 -8.75
N ALA C 521 -16.45 55.68 -8.29
CA ALA C 521 -16.98 55.76 -6.94
C ALA C 521 -18.09 54.74 -6.72
N ALA C 522 -18.99 54.62 -7.70
CA ALA C 522 -20.08 53.67 -7.58
C ALA C 522 -19.57 52.24 -7.57
N ILE C 523 -18.52 51.96 -8.36
CA ILE C 523 -17.89 50.64 -8.35
C ILE C 523 -17.32 50.37 -6.95
N CYS C 524 -16.74 51.38 -6.32
CA CYS C 524 -16.30 51.24 -4.92
C CYS C 524 -17.46 50.87 -4.03
N GLY C 525 -18.58 51.59 -4.16
CA GLY C 525 -19.78 51.30 -3.40
C GLY C 525 -20.30 49.88 -3.60
N LYS C 526 -20.39 49.48 -4.85
CA LYS C 526 -20.94 48.18 -5.22
C LYS C 526 -20.08 47.02 -4.71
N TYR C 527 -18.79 47.07 -5.01
CA TYR C 527 -17.89 45.94 -4.73
C TYR C 527 -17.37 45.96 -3.30
N LEU C 528 -16.88 47.10 -2.84
CA LEU C 528 -16.26 47.15 -1.52
C LEU C 528 -17.25 46.98 -0.38
N PHE C 529 -18.50 47.36 -0.60
CA PHE C 529 -19.49 47.37 0.48
C PHE C 529 -20.70 46.49 0.24
N ASN C 530 -20.58 45.52 -0.68
CA ASN C 530 -21.63 44.51 -0.86
C ASN C 530 -21.92 43.74 0.43
N TRP C 531 -20.90 43.60 1.28
CA TRP C 531 -21.06 42.90 2.55
C TRP C 531 -22.08 43.57 3.46
N ALA C 532 -22.27 44.87 3.31
CA ALA C 532 -23.12 45.64 4.21
C ALA C 532 -24.63 45.64 3.86
N VAL C 533 -25.00 45.08 2.70
CA VAL C 533 -26.40 45.00 2.28
C VAL C 533 -26.88 43.56 2.12
N ARG C 534 -28.15 43.32 2.46
CA ARG C 534 -28.77 42.01 2.26
C ARG C 534 -29.19 41.84 0.80
N THR C 535 -29.74 42.91 0.22
CA THR C 535 -30.04 42.94 -1.21
C THR C 535 -28.73 43.11 -1.97
N LYS C 536 -28.03 42.01 -2.14
CA LYS C 536 -26.68 42.04 -2.70
C LYS C 536 -26.64 42.17 -4.21
N LEU C 537 -25.70 42.98 -4.69
CA LEU C 537 -25.51 43.16 -6.12
C LEU C 537 -24.62 42.05 -6.67
N LYS C 538 -24.81 41.75 -7.96
CA LYS C 538 -24.03 40.73 -8.66
C LYS C 538 -22.65 41.29 -8.97
N LEU C 539 -21.62 40.65 -8.41
CA LEU C 539 -20.26 41.14 -8.57
C LEU C 539 -19.54 40.39 -9.68
N THR C 540 -19.54 41.00 -10.84
CA THR C 540 -18.90 40.44 -12.02
C THR C 540 -17.46 40.96 -12.11
N PRO C 541 -16.62 40.31 -12.91
CA PRO C 541 -15.27 40.84 -13.05
C PRO C 541 -15.28 42.29 -13.52
N ILE C 542 -14.44 43.09 -12.87
CA ILE C 542 -14.36 44.52 -13.13
C ILE C 542 -13.53 44.77 -14.39
N ALA C 543 -14.14 45.40 -15.39
CA ALA C 543 -13.46 45.68 -16.65
C ALA C 543 -12.09 46.33 -16.50
N ALA C 544 -11.97 47.31 -15.60
CA ALA C 544 -10.69 48.03 -15.41
C ALA C 544 -9.57 47.16 -14.82
N ALA C 545 -9.93 46.06 -14.17
CA ALA C 545 -8.93 45.16 -13.59
C ALA C 545 -7.92 44.67 -14.62
N GLY C 546 -8.39 44.26 -15.79
CA GLY C 546 -7.50 43.77 -16.84
C GLY C 546 -6.52 44.80 -17.36
N GLN C 547 -6.90 46.08 -17.29
CA GLN C 547 -6.11 47.17 -17.85
C GLN C 547 -5.08 47.78 -16.90
N LEU C 548 -5.17 47.48 -15.60
CA LEU C 548 -4.21 47.98 -14.62
C LEU C 548 -2.81 47.50 -14.92
N ASP C 549 -1.86 48.42 -15.05
CA ASP C 549 -0.46 48.05 -15.16
C ASP C 549 0.13 47.90 -13.76
N LEU C 550 0.16 46.66 -13.27
CA LEU C 550 0.74 46.39 -11.96
C LEU C 550 2.15 45.81 -12.09
N SER C 551 2.81 46.09 -13.22
CA SER C 551 4.19 45.65 -13.38
C SER C 551 5.05 46.36 -12.33
N GLY C 552 5.93 45.60 -11.69
CA GLY C 552 6.82 46.14 -10.67
C GLY C 552 6.25 46.12 -9.26
N TRP C 553 4.97 45.77 -9.11
CA TRP C 553 4.35 45.73 -7.79
C TRP C 553 4.88 44.58 -6.90
N PHE C 554 5.00 43.42 -7.51
CA PHE C 554 5.44 42.21 -6.82
C PHE C 554 6.57 41.59 -7.60
N THR C 555 7.67 42.33 -7.67
CA THR C 555 8.89 41.88 -8.28
C THR C 555 9.94 41.67 -7.21
N ALA C 556 10.14 42.69 -6.39
CA ALA C 556 11.19 42.64 -5.38
C ALA C 556 10.81 43.48 -4.17
N GLY C 557 11.53 43.25 -3.07
CA GLY C 557 11.36 44.05 -1.87
C GLY C 557 12.31 45.23 -1.88
N TYR C 558 11.89 46.33 -1.29
CA TYR C 558 12.70 47.56 -1.31
C TYR C 558 12.70 48.35 0.01
N SER C 559 12.25 47.74 1.11
CA SER C 559 12.19 48.47 2.36
C SER C 559 13.55 49.04 2.74
N GLY C 560 13.57 50.33 3.06
CA GLY C 560 14.81 51.03 3.40
C GLY C 560 15.58 51.56 2.21
N GLY C 561 15.17 51.17 0.99
CA GLY C 561 15.95 51.42 -0.22
C GLY C 561 15.57 52.66 -1.01
N ASP C 562 14.65 53.48 -0.51
CA ASP C 562 14.39 54.80 -1.10
C ASP C 562 13.86 54.70 -2.55
N ILE C 563 12.92 53.79 -2.77
CA ILE C 563 12.39 53.54 -4.13
C ILE C 563 10.97 54.05 -4.27
N TYR C 564 10.71 54.70 -5.42
CA TYR C 564 9.40 55.20 -5.78
C TYR C 564 9.06 54.62 -7.14
N HIS C 565 7.86 54.09 -7.27
CA HIS C 565 7.40 53.45 -8.51
C HIS C 565 6.21 54.24 -9.02
N SER C 566 6.21 54.61 -10.30
CA SER C 566 5.06 55.27 -10.93
C SER C 566 4.80 54.72 -12.33
C1 IX6 D . 10.42 -11.81 -22.58
C2 IX6 D . 9.43 -11.29 -21.75
C3 IX6 D . 9.74 -10.36 -20.79
C4 IX6 D . 11.06 -9.90 -20.64
C5 IX6 D . 12.06 -10.48 -21.44
C6 IX6 D . 11.74 -11.41 -22.42
C8 IX6 D . 12.43 -9.38 -18.64
C15 IX6 D . 15.62 -9.24 -20.96
C16 IX6 D . 13.19 -11.86 -18.47
C17 IX6 D . 12.25 -10.87 -18.24
C18 IX6 D . 12.96 -13.16 -18.07
C19 IX6 D . 11.75 -13.51 -17.48
C21 IX6 D . 11.05 -11.22 -17.64
C24 IX6 D . 16.99 -10.34 -19.19
C27 IX6 D . 13.32 -15.24 -15.04
O29 IX6 D . 12.74 -11.90 -23.20
C32 IX6 D . 10.66 -7.82 -19.54
C34 IX6 D . 9.92 -7.19 -20.64
C35 IX6 D . 10.38 -6.88 -21.89
C37 IX6 D . 8.47 -6.27 -21.80
C39 IX6 D . 7.17 -5.68 -22.23
C40 IX6 D . 11.76 -7.13 -22.43
F41 IX6 D . 10.13 -10.29 -17.44
C20 IX6 D . 10.80 -12.52 -17.26
O23 IX6 D . 11.46 -14.80 -17.08
C22 IX6 D . 12.36 -15.89 -17.23
C26 IX6 D . 13.52 -15.79 -16.25
C28 IX6 D . 14.89 -16.32 -16.62
N7 IX6 D . 11.39 -8.98 -19.60
N38 IX6 D . 8.65 -6.79 -20.58
O36 IX6 D . 9.47 -6.34 -22.52
O33 IX6 D . 10.65 -7.27 -18.45
C9 IX6 D . 13.79 -9.11 -19.22
S12 IX6 D . 14.78 -8.20 -18.16
O30 IX6 D . 14.91 -8.96 -16.95
O31 IX6 D . 14.18 -6.91 -17.91
C13 IX6 D . 16.36 -7.93 -18.97
C14 IX6 D . 16.75 -9.03 -19.95
C25 IX6 D . 18.03 -8.59 -20.65
C10 IX6 D . 14.21 -9.47 -20.46
N11 IX6 D . 13.42 -10.11 -21.40
S SO4 E . 38.24 -0.68 -28.48
O1 SO4 E . 39.42 -1.32 -29.04
O2 SO4 E . 38.25 -0.87 -27.06
O3 SO4 E . 38.29 0.76 -28.76
O4 SO4 E . 37.07 -1.24 -29.14
S SO4 F . 13.50 -35.13 -10.41
O1 SO4 F . 12.99 -35.63 -11.68
O2 SO4 F . 14.83 -34.58 -10.55
O3 SO4 F . 12.69 -34.03 -9.94
O4 SO4 F . 13.62 -36.19 -9.43
S SO4 G . 33.53 -17.15 -41.07
O1 SO4 G . 33.94 -16.70 -42.40
O2 SO4 G . 34.64 -17.86 -40.45
O3 SO4 G . 33.11 -15.99 -40.32
O4 SO4 G . 32.37 -18.04 -41.18
S SO4 H . 43.59 -27.86 -15.35
O1 SO4 H . 42.52 -27.86 -16.34
O2 SO4 H . 44.31 -29.11 -15.41
O3 SO4 H . 44.53 -26.78 -15.64
O4 SO4 H . 43.03 -27.68 -14.01
S SO4 I . 37.59 -4.85 -4.75
O1 SO4 I . 37.37 -4.62 -6.17
O2 SO4 I . 37.74 -6.27 -4.48
O3 SO4 I . 38.82 -4.16 -4.34
O4 SO4 I . 36.48 -4.34 -3.95
S SO4 J . 3.14 -9.11 -31.53
O1 SO4 J . 4.39 -9.73 -31.11
O2 SO4 J . 2.93 -7.88 -30.80
O3 SO4 J . 3.27 -8.81 -32.95
O4 SO4 J . 2.05 -10.06 -31.31
C1 GOL K . 36.06 -8.55 -39.68
O1 GOL K . 37.01 -9.49 -40.07
C2 GOL K . 34.70 -8.86 -40.28
O2 GOL K . 34.28 -10.17 -39.95
C3 GOL K . 34.83 -8.66 -41.80
O3 GOL K . 33.72 -9.15 -42.53
C1 GOL L . 37.14 -17.00 -28.23
O1 GOL L . 38.24 -17.54 -28.93
C2 GOL L . 37.04 -15.52 -28.55
O2 GOL L . 36.95 -15.37 -29.96
C3 GOL L . 38.28 -14.81 -28.03
O3 GOL L . 38.15 -13.40 -28.17
S SO4 M . 30.20 -32.17 -18.79
O1 SO4 M . 30.24 -32.90 -20.05
O2 SO4 M . 31.54 -31.71 -18.43
O3 SO4 M . 29.34 -30.99 -18.93
O4 SO4 M . 29.70 -33.05 -17.74
C1 GOL N . -17.70 -2.55 -20.92
O1 GOL N . -17.85 -3.38 -19.78
C2 GOL N . -17.14 -3.34 -22.09
O2 GOL N . -16.71 -2.46 -23.10
C3 GOL N . -18.20 -4.24 -22.69
O3 GOL N . -17.63 -5.27 -23.47
C1 IX6 O . -21.24 -40.00 19.50
C2 IX6 O . -20.25 -40.48 18.69
C3 IX6 O . -19.99 -39.85 17.48
C4 IX6 O . -20.70 -38.69 17.11
C5 IX6 O . -21.71 -38.23 17.93
C6 IX6 O . -21.97 -38.90 19.13
C8 IX6 O . -21.55 -37.91 14.90
C15 IX6 O . -23.62 -35.11 16.81
C16 IX6 O . -23.73 -39.21 15.26
C17 IX6 O . -22.40 -39.18 14.88
C18 IX6 O . -24.42 -40.41 15.20
C19 IX6 O . -23.79 -41.59 14.79
C21 IX6 O . -21.78 -40.35 14.47
C24 IX6 O . -25.55 -35.51 15.29
C27 IX6 O . -26.43 -42.33 12.73
O29 IX6 O . -22.93 -38.42 19.97
C32 IX6 O . -19.12 -37.74 15.54
C34 IX6 O . -18.04 -37.53 16.51
C35 IX6 O . -18.07 -36.73 17.62
C37 IX6 O . -16.27 -37.59 17.56
C39 IX6 O . -14.86 -37.92 17.96
C40 IX6 O . -19.23 -35.88 18.10
F41 IX6 O . -20.50 -40.34 14.13
C20 IX6 O . -22.46 -41.55 14.43
O23 IX6 O . -24.45 -42.79 14.74
C22 IX6 O . -25.82 -42.94 15.08
C26 IX6 O . -26.75 -42.35 14.04
C28 IX6 O . -28.07 -41.81 14.49
N7 IX6 O . -20.43 -38.09 15.83
N38 IX6 O . -16.86 -38.11 16.47
O36 IX6 O . -17.00 -36.80 18.19
O33 IX6 O . -18.89 -37.56 14.34
C9 IX6 O . -22.32 -36.66 15.29
S12 IX6 O . -22.55 -35.58 13.98
O30 IX6 O . -23.26 -36.30 12.96
O31 IX6 O . -21.26 -35.10 13.52
C13 IX6 O . -23.53 -34.17 14.51
C14 IX6 O . -24.46 -34.51 15.68
C25 IX6 O . -25.10 -33.20 16.15
C10 IX6 O . -22.76 -36.34 16.53
N11 IX6 O . -22.49 -37.07 17.68
S SO4 P . 7.46 -46.85 6.08
O1 SO4 P . 8.43 -46.36 5.12
O2 SO4 P . 7.71 -48.28 6.32
O3 SO4 P . 7.62 -46.09 7.32
O4 SO4 P . 6.10 -46.69 5.59
S SO4 Q . -13.21 -40.92 28.05
O1 SO4 Q . -12.40 -40.34 26.98
O2 SO4 Q . -12.90 -42.34 28.22
O3 SO4 Q . -12.99 -40.20 29.30
O4 SO4 Q . -14.62 -40.77 27.67
S SO4 R . -28.64 -15.20 14.97
O1 SO4 R . -27.82 -15.87 13.96
O2 SO4 R . -27.95 -15.08 16.24
O3 SO4 R . -28.90 -13.83 14.50
O4 SO4 R . -29.89 -15.91 15.13
S SO4 S . -38.62 -21.05 -1.59
O1 SO4 S . -37.44 -21.33 -2.43
O2 SO4 S . -38.23 -20.93 -0.20
O3 SO4 S . -39.22 -19.80 -2.05
O4 SO4 S . -39.57 -22.15 -1.74
S SO4 T . -57.24 -31.36 12.99
O1 SO4 T . -56.74 -31.83 11.71
O2 SO4 T . -56.34 -31.82 14.04
O3 SO4 T . -57.29 -29.91 12.95
O4 SO4 T . -58.55 -31.93 13.26
C1 GOL U . -29.52 -21.07 15.01
O1 GOL U . -28.71 -21.54 16.07
C2 GOL U . -30.34 -19.94 15.60
O2 GOL U . -30.89 -20.33 16.84
C3 GOL U . -31.46 -19.56 14.67
O3 GOL U . -31.97 -18.36 15.19
C1 GOL V . -43.60 -22.57 22.89
O1 GOL V . -42.57 -21.65 22.72
C2 GOL V . -43.13 -23.74 23.74
O2 GOL V . -42.80 -23.29 25.05
C3 GOL V . -44.22 -24.83 23.78
O3 GOL V . -45.40 -24.37 24.43
S SO4 W . -49.98 -42.79 18.68
O1 SO4 W . -50.26 -44.16 18.26
O2 SO4 W . -48.52 -42.59 18.80
O3 SO4 W . -50.51 -41.85 17.70
O4 SO4 W . -50.59 -42.55 19.98
C1 GOL X . -20.62 -23.17 24.96
O1 GOL X . -20.11 -24.47 25.10
C2 GOL X . -20.69 -22.79 23.49
O2 GOL X . -20.36 -21.43 23.38
C3 GOL X . -22.09 -23.05 22.90
O3 GOL X . -22.08 -23.98 21.84
C1 IX6 Y . 6.22 42.68 8.29
C2 IX6 Y . 7.27 42.38 7.45
C3 IX6 Y . 7.42 43.08 6.27
C4 IX6 Y . 6.54 44.11 5.94
C5 IX6 Y . 5.46 44.39 6.81
C6 IX6 Y . 5.30 43.67 7.99
C8 IX6 Y . 5.55 44.80 3.80
C15 IX6 Y . 3.09 47.16 5.81
C16 IX6 Y . 3.60 43.15 4.09
C17 IX6 Y . 4.92 43.41 3.74
C18 IX6 Y . 3.10 41.86 4.03
C19 IX6 Y . 3.90 40.81 3.59
C21 IX6 Y . 5.72 42.35 3.32
C24 IX6 Y . 1.23 46.41 4.34
C27 IX6 Y . 1.38 39.70 1.50
O29 IX6 Y . 4.27 43.96 8.85
C32 IX6 Y . 7.94 45.33 4.44
C34 IX6 Y . 9.00 45.68 5.38
C35 IX6 Y . 8.91 46.49 6.49
C37 IX6 Y . 10.80 45.85 6.38
C39 IX6 Y . 12.25 45.66 6.73
C40 IX6 Y . 7.67 47.19 6.96
F41 IX6 Y . 6.99 42.60 3.00
C20 IX6 Y . 5.22 41.06 3.26
O23 IX6 Y . 3.41 39.53 3.53
C22 IX6 Y . 2.06 39.16 3.84
C26 IX6 Y . 1.06 39.64 2.80
C28 IX6 Y . -0.33 40.06 3.21
N7 IX6 Y . 6.70 44.81 4.70
N38 IX6 Y . 10.26 45.26 5.32
O36 IX6 Y . 10.00 46.53 7.03
O33 IX6 Y . 8.17 45.52 3.26
C9 IX6 Y . 4.59 45.89 4.21
S12 IX6 Y . 4.18 46.92 2.90
O30 IX6 Y . 3.62 46.12 1.85
O31 IX6 Y . 5.33 47.64 2.44
C13 IX6 Y . 2.92 48.08 3.48
C14 IX6 Y . 2.13 47.58 4.70
C25 IX6 Y . 1.31 48.78 5.24
C10 IX6 Y . 4.13 46.11 5.47
N11 IX6 Y . 4.52 45.41 6.59
S SO4 Z . -14.52 52.95 26.75
O1 SO4 Z . -14.13 53.94 25.75
O2 SO4 Z . -13.33 52.44 27.42
O3 SO4 Z . -15.37 53.56 27.77
O4 SO4 Z . -15.21 51.82 26.15
S SO4 AA . 14.32 43.00 16.77
O1 SO4 AA . 15.04 43.68 15.69
O2 SO4 AA . 14.90 41.68 17.01
O3 SO4 AA . 14.36 43.75 18.01
O4 SO4 AA . 12.92 42.84 16.37
S SO4 BA . -15.53 24.31 6.66
O1 SO4 BA . -15.12 24.97 5.44
O2 SO4 BA . -14.53 23.36 7.12
O3 SO4 BA . -15.82 25.30 7.69
O4 SO4 BA . -16.76 23.53 6.36
S SO4 CA . -30.98 45.77 2.05
O1 SO4 CA . -30.21 46.13 0.86
O2 SO4 CA . -30.22 44.84 2.86
O3 SO4 CA . -31.27 46.98 2.81
O4 SO4 CA . -32.25 45.15 1.65
S SO4 DA . -20.78 58.50 6.73
O1 SO4 DA . -21.07 58.48 5.30
O2 SO4 DA . -19.73 57.53 7.03
O3 SO4 DA . -20.32 59.84 7.12
O4 SO4 DA . -21.98 58.16 7.48
S SO4 EA . -14.47 58.79 -12.09
O1 SO4 EA . -13.75 58.81 -10.81
O2 SO4 EA . -13.61 58.36 -13.17
O3 SO4 EA . -14.98 60.13 -12.38
O4 SO4 EA . -15.59 57.85 -11.97
#